data_2MPK
#
_entry.id   2MPK
#
_entity_poly.entity_id   1
_entity_poly.type   'polypeptide(L)'
_entity_poly.pdbx_seq_one_letter_code
;MGTIDDAFRAIERAIQAENEGRYREALKHFLDGGEMIVTAAEKEASQKVRNLLLHKGKEVLEWAEHLAEWILEH
;
_entity_poly.pdbx_strand_id   A
#
# COMPACT_ATOMS: atom_id res chain seq x y z
N MET A 1 10.79 -3.23 12.37
CA MET A 1 9.76 -4.06 12.97
C MET A 1 9.40 -5.23 12.05
N GLY A 2 9.07 -4.92 10.80
CA GLY A 2 8.72 -5.96 9.86
C GLY A 2 7.26 -6.33 9.93
N THR A 3 6.39 -5.40 9.54
CA THR A 3 4.95 -5.64 9.57
C THR A 3 4.22 -4.75 8.56
N ILE A 4 3.13 -5.25 8.03
CA ILE A 4 2.34 -4.50 7.05
C ILE A 4 2.01 -3.11 7.58
N ASP A 5 1.66 -3.02 8.85
CA ASP A 5 1.33 -1.75 9.48
C ASP A 5 2.44 -0.73 9.25
N ASP A 6 3.66 -1.21 9.14
CA ASP A 6 4.82 -0.35 8.93
C ASP A 6 4.71 0.37 7.58
N ALA A 7 4.20 -0.34 6.58
CA ALA A 7 4.04 0.23 5.25
C ALA A 7 3.11 1.43 5.26
N PHE A 8 2.01 1.30 6.01
CA PHE A 8 1.03 2.38 6.11
C PHE A 8 1.57 3.54 6.94
N ARG A 9 2.42 3.22 7.91
CA ARG A 9 3.01 4.23 8.78
C ARG A 9 4.13 4.97 8.07
N ALA A 10 4.82 4.26 7.18
CA ALA A 10 5.92 4.84 6.43
C ALA A 10 5.41 5.75 5.31
N ILE A 11 4.20 5.47 4.85
CA ILE A 11 3.59 6.26 3.78
C ILE A 11 3.64 7.75 4.11
N GLU A 12 3.63 8.07 5.40
CA GLU A 12 3.68 9.46 5.84
C GLU A 12 4.98 10.13 5.39
N ARG A 13 6.08 9.38 5.47
CA ARG A 13 7.38 9.91 5.07
C ARG A 13 7.44 10.15 3.56
N ALA A 14 6.67 9.36 2.82
CA ALA A 14 6.62 9.50 1.37
C ALA A 14 6.01 10.83 0.96
N ILE A 15 4.85 11.14 1.51
CA ILE A 15 4.15 12.39 1.19
C ILE A 15 4.83 13.58 1.87
N GLN A 16 5.34 13.35 3.09
CA GLN A 16 6.01 14.40 3.84
C GLN A 16 7.26 14.87 3.12
N ALA A 17 7.80 14.00 2.27
CA ALA A 17 9.01 14.33 1.51
C ALA A 17 8.79 15.55 0.61
N GLU A 18 7.78 15.46 -0.24
CA GLU A 18 7.45 16.56 -1.15
C GLU A 18 8.63 16.85 -2.08
N ASN A 19 9.09 15.82 -2.78
CA ASN A 19 10.21 15.97 -3.70
C ASN A 19 10.25 14.82 -4.70
N GLU A 20 11.18 14.89 -5.65
CA GLU A 20 11.32 13.86 -6.67
C GLU A 20 12.65 13.13 -6.52
N GLY A 21 12.59 11.89 -6.04
CA GLY A 21 13.80 11.11 -5.86
C GLY A 21 13.51 9.63 -5.69
N ARG A 22 14.24 8.99 -4.78
CA ARG A 22 14.06 7.56 -4.53
C ARG A 22 12.63 7.26 -4.11
N TYR A 23 11.92 8.29 -3.65
CA TYR A 23 10.54 8.13 -3.21
C TYR A 23 9.72 7.37 -4.24
N ARG A 24 10.12 7.49 -5.51
CA ARG A 24 9.42 6.81 -6.60
C ARG A 24 9.59 5.30 -6.49
N GLU A 25 10.81 4.86 -6.23
CA GLU A 25 11.10 3.43 -6.10
C GLU A 25 10.62 2.90 -4.75
N ALA A 26 10.48 3.80 -3.78
CA ALA A 26 10.03 3.43 -2.45
C ALA A 26 8.61 2.86 -2.48
N LEU A 27 7.78 3.42 -3.36
CA LEU A 27 6.40 2.97 -3.50
C LEU A 27 6.33 1.48 -3.82
N LYS A 28 7.29 1.02 -4.63
CA LYS A 28 7.35 -0.39 -5.02
C LYS A 28 7.28 -1.29 -3.79
N HIS A 29 7.90 -0.85 -2.70
CA HIS A 29 7.91 -1.62 -1.47
C HIS A 29 6.49 -1.80 -0.92
N PHE A 30 5.68 -0.75 -1.03
CA PHE A 30 4.31 -0.80 -0.56
C PHE A 30 3.46 -1.74 -1.40
N LEU A 31 3.66 -1.69 -2.71
CA LEU A 31 2.91 -2.54 -3.64
C LEU A 31 3.15 -4.01 -3.31
N ASP A 32 4.33 -4.32 -2.79
CA ASP A 32 4.68 -5.68 -2.44
C ASP A 32 3.78 -6.21 -1.32
N GLY A 33 3.47 -5.34 -0.36
CA GLY A 33 2.63 -5.72 0.75
C GLY A 33 1.21 -6.04 0.32
N GLY A 34 0.78 -5.45 -0.79
CA GLY A 34 -0.56 -5.68 -1.29
C GLY A 34 -0.84 -7.15 -1.52
N GLU A 35 0.21 -7.91 -1.85
CA GLU A 35 0.06 -9.34 -2.10
C GLU A 35 -0.17 -10.10 -0.80
N MET A 36 0.16 -9.46 0.32
CA MET A 36 -0.01 -10.08 1.63
C MET A 36 -1.49 -10.21 1.99
N ILE A 37 -2.28 -9.21 1.58
CA ILE A 37 -3.71 -9.22 1.86
C ILE A 37 -4.45 -10.10 0.87
N VAL A 38 -3.88 -10.29 -0.31
CA VAL A 38 -4.49 -11.12 -1.35
C VAL A 38 -4.33 -12.60 -1.01
N THR A 39 -3.11 -13.01 -0.70
CA THR A 39 -2.84 -14.40 -0.36
C THR A 39 -3.81 -14.92 0.69
N ALA A 40 -4.16 -14.05 1.64
CA ALA A 40 -5.08 -14.43 2.70
C ALA A 40 -6.48 -14.71 2.15
N ALA A 41 -6.88 -13.94 1.14
CA ALA A 41 -8.20 -14.11 0.52
C ALA A 41 -8.21 -15.34 -0.38
N GLU A 42 -7.13 -15.51 -1.14
CA GLU A 42 -7.02 -16.65 -2.06
C GLU A 42 -7.05 -17.97 -1.30
N LYS A 43 -6.21 -18.07 -0.28
CA LYS A 43 -6.14 -19.29 0.54
C LYS A 43 -7.49 -19.60 1.16
N GLU A 44 -8.32 -18.57 1.31
CA GLU A 44 -9.65 -18.74 1.89
C GLU A 44 -10.72 -18.69 0.82
N ALA A 45 -11.98 -18.62 1.25
CA ALA A 45 -13.11 -18.57 0.33
C ALA A 45 -14.41 -18.23 1.06
N SER A 46 -14.78 -19.09 2.00
CA SER A 46 -16.01 -18.89 2.77
C SER A 46 -15.77 -17.91 3.92
N GLN A 47 -15.31 -16.72 3.58
CA GLN A 47 -15.03 -15.69 4.59
C GLN A 47 -15.60 -14.35 4.16
N LYS A 48 -16.34 -13.71 5.06
CA LYS A 48 -16.95 -12.41 4.78
C LYS A 48 -15.87 -11.33 4.66
N VAL A 49 -14.83 -11.46 5.47
CA VAL A 49 -13.73 -10.50 5.45
C VAL A 49 -12.88 -10.65 4.21
N ARG A 50 -12.79 -11.88 3.70
CA ARG A 50 -12.00 -12.16 2.51
C ARG A 50 -12.36 -11.20 1.38
N ASN A 51 -13.63 -10.81 1.32
CA ASN A 51 -14.10 -9.90 0.29
C ASN A 51 -13.58 -8.48 0.53
N LEU A 52 -13.48 -8.11 1.81
CA LEU A 52 -12.99 -6.79 2.18
C LEU A 52 -11.48 -6.72 2.06
N LEU A 53 -10.81 -7.83 2.36
CA LEU A 53 -9.36 -7.88 2.29
C LEU A 53 -8.87 -7.58 0.88
N LEU A 54 -9.57 -8.11 -0.12
CA LEU A 54 -9.21 -7.90 -1.51
C LEU A 54 -9.61 -6.50 -1.97
N HIS A 55 -10.87 -6.15 -1.73
CA HIS A 55 -11.37 -4.84 -2.12
C HIS A 55 -10.52 -3.72 -1.51
N LYS A 56 -10.24 -3.85 -0.22
CA LYS A 56 -9.43 -2.86 0.49
C LYS A 56 -7.98 -2.91 0.03
N GLY A 57 -7.53 -4.10 -0.37
CA GLY A 57 -6.16 -4.26 -0.82
C GLY A 57 -5.91 -3.58 -2.15
N LYS A 58 -6.77 -3.86 -3.14
CA LYS A 58 -6.62 -3.28 -4.46
C LYS A 58 -6.82 -1.76 -4.41
N GLU A 59 -7.54 -1.30 -3.38
CA GLU A 59 -7.78 0.13 -3.22
C GLU A 59 -6.57 0.84 -2.63
N VAL A 60 -6.19 0.43 -1.43
CA VAL A 60 -5.04 1.02 -0.75
C VAL A 60 -3.81 1.03 -1.65
N LEU A 61 -3.72 0.05 -2.53
CA LEU A 61 -2.60 -0.05 -3.45
C LEU A 61 -2.62 1.10 -4.46
N GLU A 62 -3.81 1.43 -4.95
CA GLU A 62 -3.96 2.52 -5.92
C GLU A 62 -3.99 3.87 -5.21
N TRP A 63 -4.43 3.87 -3.96
CA TRP A 63 -4.51 5.10 -3.19
C TRP A 63 -3.14 5.53 -2.69
N ALA A 64 -2.40 4.58 -2.13
CA ALA A 64 -1.05 4.85 -1.63
C ALA A 64 -0.19 5.51 -2.70
N GLU A 65 -0.42 5.14 -3.95
CA GLU A 65 0.34 5.69 -5.07
C GLU A 65 -0.14 7.10 -5.40
N HIS A 66 -1.41 7.38 -5.12
CA HIS A 66 -1.99 8.68 -5.40
C HIS A 66 -1.33 9.76 -4.53
N LEU A 67 -1.32 9.54 -3.22
CA LEU A 67 -0.72 10.49 -2.29
C LEU A 67 0.80 10.50 -2.42
N ALA A 68 1.37 9.34 -2.70
CA ALA A 68 2.82 9.22 -2.87
C ALA A 68 3.31 10.05 -4.04
N GLU A 69 2.48 10.14 -5.09
CA GLU A 69 2.84 10.91 -6.28
C GLU A 69 2.57 12.39 -6.06
N TRP A 70 1.69 12.70 -5.12
CA TRP A 70 1.34 14.08 -4.82
C TRP A 70 2.59 14.95 -4.75
N ILE A 71 3.67 14.39 -4.21
CA ILE A 71 4.93 15.12 -4.09
C ILE A 71 5.32 15.76 -5.41
N LEU A 72 5.19 15.01 -6.49
CA LEU A 72 5.53 15.51 -7.82
C LEU A 72 4.50 16.51 -8.31
N GLU A 73 3.22 16.21 -8.06
CA GLU A 73 2.13 17.09 -8.46
C GLU A 73 2.32 18.50 -7.89
N HIS A 74 2.94 18.57 -6.71
CA HIS A 74 3.17 19.85 -6.06
C HIS A 74 3.87 20.82 -7.00
N MET A 1 7.55 -5.82 13.18
CA MET A 1 7.64 -5.82 11.73
C MET A 1 6.99 -7.08 11.14
N GLY A 2 5.84 -6.88 10.50
CA GLY A 2 5.13 -8.01 9.91
C GLY A 2 3.62 -7.81 9.90
N THR A 3 3.19 -6.62 9.52
CA THR A 3 1.77 -6.30 9.47
C THR A 3 1.49 -5.18 8.48
N ILE A 4 0.30 -5.19 7.89
CA ILE A 4 -0.09 -4.17 6.93
C ILE A 4 0.13 -2.76 7.50
N ASP A 5 -0.11 -2.61 8.79
CA ASP A 5 0.07 -1.33 9.46
C ASP A 5 1.47 -0.79 9.23
N ASP A 6 2.44 -1.69 9.08
CA ASP A 6 3.82 -1.30 8.86
C ASP A 6 3.97 -0.55 7.53
N ALA A 7 3.03 -0.78 6.62
CA ALA A 7 3.05 -0.13 5.32
C ALA A 7 2.56 1.31 5.42
N PHE A 8 1.36 1.50 5.95
CA PHE A 8 0.77 2.82 6.10
C PHE A 8 1.75 3.76 6.80
N ARG A 9 2.33 3.29 7.91
CA ARG A 9 3.26 4.09 8.68
C ARG A 9 4.48 4.47 7.84
N ALA A 10 4.88 3.56 6.96
CA ALA A 10 6.03 3.79 6.08
C ALA A 10 5.69 4.83 5.02
N ILE A 11 4.42 4.89 4.64
CA ILE A 11 3.98 5.83 3.61
C ILE A 11 4.20 7.27 4.06
N GLU A 12 4.14 7.49 5.37
CA GLU A 12 4.34 8.83 5.92
C GLU A 12 5.71 9.36 5.58
N ARG A 13 6.71 8.48 5.59
CA ARG A 13 8.08 8.86 5.27
C ARG A 13 8.26 9.07 3.78
N ALA A 14 7.46 8.35 2.98
CA ALA A 14 7.54 8.45 1.53
C ALA A 14 7.15 9.86 1.07
N ILE A 15 6.00 10.34 1.54
CA ILE A 15 5.53 11.67 1.17
C ILE A 15 6.48 12.75 1.66
N GLN A 16 7.04 12.55 2.84
CA GLN A 16 7.97 13.51 3.42
C GLN A 16 9.23 13.63 2.57
N ALA A 17 9.52 12.58 1.80
CA ALA A 17 10.69 12.57 0.94
C ALA A 17 10.76 13.82 0.08
N GLU A 18 9.69 14.07 -0.68
CA GLU A 18 9.63 15.24 -1.55
C GLU A 18 10.76 15.21 -2.57
N ASN A 19 10.48 14.68 -3.76
CA ASN A 19 11.47 14.60 -4.82
C ASN A 19 10.88 13.97 -6.07
N GLU A 20 11.74 13.64 -7.03
CA GLU A 20 11.30 13.03 -8.28
C GLU A 20 12.00 11.70 -8.52
N GLY A 21 12.07 10.88 -7.47
CA GLY A 21 12.73 9.60 -7.59
C GLY A 21 12.80 8.86 -6.26
N ARG A 22 12.88 9.63 -5.17
CA ARG A 22 12.97 9.05 -3.84
C ARG A 22 11.59 8.58 -3.36
N TYR A 23 10.55 9.26 -3.82
CA TYR A 23 9.18 8.93 -3.44
C TYR A 23 8.72 7.64 -4.12
N ARG A 24 9.24 7.41 -5.32
CA ARG A 24 8.89 6.21 -6.08
C ARG A 24 9.48 4.96 -5.41
N GLU A 25 10.75 5.03 -5.05
CA GLU A 25 11.42 3.91 -4.41
C GLU A 25 10.78 3.57 -3.06
N ALA A 26 10.18 4.58 -2.44
CA ALA A 26 9.53 4.41 -1.14
C ALA A 26 8.22 3.64 -1.30
N LEU A 27 7.51 3.89 -2.40
CA LEU A 27 6.24 3.22 -2.66
C LEU A 27 6.44 1.71 -2.80
N LYS A 28 7.61 1.32 -3.31
CA LYS A 28 7.93 -0.09 -3.50
C LYS A 28 7.70 -0.88 -2.21
N HIS A 29 8.12 -0.31 -1.09
CA HIS A 29 7.98 -0.95 0.21
C HIS A 29 6.50 -1.18 0.52
N PHE A 30 5.64 -0.34 -0.02
CA PHE A 30 4.20 -0.46 0.19
C PHE A 30 3.60 -1.56 -0.68
N LEU A 31 4.06 -1.63 -1.91
CA LEU A 31 3.57 -2.64 -2.85
C LEU A 31 3.83 -4.05 -2.32
N ASP A 32 4.90 -4.19 -1.55
CA ASP A 32 5.25 -5.49 -0.97
C ASP A 32 4.26 -5.88 0.13
N GLY A 33 3.71 -4.88 0.80
CA GLY A 33 2.76 -5.13 1.87
C GLY A 33 1.38 -5.48 1.35
N GLY A 34 0.97 -4.79 0.28
CA GLY A 34 -0.35 -5.04 -0.29
C GLY A 34 -0.56 -6.49 -0.67
N GLU A 35 0.54 -7.17 -1.01
CA GLU A 35 0.47 -8.58 -1.40
C GLU A 35 0.28 -9.47 -0.17
N MET A 36 0.56 -8.92 1.00
CA MET A 36 0.44 -9.66 2.25
C MET A 36 -1.03 -9.90 2.59
N ILE A 37 -1.90 -9.00 2.14
CA ILE A 37 -3.33 -9.11 2.39
C ILE A 37 -3.98 -10.09 1.43
N VAL A 38 -3.36 -10.27 0.27
CA VAL A 38 -3.87 -11.18 -0.75
C VAL A 38 -3.77 -12.63 -0.28
N THR A 39 -2.65 -12.97 0.36
CA THR A 39 -2.43 -14.31 0.85
C THR A 39 -3.61 -14.80 1.68
N ALA A 40 -4.31 -13.87 2.33
CA ALA A 40 -5.46 -14.21 3.14
C ALA A 40 -6.68 -14.53 2.28
N ALA A 41 -6.83 -13.80 1.18
CA ALA A 41 -7.94 -14.00 0.26
C ALA A 41 -7.73 -15.27 -0.56
N GLU A 42 -6.53 -15.42 -1.12
CA GLU A 42 -6.21 -16.58 -1.94
C GLU A 42 -6.49 -17.88 -1.18
N LYS A 43 -5.88 -18.00 0.00
CA LYS A 43 -6.06 -19.18 0.83
C LYS A 43 -7.53 -19.41 1.15
N GLU A 44 -8.31 -18.33 1.14
CA GLU A 44 -9.74 -18.41 1.43
C GLU A 44 -10.56 -18.39 0.15
N ALA A 45 -11.87 -18.39 0.30
CA ALA A 45 -12.78 -18.37 -0.85
C ALA A 45 -14.20 -18.05 -0.42
N SER A 46 -14.77 -18.90 0.42
CA SER A 46 -16.13 -18.70 0.90
C SER A 46 -16.15 -17.92 2.21
N GLN A 47 -15.53 -16.75 2.19
CA GLN A 47 -15.47 -15.89 3.38
C GLN A 47 -15.92 -14.48 3.06
N LYS A 48 -16.55 -13.83 4.03
CA LYS A 48 -17.04 -12.46 3.86
C LYS A 48 -15.89 -11.47 3.91
N VAL A 49 -14.89 -11.76 4.74
CA VAL A 49 -13.73 -10.88 4.89
C VAL A 49 -12.77 -11.06 3.72
N ARG A 50 -12.71 -12.28 3.19
CA ARG A 50 -11.83 -12.58 2.07
C ARG A 50 -12.03 -11.58 0.93
N ASN A 51 -13.28 -11.16 0.74
CA ASN A 51 -13.61 -10.21 -0.32
C ASN A 51 -13.16 -8.80 0.06
N LEU A 52 -13.16 -8.52 1.36
CA LEU A 52 -12.75 -7.21 1.85
C LEU A 52 -11.23 -7.07 1.85
N LEU A 53 -10.54 -8.16 2.16
CA LEU A 53 -9.09 -8.16 2.19
C LEU A 53 -8.51 -7.71 0.85
N LEU A 54 -9.13 -8.15 -0.24
CA LEU A 54 -8.68 -7.79 -1.57
C LEU A 54 -9.09 -6.35 -1.91
N HIS A 55 -10.35 -6.03 -1.63
CA HIS A 55 -10.87 -4.70 -1.90
C HIS A 55 -10.01 -3.63 -1.23
N LYS A 56 -9.74 -3.81 0.06
CA LYS A 56 -8.93 -2.86 0.81
C LYS A 56 -7.45 -3.01 0.45
N GLY A 57 -7.09 -4.18 -0.08
CA GLY A 57 -5.71 -4.43 -0.46
C GLY A 57 -5.28 -3.62 -1.67
N LYS A 58 -6.06 -3.74 -2.75
CA LYS A 58 -5.76 -3.02 -3.99
C LYS A 58 -6.12 -1.54 -3.86
N GLU A 59 -6.96 -1.23 -2.88
CA GLU A 59 -7.38 0.14 -2.65
C GLU A 59 -6.26 0.97 -2.04
N VAL A 60 -5.81 0.56 -0.86
CA VAL A 60 -4.73 1.26 -0.17
C VAL A 60 -3.51 1.43 -1.07
N LEU A 61 -3.32 0.48 -1.98
CA LEU A 61 -2.20 0.53 -2.92
C LEU A 61 -2.39 1.63 -3.95
N GLU A 62 -3.59 1.70 -4.53
CA GLU A 62 -3.90 2.70 -5.52
C GLU A 62 -3.99 4.09 -4.89
N TRP A 63 -4.44 4.14 -3.64
CA TRP A 63 -4.58 5.40 -2.92
C TRP A 63 -3.21 5.91 -2.47
N ALA A 64 -2.33 4.99 -2.09
CA ALA A 64 -1.00 5.35 -1.63
C ALA A 64 -0.25 6.15 -2.69
N GLU A 65 -0.53 5.84 -3.96
CA GLU A 65 0.13 6.53 -5.07
C GLU A 65 -0.46 7.92 -5.25
N HIS A 66 -1.68 8.12 -4.78
CA HIS A 66 -2.35 9.41 -4.90
C HIS A 66 -1.61 10.48 -4.10
N LEU A 67 -1.35 10.20 -2.83
CA LEU A 67 -0.65 11.14 -1.97
C LEU A 67 0.83 11.25 -2.36
N ALA A 68 1.40 10.12 -2.76
CA ALA A 68 2.81 10.10 -3.18
C ALA A 68 3.03 10.97 -4.41
N GLU A 69 1.98 11.14 -5.21
CA GLU A 69 2.07 11.95 -6.42
C GLU A 69 1.95 13.43 -6.09
N TRP A 70 1.33 13.72 -4.95
CA TRP A 70 1.14 15.11 -4.52
C TRP A 70 2.44 15.90 -4.64
N ILE A 71 3.52 15.35 -4.08
CA ILE A 71 4.82 16.02 -4.12
C ILE A 71 5.16 16.45 -5.55
N LEU A 72 4.74 15.65 -6.52
CA LEU A 72 4.99 15.95 -7.92
C LEU A 72 4.16 17.15 -8.38
N GLU A 73 2.87 17.10 -8.12
CA GLU A 73 1.96 18.18 -8.51
C GLU A 73 2.43 19.51 -7.93
N HIS A 74 3.07 19.45 -6.76
CA HIS A 74 3.56 20.65 -6.09
C HIS A 74 5.03 20.52 -5.76
N MET A 1 7.78 -4.20 13.88
CA MET A 1 8.22 -3.83 12.54
C MET A 1 7.84 -4.90 11.51
N GLY A 2 6.55 -5.20 11.43
CA GLY A 2 6.08 -6.20 10.50
C GLY A 2 4.56 -6.29 10.45
N THR A 3 3.93 -5.24 9.95
CA THR A 3 2.47 -5.20 9.85
C THR A 3 2.02 -4.23 8.77
N ILE A 4 0.89 -4.53 8.14
CA ILE A 4 0.34 -3.67 7.10
C ILE A 4 0.24 -2.23 7.56
N ASP A 5 -0.22 -2.05 8.79
CA ASP A 5 -0.37 -0.71 9.36
C ASP A 5 0.94 0.07 9.26
N ASP A 6 2.06 -0.64 9.30
CA ASP A 6 3.38 -0.01 9.21
C ASP A 6 3.55 0.68 7.86
N ALA A 7 2.97 0.09 6.82
CA ALA A 7 3.07 0.64 5.47
C ALA A 7 2.36 2.00 5.39
N PHE A 8 1.16 2.07 5.94
CA PHE A 8 0.38 3.31 5.93
C PHE A 8 1.06 4.37 6.79
N ARG A 9 1.72 3.94 7.85
CA ARG A 9 2.40 4.85 8.76
C ARG A 9 3.73 5.32 8.17
N ALA A 10 4.38 4.44 7.43
CA ALA A 10 5.66 4.76 6.80
C ALA A 10 5.46 5.66 5.59
N ILE A 11 4.28 5.57 4.96
CA ILE A 11 3.97 6.38 3.79
C ILE A 11 4.27 7.85 4.04
N GLU A 12 4.18 8.26 5.30
CA GLU A 12 4.44 9.64 5.67
C GLU A 12 5.82 10.09 5.20
N ARG A 13 6.75 9.14 5.13
CA ARG A 13 8.11 9.42 4.70
C ARG A 13 8.16 9.61 3.18
N ALA A 14 7.36 8.83 2.47
CA ALA A 14 7.32 8.91 1.01
C ALA A 14 6.89 10.30 0.55
N ILE A 15 5.79 10.79 1.10
CA ILE A 15 5.28 12.10 0.74
C ILE A 15 6.24 13.20 1.18
N GLN A 16 6.91 12.98 2.31
CA GLN A 16 7.86 13.96 2.84
C GLN A 16 8.98 14.23 1.83
N ALA A 17 9.23 13.26 0.96
CA ALA A 17 10.26 13.39 -0.06
C ALA A 17 10.11 14.69 -0.84
N GLU A 18 8.89 14.96 -1.30
CA GLU A 18 8.60 16.16 -2.05
C GLU A 18 9.41 16.20 -3.34
N ASN A 19 9.19 15.21 -4.21
CA ASN A 19 9.90 15.13 -5.48
C ASN A 19 11.40 14.94 -5.25
N GLU A 20 11.86 13.70 -5.39
CA GLU A 20 13.27 13.39 -5.20
C GLU A 20 13.73 12.32 -6.19
N GLY A 21 13.16 11.13 -6.07
CA GLY A 21 13.53 10.04 -6.95
C GLY A 21 13.32 8.67 -6.32
N ARG A 22 13.51 8.60 -5.01
CA ARG A 22 13.35 7.34 -4.28
C ARG A 22 11.88 7.09 -3.97
N TYR A 23 11.08 8.14 -4.01
CA TYR A 23 9.66 8.03 -3.72
C TYR A 23 9.03 6.88 -4.50
N ARG A 24 9.59 6.60 -5.68
CA ARG A 24 9.09 5.53 -6.53
C ARG A 24 9.40 4.17 -5.91
N GLU A 25 10.63 4.00 -5.44
CA GLU A 25 11.06 2.75 -4.83
C GLU A 25 10.49 2.61 -3.42
N ALA A 26 10.13 3.74 -2.82
CA ALA A 26 9.57 3.74 -1.47
C ALA A 26 8.19 3.10 -1.45
N LEU A 27 7.43 3.32 -2.50
CA LEU A 27 6.08 2.77 -2.61
C LEU A 27 6.13 1.25 -2.77
N LYS A 28 7.20 0.76 -3.37
CA LYS A 28 7.38 -0.68 -3.58
C LYS A 28 7.17 -1.45 -2.28
N HIS A 29 7.54 -0.82 -1.17
CA HIS A 29 7.40 -1.44 0.14
C HIS A 29 5.93 -1.57 0.53
N PHE A 30 5.14 -0.55 0.18
CA PHE A 30 3.72 -0.54 0.50
C PHE A 30 2.93 -1.42 -0.48
N LEU A 31 3.40 -1.46 -1.73
CA LEU A 31 2.75 -2.26 -2.77
C LEU A 31 2.66 -3.72 -2.34
N ASP A 32 3.66 -4.19 -1.61
CA ASP A 32 3.68 -5.56 -1.13
C ASP A 32 2.65 -5.79 -0.04
N GLY A 33 2.18 -4.70 0.56
CA GLY A 33 1.19 -4.81 1.62
C GLY A 33 -0.12 -5.35 1.12
N GLY A 34 -0.51 -4.98 -0.10
CA GLY A 34 -1.75 -5.45 -0.67
C GLY A 34 -1.63 -6.84 -1.26
N GLU A 35 -0.45 -7.16 -1.77
CA GLU A 35 -0.20 -8.47 -2.37
C GLU A 35 0.04 -9.53 -1.30
N MET A 36 0.34 -9.07 -0.09
CA MET A 36 0.61 -9.98 1.03
C MET A 36 -0.70 -10.54 1.58
N ILE A 37 -1.75 -9.71 1.58
CA ILE A 37 -3.05 -10.12 2.08
C ILE A 37 -3.79 -10.96 1.05
N VAL A 38 -3.48 -10.74 -0.23
CA VAL A 38 -4.12 -11.47 -1.31
C VAL A 38 -3.93 -12.98 -1.15
N THR A 39 -2.70 -13.38 -0.84
CA THR A 39 -2.38 -14.80 -0.66
C THR A 39 -3.36 -15.45 0.32
N ALA A 40 -3.85 -14.67 1.27
CA ALA A 40 -4.79 -15.17 2.26
C ALA A 40 -6.18 -15.34 1.66
N ALA A 41 -6.57 -14.40 0.81
CA ALA A 41 -7.88 -14.45 0.16
C ALA A 41 -7.91 -15.51 -0.93
N GLU A 42 -6.98 -15.42 -1.88
CA GLU A 42 -6.92 -16.37 -2.98
C GLU A 42 -6.89 -17.80 -2.46
N LYS A 43 -6.07 -18.04 -1.46
CA LYS A 43 -5.94 -19.37 -0.86
C LYS A 43 -7.21 -19.75 -0.11
N GLU A 44 -7.97 -18.74 0.32
CA GLU A 44 -9.21 -18.96 1.04
C GLU A 44 -10.40 -18.95 0.10
N ALA A 45 -11.59 -19.12 0.67
CA ALA A 45 -12.83 -19.12 -0.13
C ALA A 45 -14.05 -18.90 0.76
N SER A 46 -14.18 -19.72 1.79
CA SER A 46 -15.31 -19.61 2.72
C SER A 46 -15.03 -18.58 3.80
N GLN A 47 -14.71 -17.36 3.36
CA GLN A 47 -14.43 -16.27 4.29
C GLN A 47 -15.18 -15.00 3.89
N LYS A 48 -15.84 -14.38 4.85
CA LYS A 48 -16.59 -13.15 4.60
C LYS A 48 -15.67 -11.95 4.52
N VAL A 49 -14.55 -12.02 5.24
CA VAL A 49 -13.57 -10.93 5.25
C VAL A 49 -12.73 -10.94 3.97
N ARG A 50 -12.50 -12.13 3.44
CA ARG A 50 -11.70 -12.29 2.22
C ARG A 50 -12.08 -11.24 1.19
N ASN A 51 -13.38 -11.05 0.99
CA ASN A 51 -13.88 -10.08 0.03
C ASN A 51 -13.26 -8.71 0.28
N LEU A 52 -13.29 -8.27 1.53
CA LEU A 52 -12.73 -6.98 1.90
C LEU A 52 -11.21 -7.01 1.89
N LEU A 53 -10.65 -8.19 2.17
CA LEU A 53 -9.21 -8.37 2.20
C LEU A 53 -8.59 -8.02 0.85
N LEU A 54 -9.24 -8.45 -0.23
CA LEU A 54 -8.76 -8.19 -1.58
C LEU A 54 -9.06 -6.75 -1.99
N HIS A 55 -10.32 -6.34 -1.82
CA HIS A 55 -10.74 -4.99 -2.18
C HIS A 55 -9.89 -3.96 -1.44
N LYS A 56 -9.50 -4.27 -0.22
CA LYS A 56 -8.68 -3.37 0.59
C LYS A 56 -7.26 -3.30 0.05
N GLY A 57 -6.80 -4.40 -0.53
CA GLY A 57 -5.46 -4.44 -1.08
C GLY A 57 -5.31 -3.58 -2.33
N LYS A 58 -6.28 -3.68 -3.23
CA LYS A 58 -6.26 -2.92 -4.47
C LYS A 58 -6.58 -1.45 -4.21
N GLU A 59 -7.22 -1.18 -3.07
CA GLU A 59 -7.58 0.18 -2.70
C GLU A 59 -6.37 0.93 -2.13
N VAL A 60 -5.84 0.41 -1.04
CA VAL A 60 -4.68 1.02 -0.39
C VAL A 60 -3.57 1.29 -1.39
N LEU A 61 -3.49 0.45 -2.41
CA LEU A 61 -2.46 0.60 -3.44
C LEU A 61 -2.76 1.82 -4.32
N GLU A 62 -4.00 1.94 -4.76
CA GLU A 62 -4.41 3.06 -5.61
C GLU A 62 -4.43 4.36 -4.81
N TRP A 63 -4.76 4.26 -3.53
CA TRP A 63 -4.82 5.43 -2.67
C TRP A 63 -3.42 5.89 -2.27
N ALA A 64 -2.59 4.96 -1.83
CA ALA A 64 -1.23 5.26 -1.44
C ALA A 64 -0.47 5.97 -2.56
N GLU A 65 -0.83 5.64 -3.80
CA GLU A 65 -0.19 6.24 -4.97
C GLU A 65 -0.68 7.67 -5.18
N HIS A 66 -1.87 7.96 -4.67
CA HIS A 66 -2.47 9.29 -4.81
C HIS A 66 -1.67 10.32 -4.03
N LEU A 67 -1.43 10.05 -2.76
CA LEU A 67 -0.68 10.96 -1.90
C LEU A 67 0.80 10.98 -2.30
N ALA A 68 1.29 9.85 -2.76
CA ALA A 68 2.68 9.74 -3.18
C ALA A 68 2.97 10.64 -4.38
N GLU A 69 1.98 10.79 -5.25
CA GLU A 69 2.13 11.64 -6.43
C GLU A 69 1.93 13.11 -6.09
N TRP A 70 1.24 13.36 -4.99
CA TRP A 70 0.97 14.72 -4.54
C TRP A 70 2.23 15.59 -4.64
N ILE A 71 3.37 14.98 -4.36
CA ILE A 71 4.65 15.69 -4.42
C ILE A 71 4.80 16.42 -5.75
N LEU A 72 4.46 15.74 -6.83
CA LEU A 72 4.56 16.32 -8.17
C LEU A 72 3.46 17.36 -8.40
N GLU A 73 2.25 17.04 -7.93
CA GLU A 73 1.12 17.94 -8.09
C GLU A 73 1.45 19.33 -7.52
N HIS A 74 2.27 19.35 -6.48
CA HIS A 74 2.67 20.61 -5.84
C HIS A 74 1.44 21.42 -5.44
N MET A 1 8.95 -4.85 14.93
CA MET A 1 7.55 -4.64 14.62
C MET A 1 7.28 -4.86 13.13
N GLY A 2 6.41 -5.83 12.84
CA GLY A 2 6.09 -6.13 11.46
C GLY A 2 4.59 -6.16 11.21
N THR A 3 4.00 -4.99 11.00
CA THR A 3 2.56 -4.89 10.76
C THR A 3 2.27 -3.96 9.59
N ILE A 4 1.21 -4.26 8.85
CA ILE A 4 0.81 -3.46 7.71
C ILE A 4 0.71 -1.98 8.08
N ASP A 5 0.23 -1.72 9.29
CA ASP A 5 0.08 -0.35 9.77
C ASP A 5 1.39 0.41 9.67
N ASP A 6 2.50 -0.32 9.78
CA ASP A 6 3.82 0.29 9.70
C ASP A 6 4.05 0.91 8.34
N ALA A 7 3.55 0.25 7.29
CA ALA A 7 3.71 0.74 5.94
C ALA A 7 3.02 2.10 5.76
N PHE A 8 1.80 2.20 6.26
CA PHE A 8 1.05 3.44 6.16
C PHE A 8 1.71 4.55 6.97
N ARG A 9 2.35 4.18 8.06
CA ARG A 9 3.03 5.14 8.92
C ARG A 9 4.36 5.58 8.30
N ALA A 10 4.99 4.68 7.56
CA ALA A 10 6.26 4.98 6.92
C ALA A 10 6.06 5.86 5.69
N ILE A 11 4.87 5.77 5.09
CA ILE A 11 4.55 6.56 3.91
C ILE A 11 4.87 8.03 4.12
N GLU A 12 4.79 8.47 5.37
CA GLU A 12 5.07 9.86 5.72
C GLU A 12 6.41 10.30 5.16
N ARG A 13 7.38 9.39 5.18
CA ARG A 13 8.72 9.68 4.68
C ARG A 13 8.74 9.69 3.16
N ALA A 14 7.97 8.79 2.56
CA ALA A 14 7.89 8.70 1.10
C ALA A 14 7.51 10.03 0.48
N ILE A 15 6.44 10.63 1.00
CA ILE A 15 5.96 11.91 0.49
C ILE A 15 6.95 13.02 0.82
N GLN A 16 7.60 12.92 1.97
CA GLN A 16 8.58 13.92 2.39
C GLN A 16 9.71 14.02 1.39
N ALA A 17 9.92 12.96 0.62
CA ALA A 17 10.99 12.93 -0.39
C ALA A 17 10.91 14.15 -1.29
N GLU A 18 9.77 14.33 -1.94
CA GLU A 18 9.58 15.47 -2.84
C GLU A 18 10.75 15.61 -3.80
N ASN A 19 11.26 14.46 -4.25
CA ASN A 19 12.39 14.45 -5.19
C ASN A 19 11.90 14.49 -6.62
N GLU A 20 11.39 13.36 -7.10
CA GLU A 20 10.89 13.26 -8.46
C GLU A 20 10.36 11.85 -8.75
N GLY A 21 11.17 10.85 -8.43
CA GLY A 21 10.77 9.48 -8.65
C GLY A 21 11.09 8.57 -7.48
N ARG A 22 11.57 9.17 -6.39
CA ARG A 22 11.91 8.41 -5.19
C ARG A 22 10.70 7.66 -4.66
N TYR A 23 9.56 8.33 -4.63
CA TYR A 23 8.33 7.73 -4.14
C TYR A 23 8.06 6.39 -4.83
N ARG A 24 8.52 6.27 -6.06
CA ARG A 24 8.34 5.05 -6.83
C ARG A 24 8.99 3.86 -6.13
N GLU A 25 10.25 4.02 -5.73
CA GLU A 25 10.99 2.98 -5.04
C GLU A 25 10.52 2.83 -3.60
N ALA A 26 9.94 3.91 -3.06
CA ALA A 26 9.46 3.92 -1.69
C ALA A 26 8.16 3.14 -1.57
N LEU A 27 7.26 3.34 -2.53
CA LEU A 27 5.97 2.65 -2.53
C LEU A 27 6.15 1.15 -2.66
N LYS A 28 7.24 0.74 -3.32
CA LYS A 28 7.53 -0.67 -3.50
C LYS A 28 7.48 -1.42 -2.17
N HIS A 29 7.82 -0.73 -1.09
CA HIS A 29 7.81 -1.33 0.24
C HIS A 29 6.38 -1.54 0.72
N PHE A 30 5.50 -0.60 0.40
CA PHE A 30 4.10 -0.71 0.80
C PHE A 30 3.34 -1.65 -0.11
N LEU A 31 3.73 -1.70 -1.38
CA LEU A 31 3.08 -2.56 -2.35
C LEU A 31 3.11 -4.02 -1.89
N ASP A 32 4.18 -4.40 -1.21
CA ASP A 32 4.32 -5.77 -0.71
C ASP A 32 3.37 -6.01 0.46
N GLY A 33 2.90 -4.93 1.07
CA GLY A 33 1.99 -5.05 2.19
C GLY A 33 0.64 -5.61 1.80
N GLY A 34 0.11 -5.14 0.67
CA GLY A 34 -1.18 -5.61 0.20
C GLY A 34 -1.14 -7.06 -0.24
N GLU A 35 -0.06 -7.46 -0.89
CA GLU A 35 0.10 -8.83 -1.36
C GLU A 35 0.10 -9.81 -0.19
N MET A 36 0.33 -9.29 1.01
CA MET A 36 0.36 -10.12 2.22
C MET A 36 -1.03 -10.69 2.50
N ILE A 37 -2.03 -9.84 2.47
CA ILE A 37 -3.40 -10.27 2.73
C ILE A 37 -4.02 -10.91 1.50
N VAL A 38 -3.53 -10.52 0.33
CA VAL A 38 -4.03 -11.06 -0.93
C VAL A 38 -3.81 -12.57 -1.01
N THR A 39 -2.61 -13.00 -0.64
CA THR A 39 -2.26 -14.41 -0.68
C THR A 39 -3.30 -15.25 0.06
N ALA A 40 -3.92 -14.66 1.08
CA ALA A 40 -4.94 -15.34 1.85
C ALA A 40 -6.25 -15.45 1.09
N ALA A 41 -6.63 -14.35 0.45
CA ALA A 41 -7.88 -14.31 -0.33
C ALA A 41 -7.78 -15.21 -1.55
N GLU A 42 -6.70 -15.07 -2.31
CA GLU A 42 -6.49 -15.87 -3.50
C GLU A 42 -6.59 -17.36 -3.19
N LYS A 43 -5.83 -17.80 -2.20
CA LYS A 43 -5.83 -19.20 -1.80
C LYS A 43 -7.18 -19.60 -1.22
N GLU A 44 -7.94 -18.61 -0.77
CA GLU A 44 -9.25 -18.86 -0.19
C GLU A 44 -10.32 -18.90 -1.28
N ALA A 45 -11.57 -19.11 -0.86
CA ALA A 45 -12.68 -19.17 -1.80
C ALA A 45 -14.02 -19.06 -1.07
N SER A 46 -14.24 -19.93 -0.10
CA SER A 46 -15.48 -19.93 0.67
C SER A 46 -15.34 -19.04 1.90
N GLN A 47 -14.83 -17.82 1.70
CA GLN A 47 -14.65 -16.88 2.79
C GLN A 47 -15.40 -15.58 2.52
N LYS A 48 -16.19 -15.13 3.49
CA LYS A 48 -16.96 -13.90 3.34
C LYS A 48 -16.07 -12.68 3.54
N VAL A 49 -15.02 -12.84 4.34
CA VAL A 49 -14.09 -11.75 4.60
C VAL A 49 -13.14 -11.54 3.44
N ARG A 50 -12.81 -12.63 2.74
CA ARG A 50 -11.91 -12.56 1.60
C ARG A 50 -12.24 -11.37 0.71
N ASN A 51 -13.53 -11.18 0.43
CA ASN A 51 -13.97 -10.07 -0.40
C ASN A 51 -13.44 -8.75 0.13
N LEU A 52 -13.62 -8.52 1.43
CA LEU A 52 -13.16 -7.28 2.05
C LEU A 52 -11.64 -7.26 2.16
N LEU A 53 -11.05 -8.44 2.30
CA LEU A 53 -9.59 -8.56 2.41
C LEU A 53 -8.90 -7.97 1.20
N LEU A 54 -9.40 -8.31 0.02
CA LEU A 54 -8.83 -7.81 -1.23
C LEU A 54 -9.25 -6.36 -1.48
N HIS A 55 -10.52 -6.08 -1.24
CA HIS A 55 -11.05 -4.73 -1.43
C HIS A 55 -10.23 -3.71 -0.64
N LYS A 56 -9.93 -4.05 0.60
CA LYS A 56 -9.16 -3.16 1.46
C LYS A 56 -7.70 -3.07 0.99
N GLY A 57 -7.21 -4.16 0.42
CA GLY A 57 -5.84 -4.18 -0.07
C GLY A 57 -5.64 -3.32 -1.29
N LYS A 58 -6.47 -3.52 -2.31
CA LYS A 58 -6.39 -2.75 -3.54
C LYS A 58 -6.61 -1.27 -3.27
N GLU A 59 -7.25 -0.96 -2.14
CA GLU A 59 -7.51 0.42 -1.78
C GLU A 59 -6.27 1.08 -1.19
N VAL A 60 -5.77 0.52 -0.10
CA VAL A 60 -4.58 1.06 0.56
C VAL A 60 -3.45 1.26 -0.44
N LEU A 61 -3.42 0.41 -1.47
CA LEU A 61 -2.38 0.49 -2.49
C LEU A 61 -2.62 1.69 -3.42
N GLU A 62 -3.88 1.87 -3.82
CA GLU A 62 -4.24 2.98 -4.70
C GLU A 62 -4.18 4.31 -3.95
N TRP A 63 -4.39 4.26 -2.65
CA TRP A 63 -4.37 5.46 -1.82
C TRP A 63 -2.93 5.93 -1.59
N ALA A 64 -2.06 5.00 -1.21
CA ALA A 64 -0.67 5.31 -0.95
C ALA A 64 -0.03 5.99 -2.16
N GLU A 65 -0.50 5.63 -3.35
CA GLU A 65 0.03 6.21 -4.58
C GLU A 65 -0.51 7.62 -4.80
N HIS A 66 -1.64 7.92 -4.17
CA HIS A 66 -2.25 9.24 -4.29
C HIS A 66 -1.39 10.30 -3.60
N LEU A 67 -1.09 10.08 -2.33
CA LEU A 67 -0.28 11.02 -1.56
C LEU A 67 1.17 11.00 -2.04
N ALA A 68 1.63 9.83 -2.46
CA ALA A 68 3.00 9.67 -2.95
C ALA A 68 3.24 10.52 -4.19
N GLU A 69 2.20 10.65 -5.02
CA GLU A 69 2.30 11.41 -6.26
C GLU A 69 2.12 12.91 -5.97
N TRP A 70 1.49 13.22 -4.84
CA TRP A 70 1.25 14.61 -4.46
C TRP A 70 2.52 15.45 -4.66
N ILE A 71 3.67 14.85 -4.37
CA ILE A 71 4.94 15.55 -4.53
C ILE A 71 5.06 16.19 -5.90
N LEU A 72 4.67 15.45 -6.94
CA LEU A 72 4.73 15.96 -8.30
C LEU A 72 3.64 16.99 -8.54
N GLU A 73 2.45 16.74 -7.99
CA GLU A 73 1.33 17.65 -8.15
C GLU A 73 1.70 19.06 -7.69
N HIS A 74 2.62 19.14 -6.73
CA HIS A 74 3.06 20.42 -6.21
C HIS A 74 1.89 21.20 -5.61
N MET A 1 8.50 -6.71 12.75
CA MET A 1 8.01 -6.05 11.54
C MET A 1 7.32 -7.06 10.63
N GLY A 2 6.62 -6.55 9.62
CA GLY A 2 5.92 -7.41 8.68
C GLY A 2 4.41 -7.34 8.83
N THR A 3 3.89 -6.12 8.93
CA THR A 3 2.46 -5.92 9.08
C THR A 3 1.95 -4.85 8.12
N ILE A 4 0.72 -5.02 7.65
CA ILE A 4 0.11 -4.07 6.72
C ILE A 4 0.21 -2.65 7.26
N ASP A 5 -0.05 -2.51 8.56
CA ASP A 5 0.00 -1.20 9.21
C ASP A 5 1.33 -0.51 8.94
N ASP A 6 2.39 -1.30 8.75
CA ASP A 6 3.71 -0.76 8.48
C ASP A 6 3.72 0.01 7.15
N ALA A 7 2.91 -0.45 6.21
CA ALA A 7 2.84 0.19 4.90
C ALA A 7 2.23 1.58 5.01
N PHE A 8 1.10 1.68 5.71
CA PHE A 8 0.43 2.96 5.89
C PHE A 8 1.26 3.91 6.73
N ARG A 9 2.02 3.34 7.66
CA ARG A 9 2.87 4.14 8.55
C ARG A 9 4.15 4.58 7.83
N ALA A 10 4.63 3.73 6.92
CA ALA A 10 5.84 4.03 6.16
C ALA A 10 5.55 5.06 5.06
N ILE A 11 4.30 5.09 4.60
CA ILE A 11 3.90 6.03 3.56
C ILE A 11 4.34 7.45 3.89
N GLU A 12 4.44 7.74 5.18
CA GLU A 12 4.85 9.07 5.64
C GLU A 12 6.18 9.47 5.02
N ARG A 13 7.13 8.54 5.02
CA ARG A 13 8.46 8.79 4.46
C ARG A 13 8.37 9.06 2.96
N ALA A 14 7.36 8.47 2.32
CA ALA A 14 7.16 8.64 0.88
C ALA A 14 6.76 10.07 0.55
N ILE A 15 5.76 10.57 1.27
CA ILE A 15 5.27 11.93 1.05
C ILE A 15 6.24 12.96 1.63
N GLN A 16 6.87 12.60 2.74
CA GLN A 16 7.83 13.50 3.39
C GLN A 16 8.97 13.86 2.44
N ALA A 17 9.23 12.99 1.47
CA ALA A 17 10.29 13.21 0.50
C ALA A 17 10.15 14.59 -0.15
N GLU A 18 8.92 15.06 -0.26
CA GLU A 18 8.65 16.36 -0.87
C GLU A 18 9.31 16.47 -2.23
N ASN A 19 9.10 15.45 -3.07
CA ASN A 19 9.68 15.42 -4.40
C ASN A 19 11.20 15.41 -4.35
N GLU A 20 11.79 14.25 -4.60
CA GLU A 20 13.24 14.10 -4.57
C GLU A 20 13.68 12.91 -5.43
N GLY A 21 12.94 11.82 -5.33
CA GLY A 21 13.28 10.63 -6.10
C GLY A 21 13.04 9.35 -5.33
N ARG A 22 12.98 9.47 -4.00
CA ARG A 22 12.76 8.31 -3.15
C ARG A 22 11.29 7.93 -3.11
N TYR A 23 10.42 8.90 -3.36
CA TYR A 23 8.99 8.67 -3.36
C TYR A 23 8.62 7.51 -4.28
N ARG A 24 9.42 7.32 -5.32
CA ARG A 24 9.19 6.25 -6.28
C ARG A 24 9.45 4.88 -5.65
N GLU A 25 10.58 4.77 -4.95
CA GLU A 25 10.95 3.52 -4.31
C GLU A 25 10.12 3.29 -3.04
N ALA A 26 9.64 4.38 -2.44
CA ALA A 26 8.83 4.30 -1.24
C ALA A 26 7.53 3.56 -1.50
N LEU A 27 6.95 3.78 -2.67
CA LEU A 27 5.70 3.13 -3.05
C LEU A 27 5.92 1.65 -3.34
N LYS A 28 7.12 1.31 -3.79
CA LYS A 28 7.46 -0.07 -4.10
C LYS A 28 7.14 -0.99 -2.92
N HIS A 29 7.44 -0.51 -1.71
CA HIS A 29 7.19 -1.29 -0.51
C HIS A 29 5.70 -1.41 -0.24
N PHE A 30 4.93 -0.43 -0.71
CA PHE A 30 3.49 -0.44 -0.53
C PHE A 30 2.83 -1.56 -1.34
N LEU A 31 3.23 -1.69 -2.60
CA LEU A 31 2.70 -2.72 -3.46
C LEU A 31 3.04 -4.11 -2.94
N ASP A 32 4.25 -4.26 -2.41
CA ASP A 32 4.70 -5.53 -1.87
C ASP A 32 3.98 -5.86 -0.57
N GLY A 33 3.63 -4.82 0.19
CA GLY A 33 2.94 -5.01 1.44
C GLY A 33 1.46 -5.28 1.27
N GLY A 34 0.89 -4.78 0.17
CA GLY A 34 -0.52 -4.99 -0.10
C GLY A 34 -0.81 -6.40 -0.57
N GLU A 35 -0.03 -6.89 -1.52
CA GLU A 35 -0.22 -8.23 -2.06
C GLU A 35 -0.08 -9.27 -0.96
N MET A 36 0.53 -8.88 0.15
CA MET A 36 0.73 -9.79 1.27
C MET A 36 -0.61 -10.20 1.88
N ILE A 37 -1.60 -9.33 1.78
CA ILE A 37 -2.92 -9.59 2.31
C ILE A 37 -3.72 -10.51 1.38
N VAL A 38 -3.36 -10.48 0.10
CA VAL A 38 -4.05 -11.30 -0.90
C VAL A 38 -3.88 -12.79 -0.59
N THR A 39 -2.67 -13.18 -0.22
CA THR A 39 -2.38 -14.58 0.10
C THR A 39 -3.37 -15.12 1.12
N ALA A 40 -3.87 -14.24 1.98
CA ALA A 40 -4.83 -14.62 3.00
C ALA A 40 -6.21 -14.87 2.41
N ALA A 41 -6.57 -14.05 1.41
CA ALA A 41 -7.86 -14.18 0.75
C ALA A 41 -7.88 -15.38 -0.19
N GLU A 42 -6.83 -15.55 -0.97
CA GLU A 42 -6.73 -16.66 -1.91
C GLU A 42 -6.83 -17.99 -1.18
N LYS A 43 -5.97 -18.19 -0.20
CA LYS A 43 -5.96 -19.43 0.59
C LYS A 43 -7.29 -19.62 1.31
N GLU A 44 -7.99 -18.52 1.53
CA GLU A 44 -9.28 -18.57 2.21
C GLU A 44 -10.42 -18.72 1.22
N ALA A 45 -11.65 -18.75 1.73
CA ALA A 45 -12.83 -18.88 0.88
C ALA A 45 -14.11 -18.63 1.67
N SER A 46 -14.19 -19.23 2.86
CA SER A 46 -15.37 -19.07 3.71
C SER A 46 -15.18 -17.90 4.67
N GLN A 47 -14.71 -16.77 4.14
CA GLN A 47 -14.50 -15.58 4.95
C GLN A 47 -15.25 -14.38 4.37
N LYS A 48 -15.95 -13.66 5.23
CA LYS A 48 -16.71 -12.49 4.81
C LYS A 48 -15.79 -11.29 4.59
N VAL A 49 -14.70 -11.25 5.34
CA VAL A 49 -13.73 -10.16 5.23
C VAL A 49 -12.85 -10.32 4.01
N ARG A 50 -12.59 -11.57 3.65
CA ARG A 50 -11.75 -11.87 2.48
C ARG A 50 -12.12 -10.98 1.30
N ASN A 51 -13.42 -10.85 1.05
CA ASN A 51 -13.90 -10.02 -0.05
C ASN A 51 -13.31 -8.61 0.03
N LEU A 52 -13.38 -8.00 1.21
CA LEU A 52 -12.85 -6.67 1.42
C LEU A 52 -11.33 -6.68 1.46
N LEU A 53 -10.76 -7.79 1.91
CA LEU A 53 -9.32 -7.94 2.00
C LEU A 53 -8.66 -7.74 0.64
N LEU A 54 -9.27 -8.31 -0.39
CA LEU A 54 -8.76 -8.20 -1.75
C LEU A 54 -9.05 -6.82 -2.34
N HIS A 55 -10.30 -6.36 -2.18
CA HIS A 55 -10.70 -5.05 -2.69
C HIS A 55 -9.82 -3.94 -2.10
N LYS A 56 -9.68 -3.96 -0.78
CA LYS A 56 -8.86 -2.95 -0.10
C LYS A 56 -7.39 -3.11 -0.47
N GLY A 57 -7.01 -4.30 -0.92
CA GLY A 57 -5.63 -4.55 -1.30
C GLY A 57 -5.21 -3.74 -2.51
N LYS A 58 -5.98 -3.82 -3.58
CA LYS A 58 -5.68 -3.09 -4.81
C LYS A 58 -6.04 -1.62 -4.65
N GLU A 59 -6.88 -1.31 -3.68
CA GLU A 59 -7.30 0.06 -3.44
C GLU A 59 -6.19 0.86 -2.75
N VAL A 60 -5.80 0.40 -1.57
CA VAL A 60 -4.74 1.06 -0.81
C VAL A 60 -3.51 1.30 -1.66
N LEU A 61 -3.28 0.40 -2.62
CA LEU A 61 -2.13 0.50 -3.51
C LEU A 61 -2.26 1.71 -4.43
N GLU A 62 -3.38 1.80 -5.14
CA GLU A 62 -3.63 2.90 -6.05
C GLU A 62 -3.81 4.21 -5.29
N TRP A 63 -4.37 4.12 -4.08
CA TRP A 63 -4.59 5.28 -3.25
C TRP A 63 -3.28 5.87 -2.76
N ALA A 64 -2.39 5.01 -2.28
CA ALA A 64 -1.09 5.45 -1.79
C ALA A 64 -0.33 6.23 -2.85
N GLU A 65 -0.58 5.90 -4.12
CA GLU A 65 0.08 6.58 -5.22
C GLU A 65 -0.52 7.96 -5.45
N HIS A 66 -1.76 8.14 -5.00
CA HIS A 66 -2.45 9.42 -5.15
C HIS A 66 -1.75 10.52 -4.37
N LEU A 67 -1.53 10.27 -3.08
CA LEU A 67 -0.87 11.24 -2.21
C LEU A 67 0.61 11.36 -2.56
N ALA A 68 1.22 10.23 -2.92
CA ALA A 68 2.63 10.22 -3.30
C ALA A 68 2.88 11.05 -4.54
N GLU A 69 1.86 11.18 -5.37
CA GLU A 69 1.98 11.96 -6.61
C GLU A 69 1.83 13.45 -6.33
N TRP A 70 1.18 13.78 -5.22
CA TRP A 70 0.97 15.17 -4.84
C TRP A 70 2.27 15.97 -4.94
N ILE A 71 3.32 15.45 -4.31
CA ILE A 71 4.62 16.11 -4.35
C ILE A 71 5.02 16.47 -5.76
N LEU A 72 4.67 15.60 -6.71
CA LEU A 72 4.99 15.84 -8.12
C LEU A 72 4.22 17.02 -8.67
N GLU A 73 2.91 17.04 -8.44
CA GLU A 73 2.06 18.12 -8.92
C GLU A 73 2.53 19.47 -8.34
N HIS A 74 3.10 19.42 -7.15
CA HIS A 74 3.58 20.63 -6.49
C HIS A 74 2.48 21.70 -6.43
N MET A 1 6.44 -6.68 13.98
CA MET A 1 6.59 -6.11 12.64
C MET A 1 6.02 -7.06 11.59
N GLY A 2 4.70 -7.06 11.45
CA GLY A 2 4.06 -7.92 10.48
C GLY A 2 2.55 -7.76 10.47
N THR A 3 2.08 -6.57 10.11
CA THR A 3 0.65 -6.30 10.07
C THR A 3 0.34 -5.19 9.05
N ILE A 4 -0.85 -5.27 8.46
CA ILE A 4 -1.28 -4.28 7.48
C ILE A 4 -1.11 -2.86 8.02
N ASP A 5 -1.43 -2.68 9.29
CA ASP A 5 -1.31 -1.38 9.92
C ASP A 5 0.09 -0.79 9.73
N ASP A 6 1.08 -1.67 9.62
CA ASP A 6 2.46 -1.26 9.42
C ASP A 6 2.63 -0.55 8.09
N ALA A 7 1.86 -0.97 7.09
CA ALA A 7 1.92 -0.37 5.77
C ALA A 7 1.47 1.08 5.80
N PHE A 8 0.34 1.33 6.46
CA PHE A 8 -0.20 2.68 6.56
C PHE A 8 0.75 3.60 7.32
N ARG A 9 1.48 3.02 8.26
CA ARG A 9 2.44 3.79 9.06
C ARG A 9 3.73 4.04 8.27
N ALA A 10 4.09 3.09 7.43
CA ALA A 10 5.30 3.21 6.61
C ALA A 10 5.07 4.17 5.45
N ILE A 11 3.82 4.30 5.02
CA ILE A 11 3.49 5.17 3.91
C ILE A 11 4.07 6.57 4.12
N GLU A 12 4.24 6.96 5.38
CA GLU A 12 4.78 8.26 5.71
C GLU A 12 6.14 8.47 5.06
N ARG A 13 6.88 7.37 4.87
CA ARG A 13 8.19 7.43 4.24
C ARG A 13 8.08 7.84 2.78
N ALA A 14 7.01 7.41 2.12
CA ALA A 14 6.79 7.74 0.72
C ALA A 14 6.66 9.25 0.52
N ILE A 15 5.78 9.85 1.30
CA ILE A 15 5.55 11.29 1.21
C ILE A 15 6.71 12.07 1.83
N GLN A 16 7.32 11.50 2.86
CA GLN A 16 8.44 12.15 3.53
C GLN A 16 9.63 12.28 2.59
N ALA A 17 9.66 11.45 1.56
CA ALA A 17 10.75 11.49 0.58
C ALA A 17 11.01 12.91 0.10
N GLU A 18 9.98 13.56 -0.41
CA GLU A 18 10.10 14.92 -0.91
C GLU A 18 11.22 15.03 -1.93
N ASN A 19 10.99 14.48 -3.12
CA ASN A 19 11.99 14.51 -4.18
C ASN A 19 11.33 14.33 -5.54
N GLU A 20 12.16 14.11 -6.57
CA GLU A 20 11.66 13.92 -7.92
C GLU A 20 12.28 12.68 -8.57
N GLY A 21 11.96 11.52 -8.05
CA GLY A 21 12.50 10.27 -8.59
C GLY A 21 12.57 9.18 -7.54
N ARG A 22 12.77 9.57 -6.30
CA ARG A 22 12.86 8.59 -5.20
C ARG A 22 11.48 8.15 -4.75
N TYR A 23 10.49 9.01 -4.98
CA TYR A 23 9.11 8.70 -4.60
C TYR A 23 8.68 7.33 -5.12
N ARG A 24 9.27 6.94 -6.25
CA ARG A 24 8.94 5.66 -6.86
C ARG A 24 9.58 4.51 -6.07
N GLU A 25 10.77 4.74 -5.56
CA GLU A 25 11.48 3.72 -4.79
C GLU A 25 10.91 3.60 -3.38
N ALA A 26 10.30 4.69 -2.91
CA ALA A 26 9.71 4.72 -1.58
C ALA A 26 8.38 3.96 -1.56
N LEU A 27 7.51 4.29 -2.50
CA LEU A 27 6.20 3.64 -2.59
C LEU A 27 6.35 2.13 -2.72
N LYS A 28 7.46 1.70 -3.30
CA LYS A 28 7.73 0.27 -3.49
C LYS A 28 7.55 -0.49 -2.17
N HIS A 29 7.83 0.19 -1.06
CA HIS A 29 7.70 -0.43 0.25
C HIS A 29 6.24 -0.73 0.56
N PHE A 30 5.35 0.20 0.22
CA PHE A 30 3.93 0.02 0.46
C PHE A 30 3.35 -1.09 -0.41
N LEU A 31 3.78 -1.11 -1.68
CA LEU A 31 3.31 -2.13 -2.61
C LEU A 31 3.61 -3.53 -2.10
N ASP A 32 4.67 -3.66 -1.33
CA ASP A 32 5.07 -4.96 -0.77
C ASP A 32 4.09 -5.38 0.33
N GLY A 33 3.53 -4.41 1.03
CA GLY A 33 2.59 -4.70 2.09
C GLY A 33 1.24 -5.12 1.57
N GLY A 34 0.77 -4.44 0.52
CA GLY A 34 -0.53 -4.76 -0.06
C GLY A 34 -0.62 -6.22 -0.47
N GLU A 35 0.51 -6.80 -0.85
CA GLU A 35 0.54 -8.20 -1.28
C GLU A 35 0.36 -9.13 -0.09
N MET A 36 0.55 -8.62 1.11
CA MET A 36 0.41 -9.41 2.33
C MET A 36 -1.05 -9.78 2.56
N ILE A 37 -1.95 -8.82 2.34
CA ILE A 37 -3.37 -9.04 2.52
C ILE A 37 -3.97 -9.77 1.33
N VAL A 38 -3.34 -9.63 0.17
CA VAL A 38 -3.81 -10.28 -1.05
C VAL A 38 -3.51 -11.77 -1.03
N THR A 39 -2.24 -12.10 -0.80
CA THR A 39 -1.81 -13.50 -0.75
C THR A 39 -2.69 -14.31 0.19
N ALA A 40 -3.22 -13.65 1.22
CA ALA A 40 -4.08 -14.31 2.19
C ALA A 40 -5.46 -14.59 1.60
N ALA A 41 -5.94 -13.67 0.77
CA ALA A 41 -7.25 -13.81 0.15
C ALA A 41 -7.20 -14.85 -0.98
N GLU A 42 -6.16 -14.77 -1.80
CA GLU A 42 -6.01 -15.70 -2.93
C GLU A 42 -5.94 -17.14 -2.42
N LYS A 43 -5.00 -17.41 -1.53
CA LYS A 43 -4.83 -18.74 -0.97
C LYS A 43 -6.10 -19.20 -0.26
N GLU A 44 -6.89 -18.24 0.20
CA GLU A 44 -8.14 -18.55 0.90
C GLU A 44 -9.31 -18.60 -0.07
N ALA A 45 -10.51 -18.83 0.46
CA ALA A 45 -11.71 -18.90 -0.37
C ALA A 45 -12.96 -18.92 0.49
N SER A 46 -12.93 -19.68 1.58
CA SER A 46 -14.07 -19.78 2.48
C SER A 46 -13.95 -18.77 3.62
N GLN A 47 -13.78 -17.51 3.26
CA GLN A 47 -13.66 -16.44 4.25
C GLN A 47 -14.52 -15.24 3.89
N LYS A 48 -15.23 -14.70 4.88
CA LYS A 48 -16.09 -13.55 4.66
C LYS A 48 -15.28 -12.26 4.60
N VAL A 49 -14.17 -12.23 5.33
CA VAL A 49 -13.30 -11.06 5.36
C VAL A 49 -12.44 -10.98 4.09
N ARG A 50 -12.08 -12.14 3.56
CA ARG A 50 -11.26 -12.20 2.36
C ARG A 50 -11.74 -11.19 1.32
N ASN A 51 -13.06 -11.11 1.14
CA ASN A 51 -13.64 -10.19 0.18
C ASN A 51 -13.17 -8.75 0.44
N LEU A 52 -13.28 -8.33 1.69
CA LEU A 52 -12.87 -6.99 2.08
C LEU A 52 -11.35 -6.86 2.08
N LEU A 53 -10.67 -7.97 2.36
CA LEU A 53 -9.21 -7.98 2.39
C LEU A 53 -8.64 -7.52 1.05
N LEU A 54 -9.25 -7.97 -0.04
CA LEU A 54 -8.79 -7.61 -1.38
C LEU A 54 -9.23 -6.18 -1.73
N HIS A 55 -10.51 -5.90 -1.55
CA HIS A 55 -11.05 -4.58 -1.85
C HIS A 55 -10.29 -3.50 -1.08
N LYS A 56 -9.93 -3.80 0.16
CA LYS A 56 -9.18 -2.85 0.99
C LYS A 56 -7.74 -2.74 0.53
N GLY A 57 -7.19 -3.85 0.03
CA GLY A 57 -5.82 -3.84 -0.44
C GLY A 57 -5.64 -3.04 -1.72
N LYS A 58 -6.51 -3.29 -2.70
CA LYS A 58 -6.45 -2.59 -3.97
C LYS A 58 -6.76 -1.11 -3.79
N GLU A 59 -7.48 -0.79 -2.72
CA GLU A 59 -7.85 0.60 -2.44
C GLU A 59 -6.68 1.35 -1.82
N VAL A 60 -6.21 0.88 -0.67
CA VAL A 60 -5.10 1.52 0.02
C VAL A 60 -3.92 1.73 -0.91
N LEU A 61 -3.77 0.83 -1.89
CA LEU A 61 -2.69 0.90 -2.85
C LEU A 61 -2.86 2.09 -3.78
N GLU A 62 -4.04 2.18 -4.40
CA GLU A 62 -4.34 3.27 -5.31
C GLU A 62 -4.43 4.60 -4.58
N TRP A 63 -4.87 4.54 -3.32
CA TRP A 63 -5.00 5.74 -2.50
C TRP A 63 -3.63 6.27 -2.08
N ALA A 64 -2.79 5.40 -1.54
CA ALA A 64 -1.45 5.78 -1.11
C ALA A 64 -0.67 6.42 -2.26
N GLU A 65 -0.96 5.99 -3.48
CA GLU A 65 -0.29 6.52 -4.66
C GLU A 65 -0.82 7.90 -5.01
N HIS A 66 -2.03 8.20 -4.56
CA HIS A 66 -2.66 9.48 -4.83
C HIS A 66 -1.80 10.63 -4.31
N LEU A 67 -1.48 10.58 -3.02
CA LEU A 67 -0.67 11.62 -2.39
C LEU A 67 0.78 11.55 -2.88
N ALA A 68 1.29 10.33 -3.01
CA ALA A 68 2.66 10.12 -3.47
C ALA A 68 2.84 10.63 -4.90
N GLU A 69 1.75 10.65 -5.66
CA GLU A 69 1.79 11.12 -7.04
C GLU A 69 1.77 12.65 -7.09
N TRP A 70 1.26 13.26 -6.04
CA TRP A 70 1.18 14.72 -5.97
C TRP A 70 2.50 15.35 -6.40
N ILE A 71 3.59 14.91 -5.81
CA ILE A 71 4.91 15.44 -6.13
C ILE A 71 5.15 15.41 -7.64
N LEU A 72 4.69 14.36 -8.29
CA LEU A 72 4.85 14.21 -9.74
C LEU A 72 3.98 15.22 -10.48
N GLU A 73 2.70 15.28 -10.12
CA GLU A 73 1.76 16.20 -10.75
C GLU A 73 2.25 17.64 -10.61
N HIS A 74 2.97 17.92 -9.53
CA HIS A 74 3.49 19.26 -9.29
C HIS A 74 4.80 19.48 -10.02
N MET A 1 7.72 -7.36 12.58
CA MET A 1 7.62 -6.38 11.51
C MET A 1 6.99 -6.99 10.27
N GLY A 2 5.92 -7.77 10.48
CA GLY A 2 5.24 -8.41 9.37
C GLY A 2 3.75 -8.17 9.40
N THR A 3 3.35 -6.91 9.46
CA THR A 3 1.94 -6.54 9.49
C THR A 3 1.64 -5.41 8.51
N ILE A 4 0.43 -5.44 7.94
CA ILE A 4 0.02 -4.42 6.99
C ILE A 4 0.24 -3.02 7.56
N ASP A 5 -0.02 -2.86 8.85
CA ASP A 5 0.15 -1.57 9.50
C ASP A 5 1.56 -1.02 9.26
N ASP A 6 2.52 -1.92 9.09
CA ASP A 6 3.90 -1.53 8.85
C ASP A 6 4.02 -0.72 7.55
N ALA A 7 3.17 -1.04 6.59
CA ALA A 7 3.18 -0.36 5.30
C ALA A 7 2.68 1.08 5.45
N PHE A 8 1.50 1.23 6.04
CA PHE A 8 0.92 2.55 6.23
C PHE A 8 1.91 3.50 6.92
N ARG A 9 2.75 2.93 7.78
CA ARG A 9 3.74 3.71 8.51
C ARG A 9 4.76 4.31 7.55
N ALA A 10 5.27 3.49 6.64
CA ALA A 10 6.26 3.94 5.67
C ALA A 10 5.68 5.03 4.78
N ILE A 11 4.40 4.92 4.45
CA ILE A 11 3.74 5.91 3.61
C ILE A 11 3.95 7.32 4.14
N GLU A 12 3.83 7.48 5.44
CA GLU A 12 4.02 8.78 6.08
C GLU A 12 5.38 9.37 5.70
N ARG A 13 6.40 8.53 5.67
CA ARG A 13 7.74 8.97 5.32
C ARG A 13 7.87 9.23 3.82
N ALA A 14 7.07 8.51 3.03
CA ALA A 14 7.10 8.65 1.58
C ALA A 14 6.67 10.06 1.17
N ILE A 15 5.53 10.50 1.69
CA ILE A 15 5.00 11.83 1.38
C ILE A 15 5.94 12.92 1.90
N GLN A 16 6.53 12.68 3.07
CA GLN A 16 7.43 13.64 3.68
C GLN A 16 8.66 13.86 2.80
N ALA A 17 8.96 12.88 1.96
CA ALA A 17 10.11 12.96 1.07
C ALA A 17 10.10 14.27 0.27
N GLU A 18 8.98 14.55 -0.37
CA GLU A 18 8.84 15.76 -1.16
C GLU A 18 9.92 15.85 -2.22
N ASN A 19 9.99 14.83 -3.07
CA ASN A 19 10.98 14.79 -4.14
C ASN A 19 10.37 14.32 -5.45
N GLU A 20 11.18 14.29 -6.51
CA GLU A 20 10.70 13.85 -7.82
C GLU A 20 11.63 12.80 -8.40
N GLY A 21 11.89 11.75 -7.63
CA GLY A 21 12.77 10.69 -8.10
C GLY A 21 12.78 9.50 -7.16
N ARG A 22 13.05 9.75 -5.89
CA ARG A 22 13.10 8.69 -4.89
C ARG A 22 11.69 8.33 -4.41
N TYR A 23 10.77 9.27 -4.59
CA TYR A 23 9.39 9.07 -4.16
C TYR A 23 8.83 7.77 -4.75
N ARG A 24 9.31 7.41 -5.93
CA ARG A 24 8.85 6.19 -6.60
C ARG A 24 9.44 4.96 -5.93
N GLU A 25 10.62 5.11 -5.36
CA GLU A 25 11.30 4.00 -4.68
C GLU A 25 10.65 3.72 -3.32
N ALA A 26 10.20 4.78 -2.67
CA ALA A 26 9.56 4.65 -1.36
C ALA A 26 8.27 3.83 -1.45
N LEU A 27 7.49 4.10 -2.49
CA LEU A 27 6.23 3.39 -2.69
C LEU A 27 6.46 1.89 -2.81
N LYS A 28 7.64 1.52 -3.32
CA LYS A 28 7.99 0.11 -3.48
C LYS A 28 7.77 -0.66 -2.19
N HIS A 29 8.06 -0.01 -1.06
CA HIS A 29 7.90 -0.64 0.25
C HIS A 29 6.44 -0.97 0.51
N PHE A 30 5.54 -0.13 0.00
CA PHE A 30 4.11 -0.35 0.18
C PHE A 30 3.60 -1.44 -0.75
N LEU A 31 4.12 -1.46 -1.97
CA LEU A 31 3.72 -2.46 -2.96
C LEU A 31 3.96 -3.87 -2.44
N ASP A 32 4.97 -4.02 -1.59
CA ASP A 32 5.31 -5.31 -1.02
C ASP A 32 4.27 -5.74 0.01
N GLY A 33 3.60 -4.77 0.61
CA GLY A 33 2.59 -5.06 1.60
C GLY A 33 1.27 -5.48 0.97
N GLY A 34 0.96 -4.90 -0.18
CA GLY A 34 -0.28 -5.23 -0.86
C GLY A 34 -0.41 -6.70 -1.14
N GLU A 35 0.71 -7.38 -1.32
CA GLU A 35 0.72 -8.82 -1.59
C GLU A 35 0.51 -9.62 -0.30
N MET A 36 0.72 -8.96 0.83
CA MET A 36 0.56 -9.61 2.13
C MET A 36 -0.92 -9.82 2.46
N ILE A 37 -1.76 -8.93 1.94
CA ILE A 37 -3.20 -9.02 2.17
C ILE A 37 -3.84 -10.05 1.26
N VAL A 38 -3.20 -10.32 0.12
CA VAL A 38 -3.71 -11.29 -0.83
C VAL A 38 -3.64 -12.71 -0.27
N THR A 39 -2.52 -13.01 0.39
CA THR A 39 -2.31 -14.33 0.97
C THR A 39 -3.50 -14.74 1.84
N ALA A 40 -4.18 -13.76 2.41
CA ALA A 40 -5.33 -14.02 3.26
C ALA A 40 -6.56 -14.39 2.42
N ALA A 41 -6.71 -13.74 1.27
CA ALA A 41 -7.82 -14.00 0.38
C ALA A 41 -7.63 -15.32 -0.36
N GLU A 42 -6.45 -15.50 -0.95
CA GLU A 42 -6.15 -16.71 -1.69
C GLU A 42 -6.40 -17.95 -0.83
N LYS A 43 -5.77 -17.99 0.34
CA LYS A 43 -5.93 -19.11 1.25
C LYS A 43 -7.39 -19.33 1.61
N GLU A 44 -8.19 -18.26 1.51
CA GLU A 44 -9.61 -18.35 1.83
C GLU A 44 -10.44 -18.44 0.55
N ALA A 45 -11.76 -18.42 0.70
CA ALA A 45 -12.66 -18.49 -0.44
C ALA A 45 -14.06 -18.02 -0.06
N SER A 46 -14.78 -18.84 0.71
CA SER A 46 -16.13 -18.51 1.13
C SER A 46 -16.11 -17.66 2.39
N GLN A 47 -15.37 -16.55 2.35
CA GLN A 47 -15.26 -15.65 3.49
C GLN A 47 -15.70 -14.25 3.12
N LYS A 48 -16.41 -13.59 4.04
CA LYS A 48 -16.90 -12.24 3.81
C LYS A 48 -15.74 -11.24 3.81
N VAL A 49 -14.76 -11.48 4.66
CA VAL A 49 -13.60 -10.61 4.76
C VAL A 49 -12.66 -10.81 3.57
N ARG A 50 -12.61 -12.03 3.06
CA ARG A 50 -11.75 -12.36 1.93
C ARG A 50 -11.97 -11.39 0.78
N ASN A 51 -13.22 -10.96 0.61
CA ASN A 51 -13.58 -10.03 -0.45
C ASN A 51 -13.09 -8.62 -0.12
N LEU A 52 -13.08 -8.29 1.17
CA LEU A 52 -12.65 -6.97 1.62
C LEU A 52 -11.12 -6.86 1.59
N LEU A 53 -10.45 -7.97 1.88
CA LEU A 53 -8.99 -8.00 1.89
C LEU A 53 -8.43 -7.62 0.52
N LEU A 54 -9.01 -8.20 -0.52
CA LEU A 54 -8.56 -7.92 -1.89
C LEU A 54 -8.96 -6.51 -2.31
N HIS A 55 -10.23 -6.17 -2.11
CA HIS A 55 -10.73 -4.85 -2.47
C HIS A 55 -9.88 -3.75 -1.83
N LYS A 56 -9.66 -3.87 -0.52
CA LYS A 56 -8.87 -2.89 0.21
C LYS A 56 -7.38 -3.06 -0.07
N GLY A 57 -7.02 -4.25 -0.54
CA GLY A 57 -5.62 -4.53 -0.85
C GLY A 57 -5.15 -3.81 -2.10
N LYS A 58 -5.88 -4.00 -3.20
CA LYS A 58 -5.53 -3.36 -4.46
C LYS A 58 -5.92 -1.88 -4.45
N GLU A 59 -6.82 -1.52 -3.54
CA GLU A 59 -7.26 -0.14 -3.42
C GLU A 59 -6.21 0.72 -2.75
N VAL A 60 -5.88 0.38 -1.50
CA VAL A 60 -4.88 1.12 -0.74
C VAL A 60 -3.59 1.30 -1.55
N LEU A 61 -3.30 0.34 -2.40
CA LEU A 61 -2.11 0.40 -3.24
C LEU A 61 -2.20 1.52 -4.26
N GLU A 62 -3.28 1.53 -5.03
CA GLU A 62 -3.48 2.56 -6.04
C GLU A 62 -3.73 3.91 -5.39
N TRP A 63 -4.36 3.90 -4.22
CA TRP A 63 -4.65 5.14 -3.50
C TRP A 63 -3.39 5.70 -2.85
N ALA A 64 -2.49 4.81 -2.44
CA ALA A 64 -1.25 5.22 -1.80
C ALA A 64 -0.35 5.97 -2.78
N GLU A 65 -0.48 5.65 -4.06
CA GLU A 65 0.31 6.29 -5.10
C GLU A 65 -0.20 7.70 -5.39
N HIS A 66 -1.47 7.94 -5.06
CA HIS A 66 -2.08 9.24 -5.28
C HIS A 66 -1.46 10.30 -4.38
N LEU A 67 -1.38 10.00 -3.09
CA LEU A 67 -0.80 10.92 -2.13
C LEU A 67 0.71 11.04 -2.33
N ALA A 68 1.33 9.96 -2.76
CA ALA A 68 2.77 9.94 -2.99
C ALA A 68 3.15 10.88 -4.12
N GLU A 69 2.28 11.01 -5.12
CA GLU A 69 2.54 11.88 -6.25
C GLU A 69 2.19 13.33 -5.91
N TRP A 70 1.35 13.51 -4.90
CA TRP A 70 0.95 14.84 -4.47
C TRP A 70 2.15 15.78 -4.39
N ILE A 71 3.29 15.24 -3.97
CA ILE A 71 4.51 16.03 -3.85
C ILE A 71 4.79 16.80 -5.12
N LEU A 72 4.64 16.13 -6.27
CA LEU A 72 4.88 16.75 -7.56
C LEU A 72 3.75 17.73 -7.91
N GLU A 73 2.52 17.33 -7.62
CA GLU A 73 1.36 18.17 -7.90
C GLU A 73 1.54 19.56 -7.30
N HIS A 74 2.26 19.62 -6.18
CA HIS A 74 2.50 20.89 -5.50
C HIS A 74 1.18 21.60 -5.19
N MET A 1 9.04 -4.64 7.72
CA MET A 1 9.22 -6.02 8.14
C MET A 1 8.71 -6.23 9.57
N GLY A 2 7.59 -5.61 9.89
CA GLY A 2 7.02 -5.73 11.22
C GLY A 2 5.51 -5.87 11.20
N THR A 3 4.83 -4.83 10.73
CA THR A 3 3.38 -4.84 10.66
C THR A 3 2.88 -3.94 9.53
N ILE A 4 1.75 -4.32 8.93
CA ILE A 4 1.17 -3.56 7.84
C ILE A 4 1.01 -2.09 8.22
N ASP A 5 0.53 -1.85 9.44
CA ASP A 5 0.33 -0.49 9.94
C ASP A 5 1.60 0.34 9.77
N ASP A 6 2.74 -0.33 9.84
CA ASP A 6 4.03 0.35 9.70
C ASP A 6 4.16 0.98 8.32
N ALA A 7 3.65 0.31 7.30
CA ALA A 7 3.70 0.80 5.93
C ALA A 7 2.94 2.12 5.80
N PHE A 8 1.73 2.16 6.36
CA PHE A 8 0.90 3.35 6.30
C PHE A 8 1.53 4.50 7.08
N ARG A 9 2.24 4.15 8.15
CA ARG A 9 2.90 5.15 8.99
C ARG A 9 4.18 5.65 8.33
N ALA A 10 4.86 4.75 7.61
CA ALA A 10 6.10 5.11 6.93
C ALA A 10 5.83 5.94 5.68
N ILE A 11 4.64 5.75 5.10
CA ILE A 11 4.26 6.49 3.90
C ILE A 11 4.49 7.99 4.07
N GLU A 12 4.42 8.45 5.31
CA GLU A 12 4.62 9.87 5.61
C GLU A 12 5.98 10.34 5.10
N ARG A 13 6.97 9.44 5.16
CA ARG A 13 8.32 9.77 4.71
C ARG A 13 8.38 9.82 3.19
N ALA A 14 7.59 8.98 2.53
CA ALA A 14 7.57 8.93 1.08
C ALA A 14 7.12 10.26 0.50
N ILE A 15 5.99 10.78 0.99
CA ILE A 15 5.46 12.05 0.52
C ILE A 15 6.39 13.20 0.89
N GLN A 16 7.05 13.09 2.03
CA GLN A 16 7.96 14.12 2.49
C GLN A 16 9.09 14.35 1.48
N ALA A 17 9.35 13.34 0.67
CA ALA A 17 10.40 13.42 -0.35
C ALA A 17 10.23 14.68 -1.19
N GLU A 18 9.02 14.87 -1.73
CA GLU A 18 8.74 16.04 -2.56
C GLU A 18 9.58 16.01 -3.83
N ASN A 19 9.38 14.99 -4.66
CA ASN A 19 10.12 14.85 -5.91
C ASN A 19 11.61 14.67 -5.63
N GLU A 20 12.09 13.44 -5.81
CA GLU A 20 13.50 13.13 -5.58
C GLU A 20 13.94 11.94 -6.43
N GLY A 21 13.13 10.89 -6.44
CA GLY A 21 13.45 9.71 -7.21
C GLY A 21 13.39 8.44 -6.39
N ARG A 22 13.64 8.56 -5.09
CA ARG A 22 13.61 7.42 -4.19
C ARG A 22 12.18 7.07 -3.79
N TYR A 23 11.29 8.06 -3.91
CA TYR A 23 9.89 7.86 -3.55
C TYR A 23 9.31 6.64 -4.25
N ARG A 24 9.87 6.31 -5.42
CA ARG A 24 9.40 5.15 -6.18
C ARG A 24 9.87 3.86 -5.52
N GLU A 25 11.09 3.87 -4.99
CA GLU A 25 11.64 2.69 -4.34
C GLU A 25 11.02 2.47 -2.96
N ALA A 26 10.49 3.55 -2.39
CA ALA A 26 9.87 3.49 -1.07
C ALA A 26 8.49 2.84 -1.16
N LEU A 27 7.70 3.24 -2.15
CA LEU A 27 6.37 2.69 -2.34
C LEU A 27 6.42 1.17 -2.48
N LYS A 28 7.53 0.66 -2.99
CA LYS A 28 7.70 -0.78 -3.17
C LYS A 28 7.52 -1.52 -1.84
N HIS A 29 7.87 -0.85 -0.76
CA HIS A 29 7.74 -1.45 0.57
C HIS A 29 6.29 -1.47 1.02
N PHE A 30 5.53 -0.44 0.62
CA PHE A 30 4.13 -0.34 0.99
C PHE A 30 3.27 -1.25 0.10
N LEU A 31 3.65 -1.36 -1.17
CA LEU A 31 2.92 -2.19 -2.12
C LEU A 31 2.81 -3.63 -1.61
N ASP A 32 3.86 -4.09 -0.95
CA ASP A 32 3.89 -5.45 -0.41
C ASP A 32 2.95 -5.58 0.78
N GLY A 33 2.59 -4.44 1.37
CA GLY A 33 1.70 -4.45 2.52
C GLY A 33 0.31 -4.93 2.16
N GLY A 34 -0.17 -4.53 0.99
CA GLY A 34 -1.50 -4.94 0.56
C GLY A 34 -1.52 -6.34 -0.01
N GLU A 35 -0.40 -6.77 -0.58
CA GLU A 35 -0.30 -8.10 -1.17
C GLU A 35 -0.36 -9.18 -0.08
N MET A 36 -0.13 -8.76 1.16
CA MET A 36 -0.17 -9.69 2.28
C MET A 36 -1.59 -10.22 2.51
N ILE A 37 -2.56 -9.32 2.48
CA ILE A 37 -3.96 -9.70 2.68
C ILE A 37 -4.55 -10.30 1.42
N VAL A 38 -3.99 -9.92 0.27
CA VAL A 38 -4.47 -10.43 -1.02
C VAL A 38 -4.24 -11.93 -1.14
N THR A 39 -3.00 -12.36 -0.91
CA THR A 39 -2.66 -13.77 -0.99
C THR A 39 -3.59 -14.62 -0.12
N ALA A 40 -4.08 -14.02 0.97
CA ALA A 40 -4.97 -14.72 1.87
C ALA A 40 -6.33 -14.96 1.23
N ALA A 41 -6.78 -14.00 0.41
CA ALA A 41 -8.06 -14.11 -0.27
C ALA A 41 -7.98 -15.11 -1.42
N GLU A 42 -6.86 -15.10 -2.13
CA GLU A 42 -6.66 -16.01 -3.26
C GLU A 42 -6.62 -17.45 -2.79
N LYS A 43 -5.83 -17.71 -1.76
CA LYS A 43 -5.69 -19.06 -1.21
C LYS A 43 -7.00 -19.51 -0.56
N GLU A 44 -7.79 -18.56 -0.11
CA GLU A 44 -9.07 -18.86 0.53
C GLU A 44 -10.20 -18.88 -0.49
N ALA A 45 -11.43 -19.08 -0.01
CA ALA A 45 -12.59 -19.13 -0.88
C ALA A 45 -13.88 -19.16 -0.06
N SER A 46 -13.89 -19.97 0.99
CA SER A 46 -15.06 -20.09 1.85
C SER A 46 -15.00 -19.09 3.00
N GLN A 47 -14.95 -17.80 2.66
CA GLN A 47 -14.89 -16.75 3.65
C GLN A 47 -15.67 -15.51 3.19
N LYS A 48 -16.44 -14.92 4.10
CA LYS A 48 -17.22 -13.75 3.79
C LYS A 48 -16.35 -12.49 3.76
N VAL A 49 -15.31 -12.49 4.58
CA VAL A 49 -14.39 -11.35 4.65
C VAL A 49 -13.43 -11.36 3.46
N ARG A 50 -13.08 -12.56 3.00
CA ARG A 50 -12.16 -12.71 1.88
C ARG A 50 -12.50 -11.72 0.77
N ASN A 51 -13.79 -11.50 0.55
CA ASN A 51 -14.26 -10.58 -0.49
C ASN A 51 -13.85 -9.14 -0.15
N LEU A 52 -14.10 -8.73 1.08
CA LEU A 52 -13.77 -7.38 1.52
C LEU A 52 -12.25 -7.21 1.62
N LEU A 53 -11.56 -8.29 1.94
CA LEU A 53 -10.10 -8.25 2.07
C LEU A 53 -9.46 -7.76 0.78
N LEU A 54 -10.00 -8.20 -0.35
CA LEU A 54 -9.48 -7.80 -1.66
C LEU A 54 -9.91 -6.38 -1.99
N HIS A 55 -11.21 -6.12 -1.88
CA HIS A 55 -11.75 -4.80 -2.17
C HIS A 55 -10.98 -3.71 -1.43
N LYS A 56 -10.69 -3.96 -0.16
CA LYS A 56 -9.96 -3.01 0.66
C LYS A 56 -8.48 -2.99 0.30
N GLY A 57 -7.98 -4.12 -0.19
CA GLY A 57 -6.60 -4.22 -0.58
C GLY A 57 -6.29 -3.46 -1.86
N LYS A 58 -7.08 -3.71 -2.89
CA LYS A 58 -6.89 -3.04 -4.18
C LYS A 58 -7.06 -1.53 -4.03
N GLU A 59 -7.78 -1.12 -2.99
CA GLU A 59 -8.01 0.30 -2.74
C GLU A 59 -6.77 0.96 -2.16
N VAL A 60 -6.35 0.49 -0.99
CA VAL A 60 -5.17 1.03 -0.33
C VAL A 60 -3.98 1.10 -1.28
N LEU A 61 -3.93 0.16 -2.22
CA LEU A 61 -2.85 0.12 -3.20
C LEU A 61 -2.89 1.33 -4.12
N GLU A 62 -4.09 1.70 -4.56
CA GLU A 62 -4.26 2.86 -5.43
C GLU A 62 -4.27 4.15 -4.65
N TRP A 63 -4.68 4.07 -3.38
CA TRP A 63 -4.73 5.24 -2.51
C TRP A 63 -3.33 5.70 -2.12
N ALA A 64 -2.52 4.76 -1.64
CA ALA A 64 -1.16 5.07 -1.23
C ALA A 64 -0.38 5.72 -2.37
N GLU A 65 -0.72 5.36 -3.60
CA GLU A 65 -0.06 5.90 -4.77
C GLU A 65 -0.53 7.33 -5.05
N HIS A 66 -1.72 7.66 -4.57
CA HIS A 66 -2.29 8.98 -4.77
C HIS A 66 -1.49 10.03 -4.01
N LEU A 67 -1.26 9.78 -2.73
CA LEU A 67 -0.50 10.70 -1.89
C LEU A 67 0.98 10.72 -2.28
N ALA A 68 1.48 9.57 -2.73
CA ALA A 68 2.86 9.45 -3.15
C ALA A 68 3.16 10.33 -4.36
N GLU A 69 2.17 10.45 -5.24
CA GLU A 69 2.31 11.26 -6.45
C GLU A 69 2.10 12.74 -6.14
N TRP A 70 1.40 13.02 -5.04
CA TRP A 70 1.12 14.39 -4.64
C TRP A 70 2.36 15.25 -4.76
N ILE A 71 3.52 14.68 -4.45
CA ILE A 71 4.78 15.39 -4.54
C ILE A 71 4.93 16.09 -5.89
N LEU A 72 4.61 15.38 -6.96
CA LEU A 72 4.70 15.92 -8.30
C LEU A 72 3.59 16.95 -8.55
N GLU A 73 2.39 16.63 -8.10
CA GLU A 73 1.24 17.52 -8.28
C GLU A 73 1.56 18.92 -7.76
N HIS A 74 2.43 18.99 -6.76
CA HIS A 74 2.82 20.28 -6.18
C HIS A 74 1.61 21.01 -5.63
N MET A 1 8.38 -6.66 13.54
CA MET A 1 7.85 -5.63 12.66
C MET A 1 7.32 -6.24 11.37
N GLY A 2 6.10 -6.78 11.42
CA GLY A 2 5.51 -7.38 10.24
C GLY A 2 4.01 -7.17 10.18
N THR A 3 3.59 -5.91 10.13
CA THR A 3 2.18 -5.58 10.07
C THR A 3 1.91 -4.47 9.04
N ILE A 4 0.71 -4.48 8.48
CA ILE A 4 0.34 -3.48 7.48
C ILE A 4 0.59 -2.07 7.99
N ASP A 5 0.46 -1.89 9.30
CA ASP A 5 0.68 -0.59 9.92
C ASP A 5 2.07 -0.06 9.59
N ASP A 6 3.01 -0.97 9.38
CA ASP A 6 4.38 -0.59 9.05
C ASP A 6 4.44 0.10 7.69
N ALA A 7 3.45 -0.17 6.86
CA ALA A 7 3.39 0.44 5.53
C ALA A 7 2.91 1.89 5.60
N PHE A 8 1.76 2.09 6.23
CA PHE A 8 1.19 3.43 6.37
C PHE A 8 2.22 4.40 6.94
N ARG A 9 2.89 3.98 8.01
CA ARG A 9 3.90 4.82 8.65
C ARG A 9 5.01 5.16 7.68
N ALA A 10 5.35 4.21 6.80
CA ALA A 10 6.40 4.43 5.82
C ALA A 10 5.95 5.41 4.74
N ILE A 11 4.65 5.47 4.50
CA ILE A 11 4.09 6.37 3.50
C ILE A 11 4.28 7.83 3.90
N GLU A 12 4.24 8.09 5.20
CA GLU A 12 4.41 9.44 5.72
C GLU A 12 5.75 10.02 5.28
N ARG A 13 6.77 9.17 5.23
CA ARG A 13 8.10 9.60 4.83
C ARG A 13 8.17 9.83 3.32
N ALA A 14 7.54 8.96 2.56
CA ALA A 14 7.53 9.07 1.10
C ALA A 14 7.07 10.46 0.67
N ILE A 15 5.93 10.90 1.21
CA ILE A 15 5.39 12.21 0.87
C ILE A 15 6.30 13.32 1.38
N GLN A 16 6.90 13.10 2.54
CA GLN A 16 7.80 14.10 3.12
C GLN A 16 8.94 14.44 2.17
N ALA A 17 9.27 13.50 1.29
CA ALA A 17 10.35 13.70 0.32
C ALA A 17 10.16 15.01 -0.43
N GLU A 18 8.94 15.26 -0.90
CA GLU A 18 8.64 16.47 -1.64
C GLU A 18 9.44 16.53 -2.94
N ASN A 19 9.22 15.55 -3.81
CA ASN A 19 9.91 15.49 -5.09
C ASN A 19 11.42 15.32 -4.88
N GLU A 20 11.91 14.10 -5.13
CA GLU A 20 13.33 13.81 -4.96
C GLU A 20 13.74 12.61 -5.82
N GLY A 21 12.92 11.58 -5.81
CA GLY A 21 13.20 10.39 -6.60
C GLY A 21 13.05 9.12 -5.79
N ARG A 22 13.05 9.25 -4.46
CA ARG A 22 12.90 8.09 -3.58
C ARG A 22 11.46 7.63 -3.52
N TYR A 23 10.53 8.55 -3.79
CA TYR A 23 9.11 8.23 -3.76
C TYR A 23 8.81 7.00 -4.62
N ARG A 24 9.47 6.91 -5.76
CA ARG A 24 9.27 5.80 -6.68
C ARG A 24 9.43 4.47 -5.94
N GLU A 25 10.56 4.30 -5.27
CA GLU A 25 10.83 3.06 -4.53
C GLU A 25 10.03 3.03 -3.23
N ALA A 26 9.71 4.21 -2.71
CA ALA A 26 8.93 4.30 -1.48
C ALA A 26 7.60 3.58 -1.60
N LEU A 27 6.87 3.85 -2.67
CA LEU A 27 5.57 3.23 -2.91
C LEU A 27 5.72 1.71 -3.03
N LYS A 28 6.79 1.29 -3.69
CA LYS A 28 7.06 -0.14 -3.88
C LYS A 28 6.99 -0.90 -2.56
N HIS A 29 7.67 -0.36 -1.55
CA HIS A 29 7.68 -0.99 -0.23
C HIS A 29 6.28 -1.11 0.32
N PHE A 30 5.40 -0.19 -0.07
CA PHE A 30 4.02 -0.20 0.39
C PHE A 30 3.20 -1.25 -0.37
N LEU A 31 3.43 -1.34 -1.67
CA LEU A 31 2.71 -2.29 -2.51
C LEU A 31 2.91 -3.72 -2.00
N ASP A 32 4.06 -3.97 -1.38
CA ASP A 32 4.36 -5.28 -0.85
C ASP A 32 3.53 -5.58 0.39
N GLY A 33 3.01 -4.53 1.01
CA GLY A 33 2.19 -4.69 2.20
C GLY A 33 0.84 -5.31 1.89
N GLY A 34 0.15 -4.76 0.89
CA GLY A 34 -1.15 -5.27 0.51
C GLY A 34 -1.12 -6.75 0.18
N GLU A 35 -0.01 -7.20 -0.41
CA GLU A 35 0.14 -8.60 -0.78
C GLU A 35 0.07 -9.50 0.45
N MET A 36 0.26 -8.90 1.63
CA MET A 36 0.23 -9.65 2.88
C MET A 36 -1.16 -10.25 3.12
N ILE A 37 -2.18 -9.42 3.01
CA ILE A 37 -3.55 -9.86 3.21
C ILE A 37 -4.09 -10.56 1.96
N VAL A 38 -3.54 -10.21 0.81
CA VAL A 38 -3.96 -10.81 -0.45
C VAL A 38 -3.65 -12.30 -0.49
N THR A 39 -2.46 -12.67 -0.01
CA THR A 39 -2.06 -14.06 0.02
C THR A 39 -3.11 -14.94 0.67
N ALA A 40 -3.86 -14.36 1.60
CA ALA A 40 -4.91 -15.09 2.30
C ALA A 40 -6.13 -15.29 1.41
N ALA A 41 -6.60 -14.20 0.81
CA ALA A 41 -7.77 -14.26 -0.07
C ALA A 41 -7.50 -15.14 -1.29
N GLU A 42 -6.25 -15.16 -1.73
CA GLU A 42 -5.85 -15.97 -2.88
C GLU A 42 -5.82 -17.45 -2.52
N LYS A 43 -5.41 -17.74 -1.29
CA LYS A 43 -5.33 -19.12 -0.82
C LYS A 43 -6.55 -19.48 0.02
N GLU A 44 -7.58 -18.63 -0.04
CA GLU A 44 -8.80 -18.86 0.71
C GLU A 44 -9.90 -19.40 -0.20
N ALA A 45 -11.08 -19.64 0.38
CA ALA A 45 -12.21 -20.17 -0.37
C ALA A 45 -13.49 -20.10 0.45
N SER A 46 -14.60 -19.78 -0.22
CA SER A 46 -15.88 -19.68 0.46
C SER A 46 -15.80 -18.77 1.67
N GLN A 47 -15.00 -17.71 1.55
CA GLN A 47 -14.83 -16.76 2.64
C GLN A 47 -15.60 -15.47 2.35
N LYS A 48 -16.26 -14.93 3.37
CA LYS A 48 -17.03 -13.71 3.24
C LYS A 48 -16.13 -12.48 3.39
N VAL A 49 -15.06 -12.63 4.18
CA VAL A 49 -14.13 -11.54 4.41
C VAL A 49 -13.16 -11.38 3.24
N ARG A 50 -12.84 -12.50 2.59
CA ARG A 50 -11.93 -12.48 1.45
C ARG A 50 -12.28 -11.35 0.49
N ASN A 51 -13.57 -11.10 0.33
CA ASN A 51 -14.04 -10.04 -0.56
C ASN A 51 -13.53 -8.67 -0.10
N LEU A 52 -13.70 -8.40 1.19
CA LEU A 52 -13.26 -7.13 1.76
C LEU A 52 -11.74 -7.09 1.87
N LEU A 53 -11.13 -8.25 2.06
CA LEU A 53 -9.67 -8.34 2.19
C LEU A 53 -8.99 -7.83 0.93
N LEU A 54 -9.48 -8.28 -0.23
CA LEU A 54 -8.91 -7.87 -1.51
C LEU A 54 -9.36 -6.46 -1.87
N HIS A 55 -10.57 -6.10 -1.45
CA HIS A 55 -11.12 -4.78 -1.73
C HIS A 55 -10.33 -3.70 -0.99
N LYS A 56 -10.14 -3.89 0.31
CA LYS A 56 -9.40 -2.93 1.12
C LYS A 56 -7.92 -2.91 0.74
N GLY A 57 -7.38 -4.09 0.44
CA GLY A 57 -5.98 -4.19 0.05
C GLY A 57 -5.68 -3.46 -1.25
N LYS A 58 -6.62 -3.53 -2.18
CA LYS A 58 -6.45 -2.87 -3.47
C LYS A 58 -6.68 -1.36 -3.36
N GLU A 59 -7.55 -0.97 -2.44
CA GLU A 59 -7.85 0.44 -2.23
C GLU A 59 -6.67 1.15 -1.57
N VAL A 60 -6.27 0.68 -0.39
CA VAL A 60 -5.15 1.27 0.33
C VAL A 60 -3.93 1.42 -0.58
N LEU A 61 -3.79 0.51 -1.52
CA LEU A 61 -2.66 0.53 -2.45
C LEU A 61 -2.85 1.63 -3.49
N GLU A 62 -4.08 1.82 -3.94
CA GLU A 62 -4.38 2.84 -4.94
C GLU A 62 -4.40 4.23 -4.30
N TRP A 63 -4.71 4.28 -3.02
CA TRP A 63 -4.76 5.55 -2.30
C TRP A 63 -3.36 6.06 -1.99
N ALA A 64 -2.50 5.17 -1.52
CA ALA A 64 -1.12 5.54 -1.19
C ALA A 64 -0.43 6.17 -2.39
N GLU A 65 -0.82 5.75 -3.59
CA GLU A 65 -0.23 6.28 -4.81
C GLU A 65 -0.77 7.68 -5.11
N HIS A 66 -1.96 7.97 -4.61
CA HIS A 66 -2.59 9.27 -4.81
C HIS A 66 -1.76 10.38 -4.18
N LEU A 67 -1.46 10.23 -2.90
CA LEU A 67 -0.69 11.22 -2.16
C LEU A 67 0.77 11.22 -2.64
N ALA A 68 1.29 10.04 -2.93
CA ALA A 68 2.67 9.89 -3.38
C ALA A 68 2.87 10.60 -4.72
N GLU A 69 1.79 10.71 -5.49
CA GLU A 69 1.86 11.37 -6.80
C GLU A 69 1.82 12.89 -6.65
N TRP A 70 1.26 13.35 -5.53
CA TRP A 70 1.15 14.77 -5.27
C TRP A 70 2.48 15.48 -5.54
N ILE A 71 3.54 14.97 -4.94
CA ILE A 71 4.87 15.54 -5.12
C ILE A 71 5.20 15.75 -6.59
N LEU A 72 4.72 14.83 -7.43
CA LEU A 72 4.96 14.91 -8.87
C LEU A 72 4.19 16.08 -9.48
N GLU A 73 2.90 16.16 -9.18
CA GLU A 73 2.06 17.23 -9.70
C GLU A 73 2.57 18.60 -9.24
N HIS A 74 3.23 18.60 -8.09
CA HIS A 74 3.77 19.85 -7.53
C HIS A 74 2.67 20.89 -7.35
N MET A 1 7.95 -3.01 12.47
CA MET A 1 8.23 -4.35 12.98
C MET A 1 7.96 -5.40 11.92
N GLY A 2 6.70 -5.51 11.50
CA GLY A 2 6.34 -6.49 10.49
C GLY A 2 4.83 -6.64 10.36
N THR A 3 4.17 -5.59 9.90
CA THR A 3 2.72 -5.61 9.73
C THR A 3 2.28 -4.62 8.65
N ILE A 4 1.19 -4.95 7.96
CA ILE A 4 0.66 -4.09 6.91
C ILE A 4 0.49 -2.65 7.42
N ASP A 5 0.00 -2.52 8.65
CA ASP A 5 -0.21 -1.21 9.24
C ASP A 5 1.06 -0.37 9.18
N ASP A 6 2.21 -1.04 9.22
CA ASP A 6 3.49 -0.35 9.16
C ASP A 6 3.68 0.34 7.82
N ALA A 7 3.13 -0.25 6.76
CA ALA A 7 3.23 0.30 5.42
C ALA A 7 2.50 1.63 5.32
N PHE A 8 1.30 1.68 5.90
CA PHE A 8 0.50 2.90 5.88
C PHE A 8 1.10 3.98 6.77
N ARG A 9 1.75 3.54 7.84
CA ARG A 9 2.37 4.46 8.79
C ARG A 9 3.69 4.98 8.25
N ALA A 10 4.39 4.13 7.50
CA ALA A 10 5.68 4.50 6.92
C ALA A 10 5.49 5.42 5.72
N ILE A 11 4.34 5.31 5.07
CA ILE A 11 4.04 6.13 3.90
C ILE A 11 4.29 7.61 4.19
N GLU A 12 4.15 7.99 5.44
CA GLU A 12 4.37 9.38 5.86
C GLU A 12 5.76 9.85 5.46
N ARG A 13 6.72 8.94 5.50
CA ARG A 13 8.10 9.26 5.15
C ARG A 13 8.26 9.39 3.64
N ALA A 14 7.42 8.67 2.89
CA ALA A 14 7.48 8.71 1.44
C ALA A 14 7.08 10.09 0.91
N ILE A 15 5.94 10.59 1.38
CA ILE A 15 5.45 11.90 0.96
C ILE A 15 6.42 13.00 1.37
N GLN A 16 7.02 12.85 2.55
CA GLN A 16 7.97 13.84 3.05
C GLN A 16 9.19 13.94 2.13
N ALA A 17 9.45 12.87 1.39
CA ALA A 17 10.58 12.83 0.48
C ALA A 17 10.59 14.06 -0.43
N GLU A 18 9.43 14.40 -0.96
CA GLU A 18 9.31 15.56 -1.86
C GLU A 18 10.32 15.48 -2.99
N ASN A 19 10.40 14.31 -3.63
CA ASN A 19 11.32 14.10 -4.73
C ASN A 19 10.61 13.47 -5.93
N GLU A 20 11.30 13.44 -7.07
CA GLU A 20 10.73 12.87 -8.28
C GLU A 20 11.68 11.83 -8.89
N GLY A 21 12.02 10.83 -8.11
CA GLY A 21 12.92 9.78 -8.58
C GLY A 21 12.90 8.56 -7.70
N ARG A 22 13.28 8.71 -6.44
CA ARG A 22 13.31 7.60 -5.50
C ARG A 22 11.92 7.33 -4.94
N TYR A 23 11.06 8.34 -5.00
CA TYR A 23 9.69 8.21 -4.50
C TYR A 23 9.01 6.98 -5.08
N ARG A 24 9.43 6.58 -6.27
CA ARG A 24 8.86 5.41 -6.93
C ARG A 24 9.34 4.12 -6.27
N GLU A 25 10.61 4.11 -5.87
CA GLU A 25 11.20 2.95 -5.22
C GLU A 25 10.72 2.82 -3.78
N ALA A 26 10.28 3.94 -3.21
CA ALA A 26 9.79 3.95 -1.83
C ALA A 26 8.41 3.31 -1.74
N LEU A 27 7.60 3.51 -2.76
CA LEU A 27 6.25 2.95 -2.79
C LEU A 27 6.29 1.44 -3.02
N LYS A 28 7.32 0.98 -3.71
CA LYS A 28 7.49 -0.44 -4.00
C LYS A 28 7.38 -1.27 -2.72
N HIS A 29 7.78 -0.68 -1.60
CA HIS A 29 7.71 -1.35 -0.31
C HIS A 29 6.27 -1.48 0.17
N PHE A 30 5.56 -0.37 0.19
CA PHE A 30 4.17 -0.35 0.63
C PHE A 30 3.30 -1.20 -0.29
N LEU A 31 3.55 -1.11 -1.59
CA LEU A 31 2.80 -1.86 -2.58
C LEU A 31 2.87 -3.37 -2.29
N ASP A 32 4.02 -3.81 -1.77
CA ASP A 32 4.21 -5.21 -1.45
C ASP A 32 3.29 -5.64 -0.32
N GLY A 33 2.85 -4.68 0.48
CA GLY A 33 1.96 -4.98 1.59
C GLY A 33 0.62 -5.52 1.13
N GLY A 34 0.14 -5.01 0.00
CA GLY A 34 -1.13 -5.45 -0.52
C GLY A 34 -1.06 -6.84 -1.14
N GLU A 35 -0.14 -7.02 -2.08
CA GLU A 35 0.03 -8.30 -2.75
C GLU A 35 0.31 -9.41 -1.74
N MET A 36 0.84 -9.02 -0.58
CA MET A 36 1.15 -9.97 0.47
C MET A 36 -0.12 -10.50 1.14
N ILE A 37 -1.11 -9.64 1.25
CA ILE A 37 -2.38 -10.00 1.87
C ILE A 37 -3.24 -10.84 0.93
N VAL A 38 -3.02 -10.66 -0.38
CA VAL A 38 -3.76 -11.38 -1.39
C VAL A 38 -3.71 -12.89 -1.13
N THR A 39 -2.61 -13.34 -0.54
CA THR A 39 -2.43 -14.76 -0.24
C THR A 39 -3.51 -15.25 0.72
N ALA A 40 -3.97 -14.36 1.59
CA ALA A 40 -5.00 -14.71 2.56
C ALA A 40 -6.28 -15.12 1.88
N ALA A 41 -6.73 -14.30 0.92
CA ALA A 41 -7.96 -14.57 0.19
C ALA A 41 -7.78 -15.77 -0.75
N GLU A 42 -6.55 -15.97 -1.20
CA GLU A 42 -6.25 -17.09 -2.11
C GLU A 42 -6.10 -18.39 -1.33
N LYS A 43 -5.89 -18.28 -0.02
CA LYS A 43 -5.73 -19.45 0.84
C LYS A 43 -7.03 -19.76 1.57
N GLU A 44 -7.92 -18.76 1.65
CA GLU A 44 -9.19 -18.93 2.33
C GLU A 44 -10.35 -18.97 1.31
N ALA A 45 -11.57 -19.05 1.83
CA ALA A 45 -12.75 -19.08 0.98
C ALA A 45 -14.03 -19.07 1.81
N SER A 46 -15.12 -18.61 1.21
CA SER A 46 -16.40 -18.54 1.90
C SER A 46 -16.33 -17.62 3.11
N GLN A 47 -15.40 -16.66 3.05
CA GLN A 47 -15.22 -15.72 4.15
C GLN A 47 -15.71 -14.32 3.76
N LYS A 48 -16.44 -13.69 4.67
CA LYS A 48 -16.96 -12.35 4.42
C LYS A 48 -15.84 -11.31 4.42
N VAL A 49 -14.82 -11.55 5.24
CA VAL A 49 -13.69 -10.63 5.34
C VAL A 49 -12.75 -10.81 4.15
N ARG A 50 -12.68 -12.02 3.62
CA ARG A 50 -11.81 -12.33 2.50
C ARG A 50 -12.00 -11.29 1.38
N ASN A 51 -13.25 -11.08 0.98
CA ASN A 51 -13.56 -10.13 -0.07
C ASN A 51 -13.06 -8.73 0.29
N LEU A 52 -12.97 -8.47 1.59
CA LEU A 52 -12.51 -7.16 2.07
C LEU A 52 -10.99 -7.07 1.99
N LEU A 53 -10.31 -8.19 2.23
CA LEU A 53 -8.85 -8.23 2.18
C LEU A 53 -8.34 -7.73 0.83
N LEU A 54 -8.92 -8.25 -0.24
CA LEU A 54 -8.52 -7.86 -1.59
C LEU A 54 -9.00 -6.45 -1.91
N HIS A 55 -10.29 -6.20 -1.69
CA HIS A 55 -10.88 -4.90 -1.95
C HIS A 55 -10.07 -3.79 -1.28
N LYS A 56 -9.68 -4.04 -0.03
CA LYS A 56 -8.90 -3.06 0.73
C LYS A 56 -7.46 -3.03 0.25
N GLY A 57 -6.97 -4.16 -0.23
CA GLY A 57 -5.61 -4.23 -0.72
C GLY A 57 -5.40 -3.44 -1.99
N LYS A 58 -6.24 -3.68 -2.98
CA LYS A 58 -6.15 -2.97 -4.26
C LYS A 58 -6.42 -1.48 -4.07
N GLU A 59 -7.07 -1.14 -2.97
CA GLU A 59 -7.39 0.26 -2.67
C GLU A 59 -6.16 0.99 -2.12
N VAL A 60 -5.64 0.51 -1.00
CA VAL A 60 -4.47 1.12 -0.38
C VAL A 60 -3.35 1.30 -1.39
N LEU A 61 -3.29 0.41 -2.37
CA LEU A 61 -2.26 0.47 -3.40
C LEU A 61 -2.45 1.70 -4.28
N GLU A 62 -3.65 1.85 -4.84
CA GLU A 62 -3.96 2.98 -5.70
C GLU A 62 -3.99 4.27 -4.91
N TRP A 63 -4.36 4.18 -3.64
CA TRP A 63 -4.44 5.34 -2.76
C TRP A 63 -3.04 5.81 -2.36
N ALA A 64 -2.20 4.86 -1.97
CA ALA A 64 -0.83 5.19 -1.56
C ALA A 64 -0.10 5.95 -2.65
N GLU A 65 -0.44 5.66 -3.90
CA GLU A 65 0.19 6.33 -5.03
C GLU A 65 -0.34 7.75 -5.21
N HIS A 66 -1.53 7.99 -4.67
CA HIS A 66 -2.16 9.31 -4.76
C HIS A 66 -1.39 10.32 -3.91
N LEU A 67 -1.21 10.01 -2.64
CA LEU A 67 -0.50 10.90 -1.73
C LEU A 67 0.99 10.94 -2.06
N ALA A 68 1.52 9.82 -2.55
CA ALA A 68 2.92 9.74 -2.92
C ALA A 68 3.25 10.68 -4.07
N GLU A 69 2.30 10.85 -4.98
CA GLU A 69 2.49 11.72 -6.14
C GLU A 69 2.25 13.19 -5.75
N TRP A 70 1.50 13.39 -4.67
CA TRP A 70 1.20 14.73 -4.20
C TRP A 70 2.44 15.62 -4.21
N ILE A 71 3.59 15.02 -3.89
CA ILE A 71 4.85 15.75 -3.87
C ILE A 71 5.06 16.52 -5.17
N LEU A 72 4.79 15.87 -6.29
CA LEU A 72 4.95 16.49 -7.60
C LEU A 72 3.85 17.52 -7.84
N GLU A 73 2.62 17.18 -7.45
CA GLU A 73 1.49 18.07 -7.63
C GLU A 73 1.78 19.45 -7.03
N HIS A 74 2.60 19.47 -5.99
CA HIS A 74 2.96 20.72 -5.32
C HIS A 74 4.03 21.46 -6.12
N MET A 1 7.10 -4.37 12.64
CA MET A 1 7.29 -4.84 11.27
C MET A 1 6.62 -6.20 11.07
N GLY A 2 5.87 -6.33 9.99
CA GLY A 2 5.19 -7.59 9.70
C GLY A 2 3.68 -7.46 9.81
N THR A 3 3.18 -6.23 9.75
CA THR A 3 1.75 -5.98 9.84
C THR A 3 1.30 -4.96 8.80
N ILE A 4 0.09 -5.13 8.30
CA ILE A 4 -0.46 -4.21 7.30
C ILE A 4 -0.35 -2.77 7.76
N ASP A 5 -0.60 -2.52 9.05
CA ASP A 5 -0.53 -1.18 9.61
C ASP A 5 0.83 -0.55 9.31
N ASP A 6 1.86 -1.39 9.20
CA ASP A 6 3.20 -0.91 8.91
C ASP A 6 3.26 -0.22 7.55
N ALA A 7 2.43 -0.70 6.62
CA ALA A 7 2.38 -0.14 5.28
C ALA A 7 1.82 1.28 5.30
N PHE A 8 0.67 1.44 5.93
CA PHE A 8 0.01 2.74 6.02
C PHE A 8 0.85 3.71 6.84
N ARG A 9 1.57 3.19 7.83
CA ARG A 9 2.41 4.00 8.69
C ARG A 9 3.72 4.37 7.99
N ALA A 10 4.22 3.44 7.19
CA ALA A 10 5.47 3.66 6.45
C ALA A 10 5.25 4.59 5.27
N ILE A 11 4.03 4.60 4.75
CA ILE A 11 3.69 5.44 3.61
C ILE A 11 4.13 6.89 3.85
N GLU A 12 4.18 7.29 5.11
CA GLU A 12 4.58 8.65 5.47
C GLU A 12 5.99 8.93 4.98
N ARG A 13 6.86 7.92 5.02
CA ARG A 13 8.24 8.07 4.59
C ARG A 13 8.30 8.35 3.09
N ALA A 14 7.32 7.85 2.36
CA ALA A 14 7.27 8.05 0.92
C ALA A 14 6.97 9.50 0.56
N ILE A 15 5.93 10.05 1.18
CA ILE A 15 5.54 11.43 0.94
C ILE A 15 6.55 12.41 1.53
N GLN A 16 7.14 12.01 2.66
CA GLN A 16 8.13 12.84 3.33
C GLN A 16 9.33 13.10 2.43
N ALA A 17 9.54 12.21 1.47
CA ALA A 17 10.66 12.33 0.54
C ALA A 17 10.65 13.69 -0.14
N GLU A 18 9.50 14.07 -0.69
CA GLU A 18 9.37 15.35 -1.38
C GLU A 18 10.37 15.46 -2.52
N ASN A 19 10.62 14.34 -3.20
CA ASN A 19 11.55 14.32 -4.32
C ASN A 19 10.96 13.56 -5.50
N GLU A 20 11.56 13.73 -6.67
CA GLU A 20 11.10 13.06 -7.88
C GLU A 20 12.14 12.06 -8.38
N GLY A 21 12.65 11.24 -7.47
CA GLY A 21 13.65 10.24 -7.84
C GLY A 21 13.47 8.94 -7.09
N ARG A 22 13.69 8.97 -5.78
CA ARG A 22 13.56 7.79 -4.95
C ARG A 22 12.09 7.53 -4.59
N TYR A 23 11.28 8.57 -4.70
CA TYR A 23 9.85 8.46 -4.39
C TYR A 23 9.23 7.26 -5.07
N ARG A 24 9.79 6.88 -6.22
CA ARG A 24 9.29 5.75 -6.99
C ARG A 24 9.65 4.44 -6.30
N GLU A 25 10.89 4.35 -5.82
CA GLU A 25 11.36 3.14 -5.15
C GLU A 25 10.82 3.05 -3.73
N ALA A 26 10.46 4.21 -3.18
CA ALA A 26 9.91 4.28 -1.83
C ALA A 26 8.54 3.62 -1.75
N LEU A 27 7.78 3.72 -2.84
CA LEU A 27 6.45 3.13 -2.89
C LEU A 27 6.53 1.61 -2.99
N LYS A 28 7.61 1.12 -3.58
CA LYS A 28 7.81 -0.31 -3.73
C LYS A 28 7.63 -1.04 -2.40
N HIS A 29 7.94 -0.36 -1.31
CA HIS A 29 7.80 -0.94 0.03
C HIS A 29 6.33 -1.15 0.37
N PHE A 30 5.50 -0.17 0.01
CA PHE A 30 4.07 -0.27 0.28
C PHE A 30 3.43 -1.39 -0.52
N LEU A 31 3.81 -1.50 -1.79
CA LEU A 31 3.27 -2.52 -2.67
C LEU A 31 3.55 -3.91 -2.11
N ASP A 32 4.66 -4.05 -1.38
CA ASP A 32 5.04 -5.32 -0.80
C ASP A 32 4.07 -5.71 0.33
N GLY A 33 3.55 -4.71 1.03
CA GLY A 33 2.63 -4.96 2.11
C GLY A 33 1.26 -5.39 1.62
N GLY A 34 0.82 -4.80 0.52
CA GLY A 34 -0.48 -5.14 -0.03
C GLY A 34 -0.62 -6.61 -0.35
N GLU A 35 0.51 -7.25 -0.68
CA GLU A 35 0.51 -8.67 -1.01
C GLU A 35 0.27 -9.52 0.23
N MET A 36 0.46 -8.91 1.40
CA MET A 36 0.26 -9.61 2.67
C MET A 36 -1.22 -9.93 2.88
N ILE A 37 -2.08 -8.95 2.61
CA ILE A 37 -3.51 -9.14 2.77
C ILE A 37 -4.11 -9.89 1.58
N VAL A 38 -3.46 -9.79 0.43
CA VAL A 38 -3.92 -10.47 -0.77
C VAL A 38 -3.66 -11.96 -0.70
N THR A 39 -2.41 -12.32 -0.42
CA THR A 39 -2.03 -13.73 -0.32
C THR A 39 -2.97 -14.49 0.61
N ALA A 40 -3.50 -13.78 1.61
CA ALA A 40 -4.40 -14.39 2.58
C ALA A 40 -5.78 -14.65 1.95
N ALA A 41 -6.21 -13.73 1.09
CA ALA A 41 -7.51 -13.85 0.44
C ALA A 41 -7.45 -14.91 -0.66
N GLU A 42 -6.38 -14.91 -1.45
CA GLU A 42 -6.21 -15.86 -2.53
C GLU A 42 -6.21 -17.30 -2.00
N LYS A 43 -5.31 -17.56 -1.05
CA LYS A 43 -5.20 -18.89 -0.45
C LYS A 43 -6.50 -19.29 0.24
N GLU A 44 -7.27 -18.29 0.65
CA GLU A 44 -8.54 -18.53 1.34
C GLU A 44 -9.68 -18.60 0.33
N ALA A 45 -10.90 -18.78 0.85
CA ALA A 45 -12.08 -18.86 0.00
C ALA A 45 -13.35 -18.83 0.83
N SER A 46 -13.32 -19.51 1.98
CA SER A 46 -14.47 -19.57 2.87
C SER A 46 -14.37 -18.52 3.97
N GLN A 47 -14.19 -17.26 3.57
CA GLN A 47 -14.08 -16.16 4.52
C GLN A 47 -14.91 -14.97 4.07
N LYS A 48 -15.62 -14.35 5.01
CA LYS A 48 -16.45 -13.19 4.71
C LYS A 48 -15.61 -11.93 4.60
N VAL A 49 -14.52 -11.89 5.36
CA VAL A 49 -13.63 -10.73 5.34
C VAL A 49 -12.74 -10.74 4.11
N ARG A 50 -12.38 -11.95 3.65
CA ARG A 50 -11.54 -12.09 2.48
C ARG A 50 -11.96 -11.13 1.37
N ASN A 51 -13.26 -11.01 1.16
CA ASN A 51 -13.80 -10.12 0.14
C ASN A 51 -13.33 -8.69 0.35
N LEU A 52 -13.47 -8.21 1.58
CA LEU A 52 -13.05 -6.85 1.91
C LEU A 52 -11.53 -6.73 1.95
N LEU A 53 -10.87 -7.84 2.28
CA LEU A 53 -9.41 -7.87 2.35
C LEU A 53 -8.80 -7.46 1.01
N LEU A 54 -9.38 -7.97 -0.08
CA LEU A 54 -8.89 -7.66 -1.41
C LEU A 54 -9.31 -6.26 -1.84
N HIS A 55 -10.58 -5.94 -1.60
CA HIS A 55 -11.12 -4.63 -1.97
C HIS A 55 -10.33 -3.52 -1.29
N LYS A 56 -10.09 -3.66 0.01
CA LYS A 56 -9.34 -2.66 0.76
C LYS A 56 -7.86 -2.72 0.41
N GLY A 57 -7.34 -3.93 0.21
CA GLY A 57 -5.94 -4.09 -0.14
C GLY A 57 -5.61 -3.49 -1.49
N LYS A 58 -6.54 -3.60 -2.43
CA LYS A 58 -6.34 -3.06 -3.77
C LYS A 58 -6.48 -1.55 -3.79
N GLU A 59 -7.35 -1.04 -2.92
CA GLU A 59 -7.58 0.40 -2.83
C GLU A 59 -6.36 1.11 -2.26
N VAL A 60 -5.91 0.68 -1.09
CA VAL A 60 -4.75 1.28 -0.45
C VAL A 60 -3.56 1.34 -1.40
N LEU A 61 -3.48 0.38 -2.32
CA LEU A 61 -2.41 0.33 -3.29
C LEU A 61 -2.50 1.49 -4.27
N GLU A 62 -3.67 1.64 -4.90
CA GLU A 62 -3.89 2.70 -5.86
C GLU A 62 -3.90 4.06 -5.18
N TRP A 63 -4.36 4.09 -3.92
CA TRP A 63 -4.42 5.33 -3.16
C TRP A 63 -3.02 5.76 -2.71
N ALA A 64 -2.22 4.78 -2.29
CA ALA A 64 -0.86 5.06 -1.83
C ALA A 64 -0.07 5.82 -2.89
N GLU A 65 -0.36 5.53 -4.16
CA GLU A 65 0.33 6.19 -5.26
C GLU A 65 -0.18 7.61 -5.45
N HIS A 66 -1.40 7.86 -4.98
CA HIS A 66 -2.01 9.18 -5.09
C HIS A 66 -1.28 10.20 -4.22
N LEU A 67 -1.13 9.87 -2.94
CA LEU A 67 -0.45 10.75 -2.00
C LEU A 67 1.05 10.81 -2.29
N ALA A 68 1.59 9.70 -2.77
CA ALA A 68 3.01 9.63 -3.09
C ALA A 68 3.37 10.59 -4.22
N GLU A 69 2.45 10.75 -5.17
CA GLU A 69 2.67 11.65 -6.30
C GLU A 69 2.39 13.10 -5.91
N TRP A 70 1.61 13.28 -4.85
CA TRP A 70 1.27 14.62 -4.37
C TRP A 70 2.51 15.52 -4.35
N ILE A 71 3.65 14.94 -4.00
CA ILE A 71 4.90 15.69 -3.94
C ILE A 71 5.13 16.48 -5.22
N LEU A 72 4.89 15.84 -6.35
CA LEU A 72 5.07 16.47 -7.66
C LEU A 72 3.96 17.49 -7.91
N GLU A 73 2.72 17.12 -7.58
CA GLU A 73 1.58 18.00 -7.77
C GLU A 73 1.82 19.37 -7.14
N HIS A 74 2.59 19.38 -6.06
CA HIS A 74 2.90 20.62 -5.35
C HIS A 74 1.63 21.29 -4.85
N MET A 1 6.24 -7.03 12.97
CA MET A 1 7.61 -7.24 12.51
C MET A 1 7.61 -7.70 11.06
N GLY A 2 7.10 -6.86 10.17
CA GLY A 2 7.06 -7.20 8.75
C GLY A 2 5.65 -7.47 8.26
N THR A 3 4.84 -6.41 8.20
CA THR A 3 3.46 -6.54 7.76
C THR A 3 3.02 -5.31 6.96
N ILE A 4 1.81 -5.35 6.42
CA ILE A 4 1.28 -4.25 5.63
C ILE A 4 1.34 -2.94 6.42
N ASP A 5 1.31 -3.05 7.74
CA ASP A 5 1.36 -1.87 8.61
C ASP A 5 2.66 -1.10 8.40
N ASP A 6 3.76 -1.84 8.29
CA ASP A 6 5.07 -1.22 8.08
C ASP A 6 5.06 -0.32 6.85
N ALA A 7 4.18 -0.62 5.90
CA ALA A 7 4.07 0.15 4.68
C ALA A 7 3.49 1.54 4.96
N PHE A 8 2.35 1.58 5.63
CA PHE A 8 1.68 2.83 5.96
C PHE A 8 2.67 3.80 6.63
N ARG A 9 3.60 3.24 7.39
CA ARG A 9 4.60 4.04 8.09
C ARG A 9 5.55 4.72 7.10
N ALA A 10 5.97 3.96 6.09
CA ALA A 10 6.87 4.49 5.07
C ALA A 10 6.20 5.55 4.23
N ILE A 11 4.87 5.47 4.11
CA ILE A 11 4.11 6.43 3.33
C ILE A 11 4.45 7.86 3.74
N GLU A 12 4.47 8.11 5.04
CA GLU A 12 4.79 9.44 5.56
C GLU A 12 6.09 9.96 4.97
N ARG A 13 7.03 9.05 4.74
CA ARG A 13 8.33 9.42 4.18
C ARG A 13 8.21 9.70 2.68
N ALA A 14 7.35 8.95 2.01
CA ALA A 14 7.15 9.12 0.58
C ALA A 14 6.70 10.54 0.25
N ILE A 15 5.67 11.00 0.95
CA ILE A 15 5.15 12.35 0.74
C ILE A 15 6.18 13.40 1.13
N GLN A 16 6.98 13.10 2.14
CA GLN A 16 8.01 14.02 2.61
C GLN A 16 8.94 14.42 1.47
N ALA A 17 9.03 13.58 0.45
CA ALA A 17 9.88 13.84 -0.69
C ALA A 17 9.64 15.24 -1.25
N GLU A 18 8.38 15.60 -1.40
CA GLU A 18 8.02 16.92 -1.91
C GLU A 18 8.59 17.13 -3.31
N ASN A 19 8.92 16.04 -3.98
CA ASN A 19 9.48 16.11 -5.33
C ASN A 19 9.63 14.70 -5.93
N GLU A 20 10.69 14.01 -5.52
CA GLU A 20 10.94 12.66 -6.02
C GLU A 20 12.24 12.10 -5.45
N GLY A 21 12.15 11.43 -4.31
CA GLY A 21 13.32 10.86 -3.68
C GLY A 21 13.07 9.49 -3.11
N ARG A 22 12.64 9.43 -1.86
CA ARG A 22 12.36 8.16 -1.20
C ARG A 22 11.00 7.62 -1.60
N TYR A 23 10.14 8.51 -2.10
CA TYR A 23 8.79 8.14 -2.52
C TYR A 23 8.83 6.90 -3.41
N ARG A 24 9.94 6.73 -4.14
CA ARG A 24 10.11 5.59 -5.03
C ARG A 24 10.25 4.29 -4.24
N GLU A 25 11.11 4.33 -3.22
CA GLU A 25 11.35 3.15 -2.39
C GLU A 25 10.20 2.93 -1.42
N ALA A 26 9.48 4.01 -1.10
CA ALA A 26 8.36 3.93 -0.18
C ALA A 26 7.20 3.13 -0.80
N LEU A 27 6.85 3.48 -2.02
CA LEU A 27 5.76 2.81 -2.73
C LEU A 27 6.12 1.36 -3.03
N LYS A 28 7.40 1.13 -3.33
CA LYS A 28 7.89 -0.21 -3.63
C LYS A 28 7.56 -1.17 -2.49
N HIS A 29 7.75 -0.72 -1.26
CA HIS A 29 7.48 -1.54 -0.09
C HIS A 29 5.98 -1.72 0.11
N PHE A 30 5.20 -0.77 -0.38
CA PHE A 30 3.75 -0.83 -0.27
C PHE A 30 3.17 -1.95 -1.13
N LEU A 31 3.63 -2.01 -2.38
CA LEU A 31 3.16 -3.03 -3.30
C LEU A 31 3.50 -4.43 -2.80
N ASP A 32 4.70 -4.58 -2.25
CA ASP A 32 5.15 -5.87 -1.72
C ASP A 32 4.40 -6.22 -0.43
N GLY A 33 4.02 -5.19 0.32
CA GLY A 33 3.30 -5.41 1.56
C GLY A 33 1.83 -5.70 1.34
N GLY A 34 1.25 -5.05 0.35
CA GLY A 34 -0.15 -5.26 0.05
C GLY A 34 -0.48 -6.71 -0.25
N GLU A 35 0.36 -7.35 -1.05
CA GLU A 35 0.16 -8.75 -1.41
C GLU A 35 -0.07 -9.61 -0.16
N MET A 36 0.50 -9.17 0.96
CA MET A 36 0.37 -9.89 2.22
C MET A 36 -1.10 -10.10 2.57
N ILE A 37 -1.95 -9.19 2.13
CA ILE A 37 -3.38 -9.27 2.38
C ILE A 37 -4.06 -10.25 1.44
N VAL A 38 -3.45 -10.46 0.28
CA VAL A 38 -4.00 -11.38 -0.72
C VAL A 38 -3.89 -12.82 -0.25
N THR A 39 -2.76 -13.16 0.38
CA THR A 39 -2.53 -14.50 0.87
C THR A 39 -3.71 -14.98 1.71
N ALA A 40 -4.38 -14.04 2.38
CA ALA A 40 -5.53 -14.37 3.21
C ALA A 40 -6.76 -14.68 2.36
N ALA A 41 -6.94 -13.93 1.29
CA ALA A 41 -8.07 -14.12 0.39
C ALA A 41 -7.88 -15.36 -0.47
N GLU A 42 -6.64 -15.61 -0.87
CA GLU A 42 -6.33 -16.77 -1.70
C GLU A 42 -6.55 -18.07 -0.94
N LYS A 43 -5.93 -18.17 0.24
CA LYS A 43 -6.05 -19.36 1.08
C LYS A 43 -7.50 -19.58 1.49
N GLU A 44 -8.29 -18.51 1.45
CA GLU A 44 -9.71 -18.59 1.82
C GLU A 44 -10.60 -18.68 0.59
N ALA A 45 -11.90 -18.67 0.80
CA ALA A 45 -12.86 -18.75 -0.29
C ALA A 45 -14.30 -18.65 0.22
N SER A 46 -15.13 -17.89 -0.48
CA SER A 46 -16.52 -17.72 -0.10
C SER A 46 -16.62 -17.09 1.29
N GLN A 47 -15.60 -16.33 1.67
CA GLN A 47 -15.57 -15.67 2.97
C GLN A 47 -15.98 -14.21 2.85
N LYS A 48 -16.65 -13.70 3.88
CA LYS A 48 -17.10 -12.32 3.90
C LYS A 48 -15.92 -11.36 3.99
N VAL A 49 -14.91 -11.74 4.76
CA VAL A 49 -13.72 -10.92 4.94
C VAL A 49 -12.80 -11.03 3.72
N ARG A 50 -12.79 -12.19 3.10
CA ARG A 50 -11.96 -12.42 1.92
C ARG A 50 -12.17 -11.32 0.88
N ASN A 51 -13.41 -10.86 0.77
CA ASN A 51 -13.76 -9.82 -0.19
C ASN A 51 -13.26 -8.45 0.29
N LEU A 52 -13.22 -8.27 1.61
CA LEU A 52 -12.77 -7.01 2.19
C LEU A 52 -11.24 -6.92 2.16
N LEU A 53 -10.59 -8.07 2.29
CA LEU A 53 -9.13 -8.12 2.28
C LEU A 53 -8.58 -7.64 0.95
N LEU A 54 -9.15 -8.16 -0.14
CA LEU A 54 -8.72 -7.79 -1.49
C LEU A 54 -9.23 -6.40 -1.86
N HIS A 55 -10.50 -6.14 -1.54
CA HIS A 55 -11.12 -4.85 -1.84
C HIS A 55 -10.38 -3.72 -1.13
N LYS A 56 -10.11 -3.90 0.16
CA LYS A 56 -9.41 -2.90 0.95
C LYS A 56 -7.93 -2.88 0.61
N GLY A 57 -7.38 -4.05 0.32
CA GLY A 57 -5.98 -4.15 -0.02
C GLY A 57 -5.64 -3.47 -1.34
N LYS A 58 -6.58 -3.55 -2.29
CA LYS A 58 -6.38 -2.95 -3.60
C LYS A 58 -6.58 -1.44 -3.54
N GLU A 59 -7.45 -1.00 -2.65
CA GLU A 59 -7.73 0.43 -2.49
C GLU A 59 -6.54 1.14 -1.86
N VAL A 60 -6.11 0.66 -0.70
CA VAL A 60 -4.98 1.26 0.01
C VAL A 60 -3.77 1.40 -0.92
N LEU A 61 -3.65 0.49 -1.87
CA LEU A 61 -2.54 0.51 -2.81
C LEU A 61 -2.73 1.61 -3.85
N GLU A 62 -3.99 1.85 -4.24
CA GLU A 62 -4.30 2.88 -5.21
C GLU A 62 -4.31 4.26 -4.57
N TRP A 63 -4.63 4.30 -3.28
CA TRP A 63 -4.69 5.56 -2.54
C TRP A 63 -3.28 6.05 -2.22
N ALA A 64 -2.45 5.15 -1.72
CA ALA A 64 -1.07 5.49 -1.37
C ALA A 64 -0.34 6.11 -2.55
N GLU A 65 -0.70 5.69 -3.75
CA GLU A 65 -0.08 6.20 -4.97
C GLU A 65 -0.60 7.59 -5.29
N HIS A 66 -1.79 7.91 -4.81
CA HIS A 66 -2.40 9.22 -5.05
C HIS A 66 -1.63 10.31 -4.33
N LEU A 67 -1.43 10.15 -3.04
CA LEU A 67 -0.71 11.13 -2.24
C LEU A 67 0.77 11.12 -2.58
N ALA A 68 1.28 9.96 -2.97
CA ALA A 68 2.69 9.81 -3.33
C ALA A 68 3.02 10.63 -4.57
N GLU A 69 2.08 10.71 -5.50
CA GLU A 69 2.27 11.46 -6.73
C GLU A 69 2.02 12.94 -6.51
N TRP A 70 1.28 13.26 -5.45
CA TRP A 70 0.97 14.65 -5.13
C TRP A 70 2.21 15.52 -5.25
N ILE A 71 3.36 14.97 -4.87
CA ILE A 71 4.62 15.71 -4.94
C ILE A 71 4.82 16.34 -6.31
N LEU A 72 4.54 15.57 -7.35
CA LEU A 72 4.69 16.05 -8.72
C LEU A 72 3.58 17.04 -9.07
N GLU A 73 2.35 16.72 -8.65
CA GLU A 73 1.21 17.59 -8.92
C GLU A 73 1.48 19.02 -8.44
N HIS A 74 2.30 19.14 -7.40
CA HIS A 74 2.64 20.45 -6.84
C HIS A 74 1.38 21.25 -6.53
N MET A 1 11.06 -6.15 13.83
CA MET A 1 11.15 -7.00 12.64
C MET A 1 10.52 -6.32 11.43
N GLY A 2 9.24 -5.96 11.56
CA GLY A 2 8.53 -5.31 10.48
C GLY A 2 7.07 -5.69 10.43
N THR A 3 6.24 -4.76 9.96
CA THR A 3 4.81 -5.00 9.87
C THR A 3 4.19 -4.19 8.73
N ILE A 4 3.14 -4.74 8.12
CA ILE A 4 2.46 -4.08 7.01
C ILE A 4 2.08 -2.65 7.38
N ASP A 5 1.58 -2.48 8.60
CA ASP A 5 1.18 -1.15 9.08
C ASP A 5 2.31 -0.15 8.91
N ASP A 6 3.55 -0.63 8.98
CA ASP A 6 4.72 0.23 8.83
C ASP A 6 4.78 0.82 7.44
N ALA A 7 4.36 0.05 6.44
CA ALA A 7 4.36 0.50 5.05
C ALA A 7 3.42 1.69 4.86
N PHE A 8 2.25 1.62 5.48
CA PHE A 8 1.26 2.69 5.39
C PHE A 8 1.70 3.90 6.20
N ARG A 9 2.40 3.65 7.30
CA ARG A 9 2.88 4.72 8.17
C ARG A 9 4.08 5.42 7.56
N ALA A 10 4.89 4.67 6.82
CA ALA A 10 6.08 5.21 6.18
C ALA A 10 5.71 6.05 4.95
N ILE A 11 4.57 5.72 4.35
CA ILE A 11 4.11 6.44 3.16
C ILE A 11 4.09 7.95 3.41
N GLU A 12 3.91 8.33 4.66
CA GLU A 12 3.87 9.74 5.02
C GLU A 12 5.21 10.41 4.74
N ARG A 13 6.30 9.67 4.96
CA ARG A 13 7.64 10.20 4.73
C ARG A 13 7.82 10.58 3.26
N ALA A 14 7.11 9.89 2.38
CA ALA A 14 7.19 10.16 0.95
C ALA A 14 6.49 11.46 0.60
N ILE A 15 5.25 11.61 1.05
CA ILE A 15 4.47 12.81 0.77
C ILE A 15 5.04 14.01 1.50
N GLN A 16 5.54 13.78 2.71
CA GLN A 16 6.11 14.86 3.51
C GLN A 16 7.35 15.44 2.84
N ALA A 17 7.97 14.64 1.98
CA ALA A 17 9.16 15.08 1.26
C ALA A 17 8.85 16.24 0.32
N GLU A 18 7.90 16.03 -0.58
CA GLU A 18 7.51 17.06 -1.53
C GLU A 18 8.67 17.42 -2.45
N ASN A 19 9.69 16.56 -2.47
CA ASN A 19 10.87 16.80 -3.30
C ASN A 19 11.92 15.71 -3.08
N GLU A 20 11.80 14.62 -3.84
CA GLU A 20 12.74 13.51 -3.73
C GLU A 20 12.80 12.72 -5.03
N GLY A 21 11.77 11.91 -5.26
CA GLY A 21 11.71 11.10 -6.47
C GLY A 21 11.86 9.62 -6.18
N ARG A 22 12.58 9.30 -5.13
CA ARG A 22 12.81 7.90 -4.74
C ARG A 22 11.47 7.21 -4.43
N TYR A 23 10.44 8.01 -4.19
CA TYR A 23 9.12 7.48 -3.87
C TYR A 23 8.75 6.36 -4.84
N ARG A 24 9.22 6.47 -6.08
CA ARG A 24 8.94 5.46 -7.09
C ARG A 24 9.45 4.09 -6.67
N GLU A 25 10.69 4.06 -6.17
CA GLU A 25 11.30 2.82 -5.72
C GLU A 25 10.74 2.38 -4.37
N ALA A 26 10.35 3.36 -3.56
CA ALA A 26 9.79 3.08 -2.24
C ALA A 26 8.40 2.46 -2.35
N LEU A 27 7.57 3.02 -3.23
CA LEU A 27 6.22 2.51 -3.44
C LEU A 27 6.23 1.03 -3.73
N LYS A 28 7.32 0.54 -4.32
CA LYS A 28 7.46 -0.87 -4.64
C LYS A 28 7.40 -1.73 -3.39
N HIS A 29 7.91 -1.19 -2.29
CA HIS A 29 7.92 -1.91 -1.02
C HIS A 29 6.54 -1.86 -0.36
N PHE A 30 5.87 -0.71 -0.49
CA PHE A 30 4.54 -0.54 0.11
C PHE A 30 3.50 -1.35 -0.67
N LEU A 31 3.62 -1.35 -1.99
CA LEU A 31 2.69 -2.07 -2.84
C LEU A 31 2.62 -3.55 -2.45
N ASP A 32 3.76 -4.11 -2.07
CA ASP A 32 3.84 -5.50 -1.66
C ASP A 32 3.17 -5.71 -0.31
N GLY A 33 3.01 -4.62 0.44
CA GLY A 33 2.40 -4.70 1.76
C GLY A 33 0.92 -5.07 1.68
N GLY A 34 0.22 -4.49 0.71
CA GLY A 34 -1.19 -4.76 0.56
C GLY A 34 -1.45 -6.12 -0.07
N GLU A 35 -0.62 -6.49 -1.04
CA GLU A 35 -0.76 -7.77 -1.73
C GLU A 35 -0.58 -8.93 -0.75
N MET A 36 0.00 -8.64 0.40
CA MET A 36 0.23 -9.66 1.42
C MET A 36 -1.08 -10.18 1.97
N ILE A 37 -1.99 -9.28 2.33
CA ILE A 37 -3.29 -9.66 2.86
C ILE A 37 -4.03 -10.59 1.90
N VAL A 38 -3.69 -10.49 0.62
CA VAL A 38 -4.32 -11.33 -0.39
C VAL A 38 -4.16 -12.81 -0.06
N THR A 39 -2.99 -13.18 0.44
CA THR A 39 -2.70 -14.56 0.80
C THR A 39 -3.80 -15.12 1.71
N ALA A 40 -4.41 -14.25 2.51
CA ALA A 40 -5.46 -14.67 3.42
C ALA A 40 -6.77 -14.91 2.67
N ALA A 41 -7.03 -14.09 1.66
CA ALA A 41 -8.24 -14.23 0.87
C ALA A 41 -8.15 -15.42 -0.09
N GLU A 42 -7.01 -15.53 -0.77
CA GLU A 42 -6.80 -16.62 -1.72
C GLU A 42 -6.97 -17.97 -1.03
N LYS A 43 -6.23 -18.19 0.04
CA LYS A 43 -6.30 -19.44 0.78
C LYS A 43 -7.72 -19.68 1.31
N GLU A 44 -8.47 -18.60 1.48
CA GLU A 44 -9.84 -18.70 1.97
C GLU A 44 -10.83 -18.81 0.81
N ALA A 45 -12.12 -18.82 1.13
CA ALA A 45 -13.16 -18.92 0.12
C ALA A 45 -14.54 -18.69 0.73
N SER A 46 -14.78 -19.32 1.88
CA SER A 46 -16.06 -19.19 2.55
C SER A 46 -16.01 -18.08 3.61
N GLN A 47 -15.51 -16.91 3.21
CA GLN A 47 -15.40 -15.79 4.12
C GLN A 47 -16.08 -14.55 3.54
N LYS A 48 -16.83 -13.84 4.39
CA LYS A 48 -17.53 -12.64 3.95
C LYS A 48 -16.59 -11.45 3.89
N VAL A 49 -15.58 -11.45 4.75
CA VAL A 49 -14.60 -10.37 4.79
C VAL A 49 -13.59 -10.50 3.65
N ARG A 50 -13.29 -11.74 3.28
CA ARG A 50 -12.34 -12.00 2.21
C ARG A 50 -12.58 -11.07 1.02
N ASN A 51 -13.85 -10.92 0.64
CA ASN A 51 -14.21 -10.05 -0.47
C ASN A 51 -13.64 -8.65 -0.29
N LEU A 52 -13.84 -8.09 0.90
CA LEU A 52 -13.35 -6.75 1.20
C LEU A 52 -11.83 -6.76 1.41
N LEU A 53 -11.31 -7.90 1.88
CA LEU A 53 -9.88 -8.03 2.11
C LEU A 53 -9.09 -7.79 0.82
N LEU A 54 -9.59 -8.34 -0.28
CA LEU A 54 -8.93 -8.18 -1.58
C LEU A 54 -9.19 -6.78 -2.15
N HIS A 55 -10.46 -6.39 -2.17
CA HIS A 55 -10.84 -5.08 -2.70
C HIS A 55 -10.08 -3.97 -1.98
N LYS A 56 -9.93 -4.10 -0.67
CA LYS A 56 -9.22 -3.11 0.13
C LYS A 56 -7.73 -3.12 -0.18
N GLY A 57 -7.21 -4.30 -0.52
CA GLY A 57 -5.79 -4.42 -0.85
C GLY A 57 -5.45 -3.74 -2.16
N LYS A 58 -6.18 -4.08 -3.22
CA LYS A 58 -5.94 -3.50 -4.53
C LYS A 58 -6.17 -1.99 -4.51
N GLU A 59 -6.95 -1.53 -3.54
CA GLU A 59 -7.25 -0.11 -3.40
C GLU A 59 -6.06 0.65 -2.83
N VAL A 60 -5.65 0.27 -1.62
CA VAL A 60 -4.52 0.91 -0.96
C VAL A 60 -3.30 0.95 -1.87
N LEU A 61 -3.19 -0.04 -2.74
CA LEU A 61 -2.06 -0.12 -3.67
C LEU A 61 -2.07 1.06 -4.62
N GLU A 62 -3.23 1.35 -5.20
CA GLU A 62 -3.36 2.46 -6.13
C GLU A 62 -3.47 3.79 -5.38
N TRP A 63 -4.04 3.74 -4.18
CA TRP A 63 -4.20 4.94 -3.36
C TRP A 63 -2.85 5.44 -2.86
N ALA A 64 -2.03 4.53 -2.36
CA ALA A 64 -0.71 4.87 -1.85
C ALA A 64 0.11 5.62 -2.90
N GLU A 65 -0.13 5.29 -4.17
CA GLU A 65 0.59 5.92 -5.27
C GLU A 65 0.06 7.33 -5.53
N HIS A 66 -1.18 7.57 -5.11
CA HIS A 66 -1.80 8.88 -5.30
C HIS A 66 -1.14 9.93 -4.42
N LEU A 67 -1.04 9.65 -3.13
CA LEU A 67 -0.41 10.57 -2.18
C LEU A 67 1.10 10.66 -2.42
N ALA A 68 1.68 9.54 -2.84
CA ALA A 68 3.11 9.49 -3.10
C ALA A 68 3.50 10.42 -4.25
N GLU A 69 2.62 10.52 -5.24
CA GLU A 69 2.87 11.38 -6.40
C GLU A 69 2.52 12.83 -6.09
N TRP A 70 1.66 13.02 -5.09
CA TRP A 70 1.24 14.36 -4.69
C TRP A 70 2.44 15.30 -4.60
N ILE A 71 3.57 14.76 -4.15
CA ILE A 71 4.79 15.55 -4.00
C ILE A 71 5.10 16.31 -5.28
N LEU A 72 4.98 15.63 -6.42
CA LEU A 72 5.24 16.24 -7.72
C LEU A 72 4.13 17.20 -8.11
N GLU A 73 2.89 16.81 -7.82
CA GLU A 73 1.74 17.64 -8.14
C GLU A 73 1.89 19.04 -7.55
N HIS A 74 2.59 19.13 -6.42
CA HIS A 74 2.82 20.41 -5.76
C HIS A 74 3.74 21.30 -6.60
N MET A 1 9.36 -7.68 12.00
CA MET A 1 7.92 -7.43 12.01
C MET A 1 7.39 -7.27 10.59
N GLY A 2 6.12 -7.58 10.39
CA GLY A 2 5.52 -7.46 9.07
C GLY A 2 4.01 -7.38 9.13
N THR A 3 3.49 -6.16 9.21
CA THR A 3 2.05 -5.94 9.28
C THR A 3 1.60 -4.91 8.25
N ILE A 4 0.40 -5.11 7.71
CA ILE A 4 -0.15 -4.19 6.71
C ILE A 4 -0.09 -2.75 7.19
N ASP A 5 -0.44 -2.55 8.47
CA ASP A 5 -0.42 -1.22 9.05
C ASP A 5 0.93 -0.54 8.83
N ASP A 6 1.98 -1.35 8.76
CA ASP A 6 3.34 -0.83 8.56
C ASP A 6 3.44 -0.12 7.22
N ALA A 7 2.72 -0.62 6.22
CA ALA A 7 2.74 -0.04 4.88
C ALA A 7 2.14 1.36 4.89
N PHE A 8 0.97 1.50 5.50
CA PHE A 8 0.30 2.79 5.59
C PHE A 8 1.11 3.78 6.42
N ARG A 9 1.82 3.26 7.41
CA ARG A 9 2.64 4.10 8.28
C ARG A 9 3.94 4.49 7.59
N ALA A 10 4.46 3.59 6.77
CA ALA A 10 5.70 3.83 6.05
C ALA A 10 5.48 4.79 4.88
N ILE A 11 4.26 4.81 4.36
CA ILE A 11 3.92 5.68 3.24
C ILE A 11 4.36 7.10 3.51
N GLU A 12 4.40 7.48 4.79
CA GLU A 12 4.79 8.83 5.18
C GLU A 12 6.18 9.16 4.63
N ARG A 13 7.04 8.15 4.55
CA ARG A 13 8.39 8.33 4.05
C ARG A 13 8.39 8.67 2.56
N ALA A 14 7.37 8.17 1.86
CA ALA A 14 7.25 8.42 0.43
C ALA A 14 6.86 9.87 0.15
N ILE A 15 5.85 10.35 0.87
CA ILE A 15 5.39 11.73 0.70
C ILE A 15 6.42 12.72 1.23
N GLN A 16 7.12 12.33 2.28
CA GLN A 16 8.13 13.20 2.89
C GLN A 16 9.18 13.60 1.86
N ALA A 17 9.34 12.78 0.82
CA ALA A 17 10.31 13.06 -0.23
C ALA A 17 10.13 14.47 -0.78
N GLU A 18 8.90 14.80 -1.15
CA GLU A 18 8.59 16.12 -1.70
C GLU A 18 9.38 16.38 -2.98
N ASN A 19 9.21 15.49 -3.96
CA ASN A 19 9.90 15.61 -5.23
C ASN A 19 11.41 15.50 -5.05
N GLU A 20 11.94 14.30 -5.26
CA GLU A 20 13.38 14.06 -5.11
C GLU A 20 13.81 12.82 -5.90
N GLY A 21 13.07 11.73 -5.72
CA GLY A 21 13.39 10.51 -6.42
C GLY A 21 13.22 9.27 -5.55
N ARG A 22 13.23 9.49 -4.23
CA ARG A 22 13.09 8.39 -3.29
C ARG A 22 11.64 7.91 -3.24
N TYR A 23 10.71 8.79 -3.56
CA TYR A 23 9.29 8.46 -3.55
C TYR A 23 9.03 7.20 -4.36
N ARG A 24 9.83 6.99 -5.41
CA ARG A 24 9.67 5.82 -6.26
C ARG A 24 10.01 4.54 -5.50
N GLU A 25 11.13 4.56 -4.78
CA GLU A 25 11.56 3.40 -4.01
C GLU A 25 10.72 3.25 -2.74
N ALA A 26 10.17 4.36 -2.27
CA ALA A 26 9.35 4.35 -1.07
C ALA A 26 8.06 3.58 -1.29
N LEU A 27 7.45 3.75 -2.47
CA LEU A 27 6.21 3.07 -2.81
C LEU A 27 6.43 1.56 -2.88
N LYS A 28 7.65 1.16 -3.23
CA LYS A 28 7.98 -0.25 -3.34
C LYS A 28 7.60 -1.01 -2.07
N HIS A 29 7.94 -0.43 -0.92
CA HIS A 29 7.64 -1.05 0.37
C HIS A 29 6.13 -1.22 0.54
N PHE A 30 5.36 -0.37 -0.14
CA PHE A 30 3.90 -0.42 -0.06
C PHE A 30 3.36 -1.56 -0.91
N LEU A 31 3.92 -1.72 -2.10
CA LEU A 31 3.49 -2.78 -3.01
C LEU A 31 3.70 -4.16 -2.39
N ASP A 32 4.72 -4.27 -1.55
CA ASP A 32 5.03 -5.54 -0.89
C ASP A 32 3.98 -5.86 0.17
N GLY A 33 3.37 -4.82 0.74
CA GLY A 33 2.35 -5.02 1.75
C GLY A 33 1.02 -5.44 1.17
N GLY A 34 0.61 -4.78 0.10
CA GLY A 34 -0.66 -5.10 -0.54
C GLY A 34 -0.75 -6.56 -0.94
N GLU A 35 0.41 -7.16 -1.24
CA GLU A 35 0.46 -8.56 -1.65
C GLU A 35 0.32 -9.48 -0.44
N MET A 36 0.54 -8.93 0.75
CA MET A 36 0.45 -9.70 1.99
C MET A 36 -1.01 -10.03 2.31
N ILE A 37 -1.89 -9.06 2.08
CA ILE A 37 -3.31 -9.25 2.35
C ILE A 37 -3.99 -10.04 1.23
N VAL A 38 -3.41 -9.96 0.03
CA VAL A 38 -3.95 -10.67 -1.12
C VAL A 38 -3.70 -12.17 -1.02
N THR A 39 -2.45 -12.54 -0.75
CA THR A 39 -2.08 -13.94 -0.62
C THR A 39 -3.00 -14.66 0.37
N ALA A 40 -3.50 -13.93 1.35
CA ALA A 40 -4.39 -14.50 2.35
C ALA A 40 -5.78 -14.75 1.78
N ALA A 41 -6.30 -13.77 1.03
CA ALA A 41 -7.61 -13.88 0.43
C ALA A 41 -7.61 -14.93 -0.70
N GLU A 42 -6.46 -15.05 -1.37
CA GLU A 42 -6.33 -16.01 -2.47
C GLU A 42 -6.19 -17.43 -1.94
N LYS A 43 -5.54 -17.57 -0.79
CA LYS A 43 -5.34 -18.88 -0.18
C LYS A 43 -6.53 -19.26 0.68
N GLU A 44 -7.27 -18.25 1.15
CA GLU A 44 -8.44 -18.49 1.98
C GLU A 44 -9.68 -18.73 1.13
N ALA A 45 -10.82 -18.90 1.79
CA ALA A 45 -12.08 -19.13 1.09
C ALA A 45 -13.25 -19.22 2.07
N SER A 46 -14.43 -18.81 1.62
CA SER A 46 -15.62 -18.84 2.46
C SER A 46 -15.46 -17.91 3.65
N GLN A 47 -14.66 -16.86 3.48
CA GLN A 47 -14.43 -15.89 4.54
C GLN A 47 -15.11 -14.56 4.22
N LYS A 48 -15.70 -13.94 5.24
CA LYS A 48 -16.38 -12.67 5.07
C LYS A 48 -15.38 -11.53 4.91
N VAL A 49 -14.24 -11.65 5.59
CA VAL A 49 -13.21 -10.64 5.53
C VAL A 49 -12.41 -10.74 4.23
N ARG A 50 -12.20 -11.97 3.77
CA ARG A 50 -11.45 -12.21 2.55
C ARG A 50 -11.88 -11.23 1.45
N ASN A 51 -13.18 -11.00 1.35
CA ASN A 51 -13.72 -10.09 0.35
C ASN A 51 -13.18 -8.68 0.54
N LEU A 52 -13.22 -8.20 1.78
CA LEU A 52 -12.73 -6.87 2.10
C LEU A 52 -11.21 -6.81 1.99
N LEU A 53 -10.55 -7.92 2.29
CA LEU A 53 -9.10 -7.99 2.22
C LEU A 53 -8.60 -7.62 0.83
N LEU A 54 -9.30 -8.10 -0.20
CA LEU A 54 -8.93 -7.82 -1.58
C LEU A 54 -9.27 -6.38 -1.95
N HIS A 55 -10.52 -5.99 -1.68
CA HIS A 55 -10.97 -4.63 -1.99
C HIS A 55 -10.02 -3.60 -1.39
N LYS A 56 -9.64 -3.81 -0.14
CA LYS A 56 -8.74 -2.90 0.55
C LYS A 56 -7.31 -3.07 0.06
N GLY A 57 -7.02 -4.24 -0.52
CA GLY A 57 -5.69 -4.51 -1.01
C GLY A 57 -5.34 -3.69 -2.25
N LYS A 58 -6.20 -3.77 -3.26
CA LYS A 58 -5.98 -3.03 -4.50
C LYS A 58 -6.34 -1.56 -4.32
N GLU A 59 -7.13 -1.26 -3.29
CA GLU A 59 -7.54 0.11 -3.01
C GLU A 59 -6.40 0.90 -2.39
N VAL A 60 -5.92 0.45 -1.24
CA VAL A 60 -4.82 1.13 -0.55
C VAL A 60 -3.63 1.34 -1.49
N LEU A 61 -3.47 0.44 -2.45
CA LEU A 61 -2.38 0.53 -3.41
C LEU A 61 -2.57 1.71 -4.35
N GLU A 62 -3.75 1.77 -4.97
CA GLU A 62 -4.06 2.85 -5.90
C GLU A 62 -4.19 4.18 -5.16
N TRP A 63 -4.64 4.12 -3.91
CA TRP A 63 -4.81 5.32 -3.10
C TRP A 63 -3.46 5.83 -2.62
N ALA A 64 -2.57 4.91 -2.25
CA ALA A 64 -1.24 5.28 -1.77
C ALA A 64 -0.45 6.00 -2.84
N GLU A 65 -0.73 5.69 -4.11
CA GLU A 65 -0.05 6.31 -5.23
C GLU A 65 -0.55 7.74 -5.46
N HIS A 66 -1.76 8.00 -4.98
CA HIS A 66 -2.36 9.34 -5.13
C HIS A 66 -1.61 10.36 -4.29
N LEU A 67 -1.42 10.06 -3.02
CA LEU A 67 -0.71 10.97 -2.11
C LEU A 67 0.77 11.02 -2.46
N ALA A 68 1.31 9.91 -2.93
CA ALA A 68 2.72 9.84 -3.29
C ALA A 68 3.04 10.76 -4.46
N GLU A 69 2.08 10.91 -5.37
CA GLU A 69 2.26 11.77 -6.53
C GLU A 69 2.00 13.23 -6.17
N TRP A 70 1.27 13.45 -5.08
CA TRP A 70 0.97 14.80 -4.63
C TRP A 70 2.20 15.68 -4.67
N ILE A 71 3.35 15.11 -4.35
CA ILE A 71 4.61 15.84 -4.35
C ILE A 71 4.80 16.60 -5.66
N LEU A 72 4.52 15.93 -6.77
CA LEU A 72 4.66 16.54 -8.09
C LEU A 72 3.54 17.56 -8.33
N GLU A 73 2.32 17.21 -7.93
CA GLU A 73 1.18 18.10 -8.11
C GLU A 73 1.47 19.48 -7.55
N HIS A 74 2.30 19.53 -6.51
CA HIS A 74 2.66 20.79 -5.88
C HIS A 74 4.07 20.73 -5.31
N MET A 1 10.11 -6.37 13.54
CA MET A 1 9.22 -5.53 12.76
C MET A 1 8.93 -6.16 11.40
N GLY A 2 7.70 -5.99 10.92
CA GLY A 2 7.32 -6.56 9.64
C GLY A 2 5.83 -6.78 9.53
N THR A 3 5.06 -5.70 9.51
CA THR A 3 3.60 -5.79 9.41
C THR A 3 3.06 -4.78 8.41
N ILE A 4 1.97 -5.14 7.75
CA ILE A 4 1.35 -4.27 6.76
C ILE A 4 1.11 -2.88 7.33
N ASP A 5 0.70 -2.84 8.60
CA ASP A 5 0.43 -1.56 9.26
C ASP A 5 1.63 -0.63 9.16
N ASP A 6 2.83 -1.21 9.10
CA ASP A 6 4.05 -0.43 9.01
C ASP A 6 4.11 0.31 7.67
N ALA A 7 3.51 -0.27 6.64
CA ALA A 7 3.49 0.34 5.31
C ALA A 7 2.67 1.64 5.32
N PHE A 8 1.51 1.58 5.94
CA PHE A 8 0.63 2.74 6.01
C PHE A 8 1.26 3.85 6.84
N ARG A 9 2.03 3.46 7.85
CA ARG A 9 2.70 4.42 8.73
C ARG A 9 3.92 5.01 8.06
N ALA A 10 4.60 4.21 7.24
CA ALA A 10 5.78 4.66 6.53
C ALA A 10 5.42 5.56 5.35
N ILE A 11 4.22 5.37 4.83
CA ILE A 11 3.75 6.17 3.70
C ILE A 11 3.93 7.66 3.96
N GLU A 12 3.89 8.03 5.24
CA GLU A 12 4.06 9.43 5.63
C GLU A 12 5.42 9.96 5.18
N ARG A 13 6.43 9.12 5.27
CA ARG A 13 7.79 9.50 4.87
C ARG A 13 7.85 9.78 3.36
N ALA A 14 7.00 9.10 2.60
CA ALA A 14 6.96 9.26 1.16
C ALA A 14 6.47 10.66 0.78
N ILE A 15 5.34 11.05 1.35
CA ILE A 15 4.76 12.37 1.07
C ILE A 15 5.59 13.48 1.70
N GLN A 16 6.17 13.18 2.86
CA GLN A 16 6.99 14.16 3.57
C GLN A 16 8.20 14.57 2.73
N ALA A 17 8.58 13.70 1.80
CA ALA A 17 9.73 13.97 0.93
C ALA A 17 9.62 15.35 0.31
N GLU A 18 8.47 15.64 -0.30
CA GLU A 18 8.26 16.93 -0.94
C GLU A 18 9.24 17.14 -2.10
N ASN A 19 8.72 17.09 -3.32
CA ASN A 19 9.55 17.28 -4.51
C ASN A 19 10.71 16.29 -4.52
N GLU A 20 10.47 15.10 -5.07
CA GLU A 20 11.50 14.07 -5.15
C GLU A 20 11.13 13.01 -6.17
N GLY A 21 11.98 11.99 -6.29
CA GLY A 21 11.73 10.92 -7.23
C GLY A 21 12.02 9.55 -6.66
N ARG A 22 12.30 9.51 -5.36
CA ARG A 22 12.60 8.25 -4.69
C ARG A 22 11.32 7.51 -4.33
N TYR A 23 10.22 8.24 -4.28
CA TYR A 23 8.92 7.65 -3.94
C TYR A 23 8.67 6.39 -4.76
N ARG A 24 9.23 6.35 -5.96
CA ARG A 24 9.06 5.20 -6.84
C ARG A 24 9.66 3.95 -6.21
N GLU A 25 10.87 4.08 -5.67
CA GLU A 25 11.55 2.96 -5.04
C GLU A 25 10.97 2.67 -3.67
N ALA A 26 10.40 3.70 -3.04
CA ALA A 26 9.80 3.55 -1.72
C ALA A 26 8.46 2.84 -1.79
N LEU A 27 7.67 3.19 -2.80
CA LEU A 27 6.36 2.58 -2.99
C LEU A 27 6.47 1.07 -3.14
N LYS A 28 7.61 0.63 -3.67
CA LYS A 28 7.86 -0.80 -3.87
C LYS A 28 7.59 -1.58 -2.58
N HIS A 29 8.11 -1.07 -1.47
CA HIS A 29 7.93 -1.72 -0.17
C HIS A 29 6.46 -1.82 0.18
N PHE A 30 5.66 -0.87 -0.32
CA PHE A 30 4.22 -0.86 -0.05
C PHE A 30 3.50 -1.89 -0.91
N LEU A 31 3.91 -1.99 -2.18
CA LEU A 31 3.29 -2.94 -3.10
C LEU A 31 3.44 -4.38 -2.59
N ASP A 32 4.52 -4.63 -1.86
CA ASP A 32 4.77 -5.95 -1.30
C ASP A 32 3.79 -6.27 -0.18
N GLY A 33 3.28 -5.23 0.46
CA GLY A 33 2.34 -5.41 1.55
C GLY A 33 0.96 -5.78 1.07
N GLY A 34 0.42 -5.00 0.14
CA GLY A 34 -0.90 -5.26 -0.39
C GLY A 34 -1.03 -6.67 -0.94
N GLU A 35 0.07 -7.20 -1.48
CA GLU A 35 0.06 -8.54 -2.05
C GLU A 35 0.14 -9.60 -0.95
N MET A 36 0.65 -9.19 0.21
CA MET A 36 0.78 -10.11 1.35
C MET A 36 -0.58 -10.37 1.98
N ILE A 37 -1.48 -9.40 1.89
CA ILE A 37 -2.81 -9.53 2.45
C ILE A 37 -3.72 -10.35 1.53
N VAL A 38 -3.41 -10.33 0.24
CA VAL A 38 -4.20 -11.06 -0.75
C VAL A 38 -4.07 -12.57 -0.55
N THR A 39 -2.87 -13.02 -0.20
CA THR A 39 -2.62 -14.43 0.03
C THR A 39 -3.63 -15.02 1.01
N ALA A 40 -4.13 -14.18 1.91
CA ALA A 40 -5.10 -14.62 2.90
C ALA A 40 -6.47 -14.85 2.25
N ALA A 41 -6.82 -13.99 1.30
CA ALA A 41 -8.09 -14.10 0.60
C ALA A 41 -8.09 -15.25 -0.39
N GLU A 42 -7.00 -15.35 -1.16
CA GLU A 42 -6.86 -16.41 -2.16
C GLU A 42 -6.99 -17.79 -1.50
N LYS A 43 -6.15 -18.04 -0.51
CA LYS A 43 -6.15 -19.32 0.21
C LYS A 43 -7.50 -19.55 0.88
N GLU A 44 -8.23 -18.47 1.13
CA GLU A 44 -9.53 -18.56 1.78
C GLU A 44 -10.64 -18.68 0.75
N ALA A 45 -11.88 -18.75 1.21
CA ALA A 45 -13.03 -18.87 0.33
C ALA A 45 -14.33 -18.62 1.09
N SER A 46 -14.49 -19.31 2.22
CA SER A 46 -15.70 -19.16 3.03
C SER A 46 -15.53 -18.05 4.06
N GLN A 47 -15.06 -16.90 3.60
CA GLN A 47 -14.85 -15.75 4.48
C GLN A 47 -15.59 -14.52 3.96
N LYS A 48 -16.31 -13.85 4.85
CA LYS A 48 -17.06 -12.65 4.48
C LYS A 48 -16.13 -11.44 4.37
N VAL A 49 -15.06 -11.45 5.16
CA VAL A 49 -14.10 -10.36 5.16
C VAL A 49 -13.17 -10.44 3.94
N ARG A 50 -12.90 -11.65 3.49
CA ARG A 50 -12.03 -11.88 2.34
C ARG A 50 -12.37 -10.89 1.22
N ASN A 51 -13.66 -10.74 0.94
CA ASN A 51 -14.11 -9.83 -0.11
C ASN A 51 -13.53 -8.44 0.08
N LEU A 52 -13.62 -7.93 1.31
CA LEU A 52 -13.10 -6.60 1.63
C LEU A 52 -11.58 -6.62 1.71
N LEU A 53 -11.03 -7.77 2.09
CA LEU A 53 -9.58 -7.92 2.21
C LEU A 53 -8.89 -7.63 0.87
N LEU A 54 -9.48 -8.15 -0.21
CA LEU A 54 -8.93 -7.94 -1.54
C LEU A 54 -9.22 -6.54 -2.05
N HIS A 55 -10.49 -6.14 -1.98
CA HIS A 55 -10.90 -4.82 -2.42
C HIS A 55 -10.09 -3.73 -1.73
N LYS A 56 -9.84 -3.93 -0.44
CA LYS A 56 -9.07 -2.96 0.35
C LYS A 56 -7.61 -2.94 -0.09
N GLY A 57 -7.11 -4.09 -0.52
CA GLY A 57 -5.73 -4.18 -0.96
C GLY A 57 -5.48 -3.44 -2.25
N LYS A 58 -6.30 -3.72 -3.27
CA LYS A 58 -6.16 -3.07 -4.57
C LYS A 58 -6.41 -1.57 -4.45
N GLU A 59 -7.16 -1.17 -3.42
CA GLU A 59 -7.46 0.23 -3.19
C GLU A 59 -6.29 0.95 -2.54
N VAL A 60 -5.91 0.49 -1.35
CA VAL A 60 -4.79 1.09 -0.62
C VAL A 60 -3.55 1.19 -1.49
N LEU A 61 -3.42 0.26 -2.43
CA LEU A 61 -2.27 0.23 -3.33
C LEU A 61 -2.39 1.34 -4.38
N GLU A 62 -3.61 1.60 -4.84
CA GLU A 62 -3.85 2.64 -5.83
C GLU A 62 -3.86 4.02 -5.19
N TRP A 63 -4.31 4.08 -3.93
CA TRP A 63 -4.36 5.34 -3.21
C TRP A 63 -2.98 5.77 -2.75
N ALA A 64 -2.20 4.81 -2.26
CA ALA A 64 -0.85 5.08 -1.79
C ALA A 64 -0.02 5.80 -2.86
N GLU A 65 -0.28 5.46 -4.12
CA GLU A 65 0.43 6.07 -5.24
C GLU A 65 -0.07 7.49 -5.49
N HIS A 66 -1.31 7.75 -5.10
CA HIS A 66 -1.91 9.07 -5.28
C HIS A 66 -1.21 10.11 -4.42
N LEU A 67 -1.14 9.84 -3.13
CA LEU A 67 -0.50 10.77 -2.19
C LEU A 67 1.01 10.79 -2.40
N ALA A 68 1.57 9.65 -2.80
CA ALA A 68 3.00 9.55 -3.04
C ALA A 68 3.43 10.44 -4.20
N GLU A 69 2.56 10.56 -5.19
CA GLU A 69 2.85 11.39 -6.35
C GLU A 69 2.60 12.86 -6.06
N TRP A 70 1.77 13.12 -5.05
CA TRP A 70 1.44 14.49 -4.66
C TRP A 70 2.70 15.36 -4.62
N ILE A 71 3.80 14.77 -4.18
CA ILE A 71 5.07 15.49 -4.09
C ILE A 71 5.40 16.21 -5.40
N LEU A 72 5.19 15.50 -6.51
CA LEU A 72 5.46 16.06 -7.83
C LEU A 72 4.40 17.09 -8.22
N GLU A 73 3.15 16.78 -7.89
CA GLU A 73 2.04 17.67 -8.20
C GLU A 73 2.26 19.04 -7.57
N HIS A 74 2.94 19.06 -6.43
CA HIS A 74 3.22 20.31 -5.72
C HIS A 74 4.43 21.02 -6.33
N MET A 1 9.91 -3.40 14.02
CA MET A 1 8.57 -3.93 13.75
C MET A 1 8.59 -4.85 12.53
N GLY A 2 7.44 -5.44 12.23
CA GLY A 2 7.35 -6.33 11.08
C GLY A 2 5.91 -6.59 10.68
N THR A 3 5.15 -5.53 10.44
CA THR A 3 3.75 -5.66 10.05
C THR A 3 3.40 -4.66 8.94
N ILE A 4 2.42 -5.02 8.13
CA ILE A 4 1.98 -4.16 7.04
C ILE A 4 1.69 -2.75 7.54
N ASP A 5 1.25 -2.65 8.78
CA ASP A 5 0.93 -1.35 9.38
C ASP A 5 2.12 -0.41 9.29
N ASP A 6 3.33 -0.98 9.31
CA ASP A 6 4.54 -0.19 9.24
C ASP A 6 4.65 0.53 7.89
N ALA A 7 3.96 0.00 6.88
CA ALA A 7 3.98 0.58 5.55
C ALA A 7 3.07 1.80 5.48
N PHE A 8 1.80 1.62 5.86
CA PHE A 8 0.82 2.70 5.84
C PHE A 8 1.37 3.93 6.57
N ARG A 9 1.91 3.71 7.77
CA ARG A 9 2.45 4.80 8.56
C ARG A 9 3.58 5.51 7.82
N ALA A 10 4.34 4.76 7.03
CA ALA A 10 5.44 5.31 6.26
C ALA A 10 4.93 6.14 5.09
N ILE A 11 3.80 5.71 4.52
CA ILE A 11 3.20 6.41 3.39
C ILE A 11 3.00 7.88 3.70
N GLU A 12 2.44 8.17 4.88
CA GLU A 12 2.19 9.55 5.29
C GLU A 12 3.50 10.34 5.34
N ARG A 13 4.59 9.64 5.64
CA ARG A 13 5.89 10.29 5.72
C ARG A 13 6.44 10.59 4.34
N ALA A 14 6.06 9.78 3.36
CA ALA A 14 6.51 9.96 1.99
C ALA A 14 5.97 11.25 1.40
N ILE A 15 4.65 11.44 1.51
CA ILE A 15 4.01 12.64 0.98
C ILE A 15 4.54 13.89 1.67
N GLN A 16 4.80 13.79 2.97
CA GLN A 16 5.30 14.91 3.74
C GLN A 16 6.68 15.33 3.25
N ALA A 17 7.39 14.40 2.61
CA ALA A 17 8.72 14.67 2.09
C ALA A 17 8.70 15.88 1.16
N GLU A 18 7.73 15.92 0.26
CA GLU A 18 7.60 17.02 -0.68
C GLU A 18 8.81 17.06 -1.61
N ASN A 19 9.33 15.89 -1.97
CA ASN A 19 10.48 15.79 -2.85
C ASN A 19 10.33 14.62 -3.82
N GLU A 20 11.08 14.66 -4.91
CA GLU A 20 11.03 13.59 -5.91
C GLU A 20 12.39 12.90 -6.04
N GLY A 21 12.45 11.65 -5.60
CA GLY A 21 13.69 10.90 -5.66
C GLY A 21 13.48 9.41 -5.41
N ARG A 22 14.06 8.92 -4.32
CA ARG A 22 13.94 7.51 -3.97
C ARG A 22 12.50 7.16 -3.62
N TYR A 23 11.72 8.17 -3.24
CA TYR A 23 10.33 7.97 -2.88
C TYR A 23 9.58 7.18 -3.96
N ARG A 24 10.02 7.36 -5.20
CA ARG A 24 9.40 6.66 -6.33
C ARG A 24 9.56 5.15 -6.19
N GLU A 25 10.76 4.71 -5.82
CA GLU A 25 11.03 3.29 -5.64
C GLU A 25 10.41 2.77 -4.36
N ALA A 26 10.33 3.63 -3.35
CA ALA A 26 9.75 3.25 -2.07
C ALA A 26 8.38 2.61 -2.25
N LEU A 27 7.57 3.20 -3.13
CA LEU A 27 6.23 2.69 -3.39
C LEU A 27 6.28 1.21 -3.75
N LYS A 28 7.31 0.81 -4.48
CA LYS A 28 7.47 -0.58 -4.89
C LYS A 28 7.39 -1.52 -3.69
N HIS A 29 7.78 -1.01 -2.53
CA HIS A 29 7.74 -1.80 -1.29
C HIS A 29 6.33 -1.89 -0.74
N PHE A 30 5.58 -0.81 -0.87
CA PHE A 30 4.20 -0.76 -0.39
C PHE A 30 3.34 -1.80 -1.10
N LEU A 31 3.45 -1.83 -2.43
CA LEU A 31 2.68 -2.78 -3.24
C LEU A 31 3.22 -4.19 -3.08
N ASP A 32 4.54 -4.31 -2.96
CA ASP A 32 5.18 -5.61 -2.80
C ASP A 32 4.52 -6.41 -1.69
N GLY A 33 4.33 -5.78 -0.53
CA GLY A 33 3.70 -6.45 0.58
C GLY A 33 2.22 -6.68 0.36
N GLY A 34 1.61 -5.83 -0.46
CA GLY A 34 0.17 -5.96 -0.73
C GLY A 34 -0.18 -7.32 -1.27
N GLU A 35 0.75 -7.96 -1.96
CA GLU A 35 0.52 -9.28 -2.53
C GLU A 35 0.06 -10.26 -1.46
N MET A 36 0.39 -9.96 -0.20
CA MET A 36 0.01 -10.82 0.91
C MET A 36 -1.48 -10.71 1.20
N ILE A 37 -2.06 -9.55 0.88
CA ILE A 37 -3.47 -9.32 1.11
C ILE A 37 -4.32 -10.13 0.14
N VAL A 38 -3.76 -10.44 -1.02
CA VAL A 38 -4.46 -11.21 -2.04
C VAL A 38 -4.46 -12.69 -1.69
N THR A 39 -3.28 -13.24 -1.47
CA THR A 39 -3.14 -14.65 -1.13
C THR A 39 -4.08 -15.04 -0.01
N ALA A 40 -4.15 -14.21 1.02
CA ALA A 40 -5.02 -14.47 2.16
C ALA A 40 -6.47 -14.64 1.71
N ALA A 41 -6.88 -13.85 0.73
CA ALA A 41 -8.23 -13.91 0.21
C ALA A 41 -8.43 -15.14 -0.66
N GLU A 42 -7.53 -15.33 -1.61
CA GLU A 42 -7.60 -16.46 -2.52
C GLU A 42 -7.69 -17.78 -1.75
N LYS A 43 -6.74 -17.99 -0.85
CA LYS A 43 -6.71 -19.21 -0.03
C LYS A 43 -8.04 -19.42 0.67
N GLU A 44 -8.74 -18.32 0.96
CA GLU A 44 -10.02 -18.38 1.64
C GLU A 44 -11.17 -18.25 0.64
N ALA A 45 -12.38 -18.09 1.16
CA ALA A 45 -13.56 -17.95 0.32
C ALA A 45 -14.81 -17.69 1.15
N SER A 46 -14.96 -18.46 2.23
CA SER A 46 -16.12 -18.33 3.12
C SER A 46 -15.80 -17.40 4.28
N GLN A 47 -15.08 -16.33 4.00
CA GLN A 47 -14.71 -15.36 5.02
C GLN A 47 -15.19 -13.96 4.66
N LYS A 48 -15.73 -13.25 5.64
CA LYS A 48 -16.23 -11.90 5.42
C LYS A 48 -15.09 -10.93 5.18
N VAL A 49 -13.97 -11.16 5.85
CA VAL A 49 -12.79 -10.30 5.71
C VAL A 49 -12.07 -10.58 4.39
N ARG A 50 -12.15 -11.82 3.92
CA ARG A 50 -11.51 -12.22 2.69
C ARG A 50 -11.84 -11.24 1.56
N ASN A 51 -13.13 -10.97 1.37
CA ASN A 51 -13.57 -10.05 0.34
C ASN A 51 -13.05 -8.64 0.60
N LEU A 52 -12.82 -8.33 1.86
CA LEU A 52 -12.31 -7.01 2.25
C LEU A 52 -10.82 -6.90 1.98
N LEU A 53 -10.12 -8.04 2.07
CA LEU A 53 -8.68 -8.07 1.84
C LEU A 53 -8.35 -7.59 0.44
N LEU A 54 -9.09 -8.09 -0.55
CA LEU A 54 -8.87 -7.72 -1.95
C LEU A 54 -9.43 -6.33 -2.22
N HIS A 55 -10.61 -6.05 -1.68
CA HIS A 55 -11.27 -4.76 -1.87
C HIS A 55 -10.39 -3.64 -1.33
N LYS A 56 -9.95 -3.77 -0.09
CA LYS A 56 -9.10 -2.76 0.54
C LYS A 56 -7.67 -2.84 0.01
N GLY A 57 -7.23 -4.06 -0.29
CA GLY A 57 -5.88 -4.24 -0.80
C GLY A 57 -5.67 -3.56 -2.15
N LYS A 58 -6.67 -3.64 -3.01
CA LYS A 58 -6.59 -3.02 -4.34
C LYS A 58 -6.75 -1.50 -4.23
N GLU A 59 -7.53 -1.06 -3.25
CA GLU A 59 -7.76 0.37 -3.05
C GLU A 59 -6.54 1.03 -2.42
N VAL A 60 -6.12 0.51 -1.27
CA VAL A 60 -4.98 1.06 -0.55
C VAL A 60 -3.76 1.15 -1.48
N LEU A 61 -3.68 0.24 -2.43
CA LEU A 61 -2.56 0.22 -3.37
C LEU A 61 -2.70 1.32 -4.41
N GLU A 62 -3.95 1.64 -4.77
CA GLU A 62 -4.23 2.68 -5.74
C GLU A 62 -4.17 4.06 -5.10
N TRP A 63 -4.56 4.13 -3.83
CA TRP A 63 -4.56 5.39 -3.10
C TRP A 63 -3.14 5.78 -2.69
N ALA A 64 -2.40 4.83 -2.13
CA ALA A 64 -1.04 5.07 -1.70
C ALA A 64 -0.21 5.70 -2.81
N GLU A 65 -0.51 5.31 -4.05
CA GLU A 65 0.21 5.84 -5.21
C GLU A 65 -0.27 7.25 -5.54
N HIS A 66 -1.54 7.51 -5.29
CA HIS A 66 -2.12 8.82 -5.56
C HIS A 66 -1.40 9.91 -4.78
N LEU A 67 -1.34 9.75 -3.47
CA LEU A 67 -0.67 10.72 -2.61
C LEU A 67 0.84 10.68 -2.81
N ALA A 68 1.38 9.48 -2.98
CA ALA A 68 2.82 9.31 -3.19
C ALA A 68 3.27 10.01 -4.46
N GLU A 69 2.35 10.15 -5.43
CA GLU A 69 2.67 10.80 -6.69
C GLU A 69 2.63 12.32 -6.54
N TRP A 70 1.89 12.80 -5.54
CA TRP A 70 1.77 14.23 -5.30
C TRP A 70 3.13 14.91 -5.31
N ILE A 71 4.06 14.36 -4.53
CA ILE A 71 5.40 14.91 -4.45
C ILE A 71 6.00 15.10 -5.85
N LEU A 72 5.67 14.20 -6.75
CA LEU A 72 6.17 14.27 -8.12
C LEU A 72 5.52 15.42 -8.88
N GLU A 73 4.20 15.51 -8.79
CA GLU A 73 3.47 16.57 -9.47
C GLU A 73 3.94 17.95 -9.01
N HIS A 74 4.43 18.02 -7.77
CA HIS A 74 4.92 19.27 -7.22
C HIS A 74 6.43 19.39 -7.37
N MET A 1 8.14 -4.88 10.98
CA MET A 1 6.86 -5.36 11.48
C MET A 1 6.13 -6.17 10.40
N GLY A 2 5.55 -7.30 10.80
CA GLY A 2 4.84 -8.14 9.87
C GLY A 2 3.34 -7.99 9.97
N THR A 3 2.85 -6.81 9.58
CA THR A 3 1.41 -6.52 9.64
C THR A 3 1.04 -5.44 8.65
N ILE A 4 -0.18 -5.50 8.12
CA ILE A 4 -0.67 -4.52 7.17
C ILE A 4 -0.48 -3.10 7.71
N ASP A 5 -0.80 -2.92 8.98
CA ASP A 5 -0.68 -1.61 9.62
C ASP A 5 0.72 -1.03 9.40
N ASP A 6 1.71 -1.92 9.28
CA ASP A 6 3.09 -1.50 9.07
C ASP A 6 3.23 -0.73 7.76
N ALA A 7 2.49 -1.15 6.75
CA ALA A 7 2.53 -0.50 5.45
C ALA A 7 2.04 0.94 5.54
N PHE A 8 0.89 1.12 6.17
CA PHE A 8 0.31 2.45 6.32
C PHE A 8 1.24 3.37 7.11
N ARG A 9 1.99 2.77 8.05
CA ARG A 9 2.91 3.53 8.87
C ARG A 9 4.20 3.85 8.10
N ALA A 10 4.59 2.93 7.22
CA ALA A 10 5.80 3.12 6.43
C ALA A 10 5.56 4.12 5.30
N ILE A 11 4.30 4.23 4.86
CA ILE A 11 3.95 5.14 3.80
C ILE A 11 4.49 6.54 4.06
N GLU A 12 4.64 6.87 5.33
CA GLU A 12 5.14 8.19 5.73
C GLU A 12 6.49 8.46 5.07
N ARG A 13 7.26 7.41 4.82
CA ARG A 13 8.57 7.54 4.20
C ARG A 13 8.44 8.05 2.77
N ALA A 14 7.38 7.61 2.09
CA ALA A 14 7.15 8.02 0.71
C ALA A 14 6.95 9.53 0.61
N ILE A 15 6.05 10.06 1.44
CA ILE A 15 5.78 11.49 1.44
C ILE A 15 6.91 12.27 2.10
N GLN A 16 7.53 11.66 3.10
CA GLN A 16 8.64 12.30 3.80
C GLN A 16 9.81 12.56 2.87
N ALA A 17 9.88 11.80 1.78
CA ALA A 17 10.95 11.96 0.80
C ALA A 17 11.01 13.40 0.29
N GLU A 18 9.92 13.87 -0.31
CA GLU A 18 9.85 15.22 -0.84
C GLU A 18 11.12 15.56 -1.60
N ASN A 19 11.16 15.22 -2.88
CA ASN A 19 12.33 15.49 -3.72
C ASN A 19 11.94 15.48 -5.20
N GLU A 20 12.05 14.31 -5.82
CA GLU A 20 11.72 14.17 -7.24
C GLU A 20 12.12 12.78 -7.75
N GLY A 21 11.11 11.92 -7.95
CA GLY A 21 11.38 10.58 -8.44
C GLY A 21 11.57 9.59 -7.31
N ARG A 22 12.23 10.02 -6.24
CA ARG A 22 12.49 9.15 -5.10
C ARG A 22 11.20 8.50 -4.61
N TYR A 23 10.07 9.17 -4.85
CA TYR A 23 8.77 8.65 -4.43
C TYR A 23 8.52 7.28 -5.05
N ARG A 24 9.10 7.04 -6.21
CA ARG A 24 8.93 5.77 -6.91
C ARG A 24 9.53 4.63 -6.09
N GLU A 25 10.81 4.75 -5.75
CA GLU A 25 11.49 3.72 -4.98
C GLU A 25 10.94 3.66 -3.55
N ALA A 26 10.32 4.74 -3.11
CA ALA A 26 9.74 4.81 -1.78
C ALA A 26 8.44 4.03 -1.70
N LEU A 27 7.54 4.29 -2.65
CA LEU A 27 6.25 3.61 -2.69
C LEU A 27 6.44 2.10 -2.79
N LYS A 28 7.55 1.68 -3.37
CA LYS A 28 7.84 0.26 -3.51
C LYS A 28 7.68 -0.46 -2.19
N HIS A 29 7.95 0.24 -1.09
CA HIS A 29 7.84 -0.35 0.24
C HIS A 29 6.39 -0.69 0.55
N PHE A 30 5.48 0.21 0.21
CA PHE A 30 4.06 0.00 0.46
C PHE A 30 3.52 -1.15 -0.38
N LEU A 31 3.95 -1.20 -1.64
CA LEU A 31 3.51 -2.25 -2.56
C LEU A 31 3.86 -3.63 -2.01
N ASP A 32 4.94 -3.70 -1.24
CA ASP A 32 5.38 -4.95 -0.65
C ASP A 32 4.40 -5.43 0.42
N GLY A 33 3.98 -4.50 1.27
CA GLY A 33 3.05 -4.84 2.34
C GLY A 33 1.67 -5.20 1.81
N GLY A 34 1.21 -4.46 0.80
CA GLY A 34 -0.08 -4.72 0.22
C GLY A 34 -0.25 -6.15 -0.23
N GLU A 35 0.83 -6.73 -0.76
CA GLU A 35 0.80 -8.11 -1.23
C GLU A 35 0.49 -9.07 -0.09
N MET A 36 0.66 -8.59 1.15
CA MET A 36 0.40 -9.41 2.32
C MET A 36 -1.11 -9.65 2.49
N ILE A 37 -1.91 -8.70 2.02
CA ILE A 37 -3.35 -8.81 2.12
C ILE A 37 -3.92 -9.72 1.04
N VAL A 38 -3.18 -9.83 -0.07
CA VAL A 38 -3.60 -10.68 -1.18
C VAL A 38 -3.40 -12.15 -0.86
N THR A 39 -2.19 -12.49 -0.41
CA THR A 39 -1.86 -13.87 -0.06
C THR A 39 -2.92 -14.47 0.85
N ALA A 40 -3.54 -13.63 1.67
CA ALA A 40 -4.57 -14.08 2.60
C ALA A 40 -5.85 -14.44 1.86
N ALA A 41 -6.21 -13.63 0.87
CA ALA A 41 -7.42 -13.86 0.08
C ALA A 41 -7.21 -15.00 -0.90
N GLU A 42 -6.13 -14.93 -1.67
CA GLU A 42 -5.82 -15.96 -2.66
C GLU A 42 -5.78 -17.35 -2.00
N LYS A 43 -4.98 -17.46 -0.95
CA LYS A 43 -4.84 -18.72 -0.24
C LYS A 43 -6.17 -19.16 0.36
N GLU A 44 -7.05 -18.19 0.62
CA GLU A 44 -8.36 -18.47 1.19
C GLU A 44 -9.40 -18.69 0.09
N ALA A 45 -10.65 -18.91 0.49
CA ALA A 45 -11.73 -19.12 -0.46
C ALA A 45 -13.07 -19.24 0.25
N SER A 46 -14.10 -18.65 -0.33
CA SER A 46 -15.44 -18.68 0.25
C SER A 46 -15.47 -17.97 1.60
N GLN A 47 -14.54 -17.03 1.78
CA GLN A 47 -14.46 -16.27 3.02
C GLN A 47 -15.06 -14.88 2.85
N LYS A 48 -15.79 -14.43 3.87
CA LYS A 48 -16.42 -13.11 3.83
C LYS A 48 -15.37 -12.01 3.91
N VAL A 49 -14.30 -12.26 4.65
CA VAL A 49 -13.22 -11.29 4.81
C VAL A 49 -12.34 -11.25 3.57
N ARG A 50 -12.20 -12.39 2.91
CA ARG A 50 -11.37 -12.50 1.72
C ARG A 50 -11.74 -11.42 0.71
N ASN A 51 -13.03 -11.09 0.65
CA ASN A 51 -13.50 -10.07 -0.28
C ASN A 51 -13.08 -8.68 0.17
N LEU A 52 -13.02 -8.48 1.49
CA LEU A 52 -12.62 -7.19 2.05
C LEU A 52 -11.10 -7.01 1.99
N LEU A 53 -10.39 -8.12 2.07
CA LEU A 53 -8.93 -8.10 2.02
C LEU A 53 -8.43 -7.57 0.68
N LEU A 54 -9.03 -8.06 -0.40
CA LEU A 54 -8.67 -7.62 -1.74
C LEU A 54 -9.22 -6.24 -2.05
N HIS A 55 -10.37 -5.92 -1.44
CA HIS A 55 -11.00 -4.62 -1.65
C HIS A 55 -10.22 -3.51 -0.96
N LYS A 56 -9.88 -3.74 0.30
CA LYS A 56 -9.13 -2.76 1.09
C LYS A 56 -7.69 -2.67 0.60
N GLY A 57 -7.19 -3.76 0.03
CA GLY A 57 -5.82 -3.78 -0.47
C GLY A 57 -5.64 -2.91 -1.70
N LYS A 58 -6.49 -3.12 -2.69
CA LYS A 58 -6.43 -2.35 -3.92
C LYS A 58 -6.73 -0.88 -3.66
N GLU A 59 -7.45 -0.61 -2.57
CA GLU A 59 -7.81 0.75 -2.21
C GLU A 59 -6.63 1.47 -1.55
N VAL A 60 -6.17 0.93 -0.43
CA VAL A 60 -5.05 1.51 0.31
C VAL A 60 -3.87 1.76 -0.61
N LEU A 61 -3.74 0.92 -1.63
CA LEU A 61 -2.64 1.04 -2.59
C LEU A 61 -2.83 2.26 -3.49
N GLU A 62 -4.04 2.38 -4.05
CA GLU A 62 -4.35 3.51 -4.93
C GLU A 62 -4.43 4.81 -4.14
N TRP A 63 -4.77 4.70 -2.86
CA TRP A 63 -4.89 5.87 -1.99
C TRP A 63 -3.51 6.42 -1.63
N ALA A 64 -2.67 5.56 -1.07
CA ALA A 64 -1.32 5.96 -0.68
C ALA A 64 -0.56 6.55 -1.87
N GLU A 65 -0.90 6.11 -3.07
CA GLU A 65 -0.25 6.60 -4.28
C GLU A 65 -0.77 7.97 -4.66
N HIS A 66 -1.97 8.29 -4.18
CA HIS A 66 -2.59 9.58 -4.48
C HIS A 66 -1.71 10.73 -3.98
N LEU A 67 -1.37 10.70 -2.70
CA LEU A 67 -0.52 11.74 -2.11
C LEU A 67 0.91 11.64 -2.63
N ALA A 68 1.41 10.42 -2.75
CA ALA A 68 2.76 10.19 -3.24
C ALA A 68 2.92 10.69 -4.67
N GLU A 69 1.81 10.70 -5.41
CA GLU A 69 1.82 11.14 -6.80
C GLU A 69 1.81 12.67 -6.88
N TRP A 70 1.31 13.30 -5.82
CA TRP A 70 1.23 14.76 -5.78
C TRP A 70 2.55 15.39 -6.24
N ILE A 71 3.66 14.94 -5.64
CA ILE A 71 4.98 15.47 -5.99
C ILE A 71 5.19 15.42 -7.49
N LEU A 72 4.71 14.36 -8.13
CA LEU A 72 4.86 14.19 -9.57
C LEU A 72 3.95 15.16 -10.32
N GLU A 73 2.72 15.31 -9.84
CA GLU A 73 1.76 16.21 -10.47
C GLU A 73 2.27 17.65 -10.46
N HIS A 74 3.06 17.98 -9.44
CA HIS A 74 3.61 19.33 -9.31
C HIS A 74 5.03 19.39 -9.89
N MET A 1 7.29 -11.07 9.30
CA MET A 1 6.72 -10.53 10.53
C MET A 1 6.50 -9.02 10.41
N GLY A 2 5.25 -8.59 10.60
CA GLY A 2 4.93 -7.18 10.51
C GLY A 2 3.44 -6.93 10.47
N THR A 3 3.06 -5.66 10.43
CA THR A 3 1.65 -5.28 10.40
C THR A 3 1.39 -4.22 9.33
N ILE A 4 0.19 -4.25 8.75
CA ILE A 4 -0.18 -3.29 7.73
C ILE A 4 0.08 -1.86 8.18
N ASP A 5 -0.16 -1.60 9.46
CA ASP A 5 0.05 -0.27 10.03
C ASP A 5 1.46 0.22 9.73
N ASP A 6 2.40 -0.71 9.61
CA ASP A 6 3.79 -0.36 9.31
C ASP A 6 3.90 0.34 7.96
N ALA A 7 3.04 -0.05 7.03
CA ALA A 7 3.03 0.54 5.70
C ALA A 7 2.60 2.00 5.73
N PHE A 8 1.43 2.25 6.34
CA PHE A 8 0.90 3.60 6.44
C PHE A 8 1.90 4.51 7.16
N ARG A 9 2.51 3.99 8.21
CA ARG A 9 3.48 4.78 8.99
C ARG A 9 4.62 5.26 8.10
N ALA A 10 4.97 4.45 7.11
CA ALA A 10 6.06 4.79 6.18
C ALA A 10 5.60 5.85 5.19
N ILE A 11 4.37 5.73 4.72
CA ILE A 11 3.81 6.67 3.76
C ILE A 11 4.00 8.11 4.23
N GLU A 12 3.61 8.37 5.48
CA GLU A 12 3.74 9.71 6.05
C GLU A 12 5.16 10.24 5.87
N ARG A 13 6.13 9.36 6.02
CA ARG A 13 7.54 9.75 5.88
C ARG A 13 7.90 9.94 4.41
N ALA A 14 7.21 9.22 3.53
CA ALA A 14 7.46 9.32 2.10
C ALA A 14 7.05 10.68 1.56
N ILE A 15 5.81 11.08 1.86
CA ILE A 15 5.30 12.37 1.40
C ILE A 15 6.15 13.52 1.94
N GLN A 16 6.68 13.34 3.14
CA GLN A 16 7.52 14.37 3.75
C GLN A 16 8.76 14.64 2.93
N ALA A 17 9.15 13.66 2.11
CA ALA A 17 10.32 13.79 1.26
C ALA A 17 10.32 15.12 0.51
N GLU A 18 9.18 15.45 -0.09
CA GLU A 18 9.04 16.70 -0.83
C GLU A 18 10.04 16.76 -1.98
N ASN A 19 9.90 15.83 -2.92
CA ASN A 19 10.79 15.79 -4.08
C ASN A 19 10.39 14.66 -5.03
N GLU A 20 11.23 14.40 -6.03
CA GLU A 20 10.95 13.35 -7.01
C GLU A 20 12.20 12.52 -7.26
N GLY A 21 12.21 11.30 -6.72
CA GLY A 21 13.35 10.42 -6.89
C GLY A 21 13.21 9.12 -6.11
N ARG A 22 13.14 9.24 -4.78
CA ARG A 22 13.01 8.07 -3.92
C ARG A 22 11.56 7.61 -3.87
N TYR A 23 10.64 8.51 -4.18
CA TYR A 23 9.22 8.19 -4.15
C TYR A 23 8.94 6.92 -4.95
N ARG A 24 9.45 6.87 -6.17
CA ARG A 24 9.25 5.71 -7.04
C ARG A 24 9.64 4.41 -6.31
N GLU A 25 10.71 4.48 -5.54
CA GLU A 25 11.18 3.31 -4.80
C GLU A 25 10.30 3.05 -3.57
N ALA A 26 9.97 4.12 -2.86
CA ALA A 26 9.14 4.01 -1.66
C ALA A 26 7.86 3.24 -1.96
N LEU A 27 7.17 3.62 -3.03
CA LEU A 27 5.93 2.96 -3.41
C LEU A 27 6.16 1.48 -3.66
N LYS A 28 7.37 1.13 -4.11
CA LYS A 28 7.72 -0.26 -4.37
C LYS A 28 7.58 -1.10 -3.12
N HIS A 29 7.74 -0.47 -1.96
CA HIS A 29 7.62 -1.17 -0.69
C HIS A 29 6.16 -1.40 -0.32
N PHE A 30 5.34 -0.35 -0.47
CA PHE A 30 3.92 -0.45 -0.15
C PHE A 30 3.25 -1.52 -0.99
N LEU A 31 3.55 -1.55 -2.28
CA LEU A 31 2.97 -2.53 -3.18
C LEU A 31 3.28 -3.95 -2.73
N ASP A 32 4.48 -4.14 -2.19
CA ASP A 32 4.91 -5.44 -1.71
C ASP A 32 4.16 -5.82 -0.44
N GLY A 33 3.86 -4.82 0.38
CA GLY A 33 3.16 -5.06 1.63
C GLY A 33 1.70 -5.42 1.42
N GLY A 34 1.03 -4.65 0.56
CA GLY A 34 -0.37 -4.90 0.28
C GLY A 34 -0.62 -6.31 -0.21
N GLU A 35 0.33 -6.85 -0.95
CA GLU A 35 0.21 -8.21 -1.48
C GLU A 35 0.10 -9.23 -0.36
N MET A 36 0.49 -8.82 0.85
CA MET A 36 0.44 -9.70 2.01
C MET A 36 -1.00 -10.10 2.31
N ILE A 37 -1.92 -9.15 2.18
CA ILE A 37 -3.33 -9.41 2.45
C ILE A 37 -3.99 -10.12 1.27
N VAL A 38 -3.43 -9.94 0.08
CA VAL A 38 -3.96 -10.56 -1.13
C VAL A 38 -3.77 -12.08 -1.09
N THR A 39 -2.53 -12.50 -0.87
CA THR A 39 -2.21 -13.92 -0.80
C THR A 39 -3.16 -14.65 0.14
N ALA A 40 -3.49 -14.00 1.25
CA ALA A 40 -4.39 -14.60 2.24
C ALA A 40 -5.78 -14.82 1.66
N ALA A 41 -6.23 -13.88 0.83
CA ALA A 41 -7.55 -13.97 0.21
C ALA A 41 -7.54 -15.00 -0.93
N GLU A 42 -6.53 -14.92 -1.77
CA GLU A 42 -6.40 -15.85 -2.90
C GLU A 42 -6.35 -17.30 -2.41
N LYS A 43 -5.44 -17.57 -1.49
CA LYS A 43 -5.28 -18.91 -0.94
C LYS A 43 -6.54 -19.35 -0.21
N GLU A 44 -7.32 -18.38 0.27
CA GLU A 44 -8.56 -18.67 0.98
C GLU A 44 -9.73 -18.77 0.02
N ALA A 45 -10.92 -18.98 0.57
CA ALA A 45 -12.13 -19.09 -0.25
C ALA A 45 -13.38 -19.05 0.62
N SER A 46 -13.35 -19.80 1.74
CA SER A 46 -14.48 -19.85 2.65
C SER A 46 -14.35 -18.79 3.74
N GLN A 47 -14.02 -17.58 3.34
CA GLN A 47 -13.86 -16.47 4.28
C GLN A 47 -14.72 -15.28 3.87
N LYS A 48 -15.48 -14.75 4.82
CA LYS A 48 -16.34 -13.61 4.56
C LYS A 48 -15.52 -12.31 4.48
N VAL A 49 -14.43 -12.27 5.23
CA VAL A 49 -13.56 -11.10 5.24
C VAL A 49 -12.69 -11.04 3.99
N ARG A 50 -12.33 -12.21 3.46
CA ARG A 50 -11.51 -12.28 2.27
C ARG A 50 -11.96 -11.27 1.22
N ASN A 51 -13.27 -11.18 1.04
CA ASN A 51 -13.85 -10.25 0.06
C ASN A 51 -13.41 -8.82 0.36
N LEU A 52 -13.57 -8.40 1.61
CA LEU A 52 -13.19 -7.06 2.03
C LEU A 52 -11.68 -6.90 2.03
N LEU A 53 -10.96 -7.99 2.28
CA LEU A 53 -9.51 -7.96 2.30
C LEU A 53 -8.95 -7.49 0.97
N LEU A 54 -9.47 -8.05 -0.12
CA LEU A 54 -9.02 -7.69 -1.47
C LEU A 54 -9.59 -6.34 -1.88
N HIS A 55 -10.86 -6.11 -1.54
CA HIS A 55 -11.52 -4.86 -1.88
C HIS A 55 -10.81 -3.67 -1.25
N LYS A 56 -10.53 -3.78 0.05
CA LYS A 56 -9.85 -2.71 0.77
C LYS A 56 -8.36 -2.68 0.42
N GLY A 57 -7.80 -3.85 0.14
CA GLY A 57 -6.39 -3.93 -0.21
C GLY A 57 -6.09 -3.32 -1.56
N LYS A 58 -7.04 -3.47 -2.50
CA LYS A 58 -6.86 -2.92 -3.84
C LYS A 58 -7.04 -1.40 -3.83
N GLU A 59 -7.89 -0.91 -2.95
CA GLU A 59 -8.15 0.53 -2.84
C GLU A 59 -6.98 1.24 -2.17
N VAL A 60 -6.69 0.85 -0.93
CA VAL A 60 -5.60 1.44 -0.18
C VAL A 60 -4.30 1.44 -0.99
N LEU A 61 -4.15 0.43 -1.84
CA LEU A 61 -2.96 0.30 -2.67
C LEU A 61 -2.84 1.48 -3.64
N GLU A 62 -3.95 1.83 -4.28
CA GLU A 62 -3.97 2.94 -5.23
C GLU A 62 -4.10 4.27 -4.50
N TRP A 63 -4.71 4.24 -3.32
CA TRP A 63 -4.91 5.44 -2.53
C TRP A 63 -3.58 5.98 -2.01
N ALA A 64 -2.81 5.11 -1.37
CA ALA A 64 -1.50 5.50 -0.83
C ALA A 64 -0.61 6.09 -1.92
N GLU A 65 -0.80 5.62 -3.15
CA GLU A 65 -0.02 6.10 -4.27
C GLU A 65 -0.51 7.47 -4.73
N HIS A 66 -1.76 7.79 -4.40
CA HIS A 66 -2.35 9.06 -4.77
C HIS A 66 -1.51 10.23 -4.25
N LEU A 67 -1.24 10.23 -2.96
CA LEU A 67 -0.45 11.29 -2.33
C LEU A 67 1.01 11.20 -2.78
N ALA A 68 1.52 9.98 -2.85
CA ALA A 68 2.91 9.77 -3.27
C ALA A 68 3.13 10.24 -4.69
N GLU A 69 2.07 10.24 -5.49
CA GLU A 69 2.15 10.67 -6.88
C GLU A 69 2.11 12.19 -6.99
N TRP A 70 1.55 12.84 -5.97
CA TRP A 70 1.46 14.29 -5.94
C TRP A 70 2.78 14.93 -6.33
N ILE A 71 3.86 14.51 -5.66
CA ILE A 71 5.18 15.04 -5.94
C ILE A 71 5.51 14.95 -7.42
N LEU A 72 5.12 13.85 -8.05
CA LEU A 72 5.37 13.65 -9.47
C LEU A 72 4.55 14.62 -10.31
N GLU A 73 3.26 14.73 -10.01
CA GLU A 73 2.37 15.63 -10.73
C GLU A 73 2.82 17.07 -10.59
N HIS A 74 3.46 17.38 -9.45
CA HIS A 74 3.93 18.74 -9.19
C HIS A 74 4.97 19.15 -10.23
N MET A 1 7.96 -4.97 14.25
CA MET A 1 8.00 -4.45 12.89
C MET A 1 7.49 -5.50 11.90
N GLY A 2 6.18 -5.54 11.70
CA GLY A 2 5.60 -6.50 10.77
C GLY A 2 4.09 -6.41 10.73
N THR A 3 3.57 -5.31 10.21
CA THR A 3 2.13 -5.11 10.10
C THR A 3 1.78 -4.12 9.00
N ILE A 4 0.62 -4.31 8.39
CA ILE A 4 0.17 -3.43 7.31
C ILE A 4 0.23 -1.97 7.73
N ASP A 5 -0.22 -1.70 8.96
CA ASP A 5 -0.23 -0.35 9.49
C ASP A 5 1.15 0.29 9.35
N ASP A 6 2.19 -0.53 9.40
CA ASP A 6 3.56 -0.04 9.27
C ASP A 6 3.78 0.65 7.92
N ALA A 7 3.13 0.13 6.89
CA ALA A 7 3.25 0.69 5.56
C ALA A 7 2.65 2.10 5.50
N PHE A 8 1.40 2.22 5.95
CA PHE A 8 0.72 3.51 5.94
C PHE A 8 1.53 4.56 6.68
N ARG A 9 2.28 4.13 7.69
CA ARG A 9 3.11 5.04 8.47
C ARG A 9 4.36 5.42 7.70
N ALA A 10 4.84 4.51 6.87
CA ALA A 10 6.04 4.76 6.07
C ALA A 10 5.74 5.69 4.90
N ILE A 11 4.49 5.68 4.45
CA ILE A 11 4.07 6.53 3.34
C ILE A 11 4.51 7.98 3.56
N GLU A 12 4.62 8.37 4.82
CA GLU A 12 5.02 9.73 5.16
C GLU A 12 6.34 10.09 4.49
N ARG A 13 7.20 9.09 4.31
CA ARG A 13 8.50 9.31 3.67
C ARG A 13 8.33 9.53 2.16
N ALA A 14 7.36 8.83 1.58
CA ALA A 14 7.10 8.95 0.15
C ALA A 14 6.72 10.38 -0.23
N ILE A 15 5.76 10.94 0.50
CA ILE A 15 5.30 12.30 0.24
C ILE A 15 6.38 13.32 0.61
N GLN A 16 7.16 13.00 1.64
CA GLN A 16 8.23 13.88 2.10
C GLN A 16 9.19 14.20 0.96
N ALA A 17 9.25 13.31 -0.03
CA ALA A 17 10.13 13.50 -1.17
C ALA A 17 9.99 14.90 -1.76
N GLU A 18 8.75 15.39 -1.82
CA GLU A 18 8.48 16.72 -2.36
C GLU A 18 8.93 16.82 -3.82
N ASN A 19 9.06 15.66 -4.47
CA ASN A 19 9.47 15.62 -5.87
C ASN A 19 9.51 14.18 -6.38
N GLU A 20 10.55 13.45 -6.01
CA GLU A 20 10.70 12.06 -6.43
C GLU A 20 12.01 11.47 -5.90
N GLY A 21 11.93 10.86 -4.73
CA GLY A 21 13.11 10.25 -4.13
C GLY A 21 12.81 8.95 -3.42
N ARG A 22 12.30 9.04 -2.20
CA ARG A 22 11.96 7.86 -1.42
C ARG A 22 10.60 7.30 -1.83
N TYR A 23 9.79 8.14 -2.46
CA TYR A 23 8.46 7.73 -2.91
C TYR A 23 8.53 6.43 -3.70
N ARG A 24 9.67 6.20 -4.35
CA ARG A 24 9.87 4.99 -5.16
C ARG A 24 10.07 3.78 -4.26
N GLU A 25 10.81 3.96 -3.17
CA GLU A 25 11.07 2.88 -2.23
C GLU A 25 9.86 2.60 -1.36
N ALA A 26 9.16 3.66 -0.96
CA ALA A 26 7.97 3.52 -0.13
C ALA A 26 6.87 2.75 -0.86
N LEU A 27 6.59 3.16 -2.09
CA LEU A 27 5.56 2.51 -2.89
C LEU A 27 5.94 1.07 -3.20
N LYS A 28 7.25 0.81 -3.27
CA LYS A 28 7.76 -0.52 -3.56
C LYS A 28 7.40 -1.49 -2.44
N HIS A 29 7.38 -0.99 -1.21
CA HIS A 29 7.05 -1.82 -0.05
C HIS A 29 5.55 -2.03 0.06
N PHE A 30 4.79 -0.96 -0.15
CA PHE A 30 3.33 -1.03 -0.07
C PHE A 30 2.78 -1.99 -1.12
N LEU A 31 3.30 -1.89 -2.34
CA LEU A 31 2.86 -2.75 -3.43
C LEU A 31 3.12 -4.21 -3.11
N ASP A 32 4.19 -4.47 -2.38
CA ASP A 32 4.55 -5.83 -1.99
C ASP A 32 3.58 -6.38 -0.94
N GLY A 33 3.23 -5.53 0.02
CA GLY A 33 2.32 -5.94 1.07
C GLY A 33 0.92 -6.21 0.55
N GLY A 34 0.46 -5.36 -0.35
CA GLY A 34 -0.87 -5.51 -0.92
C GLY A 34 -1.04 -6.84 -1.64
N GLU A 35 0.05 -7.36 -2.18
CA GLU A 35 0.02 -8.63 -2.90
C GLU A 35 0.03 -9.81 -1.93
N MET A 36 0.42 -9.53 -0.68
CA MET A 36 0.47 -10.58 0.34
C MET A 36 -0.93 -10.94 0.82
N ILE A 37 -1.79 -9.93 0.94
CA ILE A 37 -3.16 -10.14 1.39
C ILE A 37 -4.02 -10.72 0.27
N VAL A 38 -3.63 -10.45 -0.97
CA VAL A 38 -4.36 -10.95 -2.13
C VAL A 38 -4.32 -12.47 -2.19
N THR A 39 -3.12 -13.03 -2.16
CA THR A 39 -2.93 -14.47 -2.21
C THR A 39 -3.74 -15.17 -1.12
N ALA A 40 -3.93 -14.48 0.00
CA ALA A 40 -4.68 -15.03 1.12
C ALA A 40 -6.17 -15.15 0.77
N ALA A 41 -6.69 -14.14 0.10
CA ALA A 41 -8.10 -14.13 -0.30
C ALA A 41 -8.36 -15.11 -1.44
N GLU A 42 -7.40 -15.20 -2.36
CA GLU A 42 -7.53 -16.11 -3.50
C GLU A 42 -7.52 -17.56 -3.04
N LYS A 43 -6.54 -17.91 -2.23
CA LYS A 43 -6.42 -19.28 -1.72
C LYS A 43 -7.58 -19.62 -0.79
N GLU A 44 -8.16 -18.59 -0.18
CA GLU A 44 -9.29 -18.78 0.73
C GLU A 44 -10.62 -18.74 -0.02
N ALA A 45 -11.71 -18.84 0.71
CA ALA A 45 -13.04 -18.82 0.12
C ALA A 45 -14.12 -18.77 1.20
N SER A 46 -13.98 -19.61 2.22
CA SER A 46 -14.94 -19.66 3.31
C SER A 46 -14.62 -18.62 4.38
N GLN A 47 -14.47 -17.37 3.95
CA GLN A 47 -14.15 -16.28 4.87
C GLN A 47 -14.90 -15.01 4.50
N LYS A 48 -15.45 -14.33 5.50
CA LYS A 48 -16.19 -13.09 5.27
C LYS A 48 -15.24 -11.93 5.03
N VAL A 49 -14.07 -11.99 5.67
CA VAL A 49 -13.07 -10.94 5.52
C VAL A 49 -12.34 -11.05 4.18
N ARG A 50 -12.19 -12.29 3.70
CA ARG A 50 -11.50 -12.53 2.45
C ARG A 50 -11.93 -11.53 1.39
N ASN A 51 -13.20 -11.17 1.40
CA ASN A 51 -13.74 -10.21 0.44
C ASN A 51 -13.16 -8.81 0.68
N LEU A 52 -13.23 -8.37 1.92
CA LEU A 52 -12.70 -7.05 2.29
C LEU A 52 -11.19 -7.00 2.14
N LEU A 53 -10.55 -8.15 2.31
CA LEU A 53 -9.09 -8.24 2.19
C LEU A 53 -8.63 -7.72 0.83
N LEU A 54 -9.34 -8.12 -0.22
CA LEU A 54 -9.00 -7.68 -1.58
C LEU A 54 -9.43 -6.23 -1.81
N HIS A 55 -10.66 -5.91 -1.42
CA HIS A 55 -11.17 -4.56 -1.58
C HIS A 55 -10.25 -3.54 -0.93
N LYS A 56 -9.89 -3.79 0.32
CA LYS A 56 -9.01 -2.89 1.06
C LYS A 56 -7.57 -3.05 0.61
N GLY A 57 -7.26 -4.19 0.00
CA GLY A 57 -5.91 -4.44 -0.47
C GLY A 57 -5.57 -3.62 -1.70
N LYS A 58 -6.41 -3.71 -2.72
CA LYS A 58 -6.19 -2.96 -3.96
C LYS A 58 -6.51 -1.48 -3.77
N GLU A 59 -7.27 -1.18 -2.73
CA GLU A 59 -7.65 0.21 -2.43
C GLU A 59 -6.48 0.97 -1.84
N VAL A 60 -6.00 0.52 -0.69
CA VAL A 60 -4.89 1.16 -0.02
C VAL A 60 -3.70 1.36 -0.97
N LEU A 61 -3.57 0.46 -1.93
CA LEU A 61 -2.49 0.53 -2.90
C LEU A 61 -2.75 1.65 -3.92
N GLU A 62 -4.02 1.82 -4.28
CA GLU A 62 -4.40 2.86 -5.24
C GLU A 62 -4.44 4.23 -4.58
N TRP A 63 -4.78 4.25 -3.29
CA TRP A 63 -4.86 5.49 -2.54
C TRP A 63 -3.47 6.02 -2.19
N ALA A 64 -2.55 5.09 -1.91
CA ALA A 64 -1.19 5.46 -1.56
C ALA A 64 -0.48 6.13 -2.74
N GLU A 65 -0.88 5.75 -3.96
CA GLU A 65 -0.28 6.31 -5.16
C GLU A 65 -0.82 7.72 -5.42
N HIS A 66 -1.98 8.01 -4.87
CA HIS A 66 -2.61 9.32 -5.05
C HIS A 66 -1.81 10.40 -4.33
N LEU A 67 -1.59 10.22 -3.03
CA LEU A 67 -0.84 11.17 -2.23
C LEU A 67 0.64 11.15 -2.60
N ALA A 68 1.12 9.98 -3.01
CA ALA A 68 2.52 9.83 -3.40
C ALA A 68 2.85 10.66 -4.63
N GLU A 69 1.88 10.78 -5.53
CA GLU A 69 2.07 11.56 -6.75
C GLU A 69 1.87 13.05 -6.49
N TRP A 70 1.16 13.36 -5.42
CA TRP A 70 0.89 14.75 -5.05
C TRP A 70 2.15 15.59 -5.17
N ILE A 71 3.29 15.01 -4.82
CA ILE A 71 4.57 15.70 -4.90
C ILE A 71 4.75 16.36 -6.26
N LEU A 72 4.43 15.63 -7.31
CA LEU A 72 4.56 16.14 -8.67
C LEU A 72 3.48 17.17 -8.97
N GLU A 73 2.26 16.88 -8.53
CA GLU A 73 1.13 17.78 -8.75
C GLU A 73 1.39 19.14 -8.10
N HIS A 74 2.19 19.14 -7.04
CA HIS A 74 2.51 20.37 -6.33
C HIS A 74 3.72 21.06 -6.95
N MET A 1 8.87 -4.73 14.64
CA MET A 1 7.68 -4.38 13.88
C MET A 1 7.55 -5.26 12.64
N GLY A 2 6.31 -5.60 12.29
CA GLY A 2 6.07 -6.43 11.13
C GLY A 2 4.59 -6.64 10.86
N THR A 3 4.00 -5.72 10.09
CA THR A 3 2.58 -5.81 9.77
C THR A 3 2.19 -4.76 8.72
N ILE A 4 1.06 -4.99 8.05
CA ILE A 4 0.58 -4.06 7.04
C ILE A 4 0.46 -2.65 7.59
N ASP A 5 0.24 -2.56 8.90
CA ASP A 5 0.11 -1.27 9.57
C ASP A 5 1.39 -0.44 9.43
N ASP A 6 2.53 -1.13 9.46
CA ASP A 6 3.82 -0.46 9.35
C ASP A 6 3.90 0.34 8.06
N ALA A 7 3.33 -0.20 6.98
CA ALA A 7 3.34 0.47 5.69
C ALA A 7 2.60 1.81 5.77
N PHE A 8 1.39 1.78 6.29
CA PHE A 8 0.58 2.99 6.42
C PHE A 8 1.28 4.02 7.29
N ARG A 9 2.04 3.55 8.27
CA ARG A 9 2.76 4.42 9.18
C ARG A 9 4.03 4.98 8.51
N ALA A 10 4.65 4.16 7.69
CA ALA A 10 5.87 4.56 6.98
C ALA A 10 5.55 5.50 5.83
N ILE A 11 4.34 5.39 5.29
CA ILE A 11 3.91 6.24 4.18
C ILE A 11 4.16 7.70 4.48
N GLU A 12 4.15 8.06 5.76
CA GLU A 12 4.39 9.44 6.18
C GLU A 12 5.77 9.91 5.72
N ARG A 13 6.74 9.02 5.78
CA ARG A 13 8.11 9.34 5.39
C ARG A 13 8.22 9.41 3.86
N ALA A 14 7.38 8.64 3.17
CA ALA A 14 7.39 8.62 1.72
C ALA A 14 7.01 9.98 1.15
N ILE A 15 5.89 10.52 1.62
CA ILE A 15 5.41 11.81 1.15
C ILE A 15 6.38 12.93 1.52
N GLN A 16 6.99 12.80 2.70
CA GLN A 16 7.94 13.80 3.17
C GLN A 16 9.15 13.87 2.26
N ALA A 17 9.41 12.78 1.54
CA ALA A 17 10.54 12.71 0.63
C ALA A 17 10.55 13.92 -0.32
N GLU A 18 9.38 14.25 -0.85
CA GLU A 18 9.27 15.38 -1.78
C GLU A 18 10.28 15.26 -2.91
N ASN A 19 10.25 14.12 -3.60
CA ASN A 19 11.17 13.88 -4.71
C ASN A 19 10.41 13.48 -5.97
N GLU A 20 11.13 13.31 -7.07
CA GLU A 20 10.52 12.93 -8.33
C GLU A 20 11.34 11.82 -9.02
N GLY A 21 11.85 10.91 -8.21
CA GLY A 21 12.63 9.80 -8.75
C GLY A 21 12.70 8.62 -7.81
N ARG A 22 13.09 8.87 -6.56
CA ARG A 22 13.20 7.80 -5.57
C ARG A 22 11.84 7.51 -4.96
N TYR A 23 10.92 8.46 -5.06
CA TYR A 23 9.58 8.30 -4.51
C TYR A 23 8.93 7.02 -5.03
N ARG A 24 9.28 6.64 -6.26
CA ARG A 24 8.73 5.45 -6.87
C ARG A 24 9.35 4.19 -6.26
N GLU A 25 10.60 4.31 -5.80
CA GLU A 25 11.29 3.18 -5.19
C GLU A 25 10.77 2.92 -3.78
N ALA A 26 10.39 3.99 -3.09
CA ALA A 26 9.88 3.88 -1.73
C ALA A 26 8.55 3.14 -1.71
N LEU A 27 7.67 3.46 -2.65
CA LEU A 27 6.36 2.83 -2.74
C LEU A 27 6.51 1.32 -2.95
N LYS A 28 7.60 0.92 -3.58
CA LYS A 28 7.85 -0.50 -3.84
C LYS A 28 7.71 -1.32 -2.56
N HIS A 29 8.11 -0.72 -1.44
CA HIS A 29 8.03 -1.40 -0.15
C HIS A 29 6.58 -1.50 0.32
N PHE A 30 5.78 -0.49 -0.01
CA PHE A 30 4.37 -0.47 0.38
C PHE A 30 3.54 -1.39 -0.50
N LEU A 31 3.88 -1.43 -1.79
CA LEU A 31 3.18 -2.27 -2.74
C LEU A 31 3.15 -3.72 -2.27
N ASP A 32 4.27 -4.18 -1.72
CA ASP A 32 4.37 -5.55 -1.22
C ASP A 32 3.55 -5.73 0.06
N GLY A 33 3.29 -4.62 0.74
CA GLY A 33 2.52 -4.66 1.97
C GLY A 33 1.07 -5.00 1.73
N GLY A 34 0.46 -4.36 0.73
CA GLY A 34 -0.93 -4.61 0.42
C GLY A 34 -1.14 -5.96 -0.24
N GLU A 35 -0.46 -6.18 -1.37
CA GLU A 35 -0.58 -7.43 -2.09
C GLU A 35 -0.36 -8.62 -1.17
N MET A 36 0.36 -8.40 -0.09
CA MET A 36 0.65 -9.45 0.88
C MET A 36 -0.65 -10.04 1.44
N ILE A 37 -1.69 -9.22 1.49
CA ILE A 37 -2.98 -9.66 2.00
C ILE A 37 -3.74 -10.46 0.97
N VAL A 38 -3.44 -10.21 -0.31
CA VAL A 38 -4.09 -10.92 -1.40
C VAL A 38 -3.83 -12.42 -1.32
N THR A 39 -2.58 -12.78 -1.06
CA THR A 39 -2.19 -14.19 -0.95
C THR A 39 -3.13 -14.94 -0.01
N ALA A 40 -3.66 -14.23 0.98
CA ALA A 40 -4.56 -14.84 1.95
C ALA A 40 -5.93 -15.12 1.33
N ALA A 41 -6.43 -14.16 0.55
CA ALA A 41 -7.72 -14.30 -0.10
C ALA A 41 -7.63 -15.26 -1.28
N GLU A 42 -6.45 -15.34 -1.90
CA GLU A 42 -6.25 -16.22 -3.04
C GLU A 42 -6.04 -17.66 -2.59
N LYS A 43 -5.60 -17.83 -1.34
CA LYS A 43 -5.36 -19.15 -0.79
C LYS A 43 -6.58 -19.65 -0.04
N GLU A 44 -7.42 -18.73 0.43
CA GLU A 44 -8.63 -19.08 1.15
C GLU A 44 -9.85 -19.00 0.26
N ALA A 45 -11.03 -19.20 0.84
CA ALA A 45 -12.28 -19.14 0.09
C ALA A 45 -13.48 -19.27 1.02
N SER A 46 -14.62 -18.74 0.58
CA SER A 46 -15.84 -18.79 1.38
C SER A 46 -15.67 -18.01 2.68
N GLN A 47 -14.91 -16.92 2.63
CA GLN A 47 -14.66 -16.10 3.80
C GLN A 47 -15.36 -14.75 3.66
N LYS A 48 -15.82 -14.21 4.79
CA LYS A 48 -16.50 -12.92 4.80
C LYS A 48 -15.50 -11.77 4.71
N VAL A 49 -14.33 -11.98 5.32
CA VAL A 49 -13.28 -10.96 5.31
C VAL A 49 -12.54 -10.94 3.97
N ARG A 50 -12.36 -12.11 3.39
CA ARG A 50 -11.67 -12.23 2.11
C ARG A 50 -12.14 -11.15 1.14
N ASN A 51 -13.45 -10.96 1.08
CA ASN A 51 -14.04 -9.96 0.19
C ASN A 51 -13.40 -8.58 0.41
N LEU A 52 -13.32 -8.19 1.67
CA LEU A 52 -12.73 -6.90 2.03
C LEU A 52 -11.21 -6.93 1.89
N LEU A 53 -10.64 -8.11 2.09
CA LEU A 53 -9.19 -8.28 1.97
C LEU A 53 -8.70 -7.91 0.58
N LEU A 54 -9.44 -8.37 -0.43
CA LEU A 54 -9.08 -8.09 -1.82
C LEU A 54 -9.45 -6.67 -2.20
N HIS A 55 -10.64 -6.24 -1.79
CA HIS A 55 -11.12 -4.89 -2.08
C HIS A 55 -10.17 -3.84 -1.50
N LYS A 56 -9.83 -4.00 -0.22
CA LYS A 56 -8.93 -3.07 0.44
C LYS A 56 -7.51 -3.19 -0.09
N GLY A 57 -7.12 -4.43 -0.42
CA GLY A 57 -5.78 -4.65 -0.94
C GLY A 57 -5.46 -3.76 -2.12
N LYS A 58 -6.36 -3.72 -3.10
CA LYS A 58 -6.17 -2.90 -4.29
C LYS A 58 -6.43 -1.42 -3.98
N GLU A 59 -7.32 -1.17 -3.02
CA GLU A 59 -7.66 0.19 -2.64
C GLU A 59 -6.45 0.89 -2.01
N VAL A 60 -5.96 0.34 -0.90
CA VAL A 60 -4.81 0.91 -0.21
C VAL A 60 -3.65 1.15 -1.16
N LEU A 61 -3.56 0.32 -2.19
CA LEU A 61 -2.50 0.44 -3.18
C LEU A 61 -2.68 1.69 -4.03
N GLU A 62 -3.87 1.84 -4.61
CA GLU A 62 -4.17 3.00 -5.44
C GLU A 62 -4.22 4.28 -4.60
N TRP A 63 -4.57 4.12 -3.32
CA TRP A 63 -4.65 5.26 -2.42
C TRP A 63 -3.27 5.73 -2.00
N ALA A 64 -2.45 4.80 -1.54
CA ALA A 64 -1.09 5.12 -1.11
C ALA A 64 -0.30 5.81 -2.21
N GLU A 65 -0.64 5.48 -3.46
CA GLU A 65 0.03 6.08 -4.62
C GLU A 65 -0.46 7.51 -4.84
N HIS A 66 -1.66 7.81 -4.34
CA HIS A 66 -2.23 9.14 -4.51
C HIS A 66 -1.45 10.18 -3.71
N LEU A 67 -1.27 9.91 -2.41
CA LEU A 67 -0.53 10.82 -1.54
C LEU A 67 0.96 10.81 -1.89
N ALA A 68 1.46 9.66 -2.32
CA ALA A 68 2.86 9.52 -2.67
C ALA A 68 3.22 10.42 -3.86
N GLU A 69 2.27 10.57 -4.78
CA GLU A 69 2.48 11.40 -5.96
C GLU A 69 2.27 12.88 -5.64
N TRP A 70 1.54 13.14 -4.56
CA TRP A 70 1.28 14.52 -4.14
C TRP A 70 2.54 15.36 -4.20
N ILE A 71 3.67 14.74 -3.86
CA ILE A 71 4.95 15.44 -3.87
C ILE A 71 5.17 16.16 -5.19
N LEU A 72 4.88 15.48 -6.29
CA LEU A 72 5.04 16.06 -7.62
C LEU A 72 3.96 17.11 -7.89
N GLU A 73 2.73 16.80 -7.50
CA GLU A 73 1.61 17.72 -7.71
C GLU A 73 1.94 19.10 -7.17
N HIS A 74 2.75 19.15 -6.11
CA HIS A 74 3.14 20.40 -5.48
C HIS A 74 1.92 21.17 -5.00
#